data_5AB7
#
_entry.id   5AB7
#
_cell.length_a   117.546
_cell.length_b   66.404
_cell.length_c   159.834
_cell.angle_alpha   90.00
_cell.angle_beta   91.18
_cell.angle_gamma   90.00
#
_symmetry.space_group_name_H-M   'P 1 21 1'
#
loop_
_entity.id
_entity.type
_entity.pdbx_description
1 polymer 'SCP2-THIOLASE LIKE PROTEIN'
2 non-polymer 'MALONYL-COENZYME A'
3 non-polymer 'SULFATE ION'
4 water water
#
_entity_poly.entity_id   1
_entity_poly.type   'polypeptide(L)'
_entity_poly.pdbx_seq_one_letter_code
;HHHHHHSSGLVPRGSHMASQVVRIVGVGRTGIGKLHKSVDELAASALKCALVDANMKQCDLQALIAVPSLASPQFMQAHH
IATVAGLFPTKGKFIVRTVDTGGAGPITALGMAVDLVRTRCAETVAVIAADAVLSMGSGAFAERSNASLRRSGLPEPCIP
HGYDRYAQWYMSRYGLKREQLAMVPVLMSKMAERHPEAMCQKAYTLDEVLHSRCVAPVTNLLECARRADGAVALIVSGEA
HYAEHFAQGKQEQRHLGGSKPIIASVAEASGPLFPPGSSDDIVPDIFSCRHAARDAFLSANLNVGDIHFFGLYDCFPICL
IQAVEAVGLCPEGKGGEFMETAYNEMLNNGGVLDPSKFPINTHGGLQCFGAPWEVPAMYNITEAIAQLSEEAGDRQLTPV
PKRALVYGNGGIFSASSVAILISDL
;
_entity_poly.pdbx_strand_id   A,B,C,D,E,F
#
# COMPACT_ATOMS: atom_id res chain seq x y z
N SER A 19 6.61 25.80 -17.95
CA SER A 19 7.01 26.27 -16.58
C SER A 19 8.49 26.02 -16.30
N GLN A 20 8.95 24.81 -16.57
CA GLN A 20 10.30 24.36 -16.26
C GLN A 20 10.47 22.97 -16.86
N VAL A 21 11.55 22.78 -17.62
CA VAL A 21 11.77 21.56 -18.37
C VAL A 21 12.37 20.48 -17.47
N VAL A 22 11.71 19.32 -17.44
CA VAL A 22 12.15 18.18 -16.61
C VAL A 22 12.44 16.98 -17.51
N ARG A 23 13.57 16.32 -17.26
CA ARG A 23 14.04 15.20 -18.10
C ARG A 23 14.21 13.92 -17.30
N ILE A 24 14.06 12.79 -17.98
CA ILE A 24 14.54 11.52 -17.46
C ILE A 24 16.04 11.48 -17.73
N VAL A 25 16.85 11.71 -16.69
CA VAL A 25 18.29 11.89 -16.86
C VAL A 25 19.11 10.63 -16.64
N GLY A 26 18.48 9.59 -16.10
CA GLY A 26 19.16 8.32 -15.88
C GLY A 26 18.19 7.14 -15.95
N VAL A 27 18.66 6.07 -16.57
CA VAL A 27 17.90 4.82 -16.68
C VAL A 27 18.80 3.67 -16.28
N GLY A 28 18.26 2.77 -15.47
CA GLY A 28 18.98 1.57 -15.07
C GLY A 28 18.01 0.43 -14.81
N ARG A 29 18.39 -0.77 -15.20
CA ARG A 29 17.55 -1.94 -14.94
C ARG A 29 18.35 -3.22 -14.83
N THR A 30 17.74 -4.21 -14.19
CA THR A 30 18.29 -5.55 -14.12
C THR A 30 17.92 -6.28 -15.40
N GLY A 31 18.35 -7.53 -15.50
CA GLY A 31 17.84 -8.43 -16.52
C GLY A 31 16.40 -8.78 -16.22
N ILE A 32 15.82 -9.67 -17.03
CA ILE A 32 14.45 -10.11 -16.82
C ILE A 32 14.35 -11.62 -16.98
N GLY A 33 13.54 -12.25 -16.13
CA GLY A 33 13.34 -13.70 -16.18
C GLY A 33 13.22 -14.29 -14.79
N LYS A 34 13.80 -15.47 -14.60
CA LYS A 34 13.86 -16.12 -13.30
C LYS A 34 15.25 -15.88 -12.72
N LEU A 35 15.36 -14.83 -11.91
CA LEU A 35 16.66 -14.30 -11.51
C LEU A 35 17.17 -14.79 -10.15
N HIS A 36 16.29 -15.41 -9.36
CA HIS A 36 16.64 -15.91 -8.03
C HIS A 36 17.33 -14.85 -7.15
N LYS A 37 16.73 -13.66 -7.13
CA LYS A 37 17.19 -12.57 -6.27
C LYS A 37 16.00 -11.98 -5.53
N SER A 38 16.27 -11.38 -4.38
CA SER A 38 15.23 -10.71 -3.61
C SER A 38 14.81 -9.43 -4.32
N VAL A 39 13.62 -8.95 -4.01
CA VAL A 39 13.09 -7.71 -4.58
C VAL A 39 14.00 -6.54 -4.22
N ASP A 40 14.51 -6.54 -2.99
CA ASP A 40 15.42 -5.49 -2.51
C ASP A 40 16.73 -5.47 -3.28
N GLU A 41 17.28 -6.64 -3.59
CA GLU A 41 18.52 -6.73 -4.37
C GLU A 41 18.31 -6.19 -5.78
N LEU A 42 17.17 -6.55 -6.40
CA LEU A 42 16.86 -6.10 -7.75
C LEU A 42 16.67 -4.59 -7.79
N ALA A 43 15.94 -4.06 -6.82
CA ALA A 43 15.71 -2.62 -6.71
C ALA A 43 17.03 -1.87 -6.54
N ALA A 44 17.87 -2.36 -5.63
CA ALA A 44 19.16 -1.74 -5.34
C ALA A 44 20.08 -1.76 -6.56
N SER A 45 20.12 -2.89 -7.28
CA SER A 45 20.94 -3.01 -8.48
C SER A 45 20.48 -2.04 -9.58
N ALA A 46 19.17 -1.97 -9.78
CA ALA A 46 18.59 -1.09 -10.79
C ALA A 46 18.91 0.38 -10.49
N LEU A 47 18.82 0.76 -9.23
CA LEU A 47 19.12 2.13 -8.81
C LEU A 47 20.58 2.50 -9.05
N LYS A 48 21.50 1.60 -8.73
CA LYS A 48 22.93 1.84 -8.96
C LYS A 48 23.22 2.04 -10.44
N CYS A 49 22.63 1.20 -11.30
CA CYS A 49 22.79 1.32 -12.74
CA CYS A 49 22.81 1.37 -12.74
C CYS A 49 22.30 2.72 -13.19
N ALA A 50 21.13 3.10 -12.70
CA ALA A 50 20.51 4.38 -13.07
C ALA A 50 21.37 5.58 -12.66
N LEU A 51 21.99 5.51 -11.48
CA LEU A 51 22.85 6.59 -11.00
C LEU A 51 24.12 6.71 -11.85
N VAL A 52 24.71 5.57 -12.20
CA VAL A 52 25.85 5.55 -13.11
C VAL A 52 25.46 6.11 -14.48
N ASP A 53 24.28 5.71 -14.96
CA ASP A 53 23.76 6.19 -16.24
C ASP A 53 23.50 7.71 -16.24
N ALA A 54 23.17 8.25 -15.07
CA ALA A 54 22.91 9.68 -14.91
C ALA A 54 24.17 10.48 -14.58
N ASN A 55 25.28 9.79 -14.36
CA ASN A 55 26.51 10.41 -13.86
C ASN A 55 26.25 11.09 -12.51
N MET A 56 25.64 10.34 -11.61
CA MET A 56 25.24 10.85 -10.28
C MET A 56 25.66 9.88 -9.18
N LYS A 57 25.65 10.39 -7.95
CA LYS A 57 25.85 9.57 -6.75
C LYS A 57 24.57 9.61 -5.92
N GLN A 58 24.47 8.67 -4.98
CA GLN A 58 23.37 8.62 -4.02
C GLN A 58 23.06 9.99 -3.42
N CYS A 59 24.09 10.67 -2.93
CA CYS A 59 23.95 11.97 -2.27
C CYS A 59 23.29 13.03 -3.15
N ASP A 60 23.31 12.83 -4.46
CA ASP A 60 22.68 13.77 -5.40
C ASP A 60 21.17 13.55 -5.50
N LEU A 61 20.65 12.45 -4.93
CA LEU A 61 19.21 12.20 -4.95
C LEU A 61 18.51 12.93 -3.81
N GLN A 62 17.39 13.58 -4.12
CA GLN A 62 16.60 14.28 -3.11
C GLN A 62 15.20 13.70 -2.91
N ALA A 63 14.87 12.63 -3.64
CA ALA A 63 13.59 11.96 -3.47
C ALA A 63 13.58 10.56 -4.08
N LEU A 64 12.69 9.71 -3.58
CA LEU A 64 12.53 8.36 -4.10
C LEU A 64 11.07 7.95 -4.06
N ILE A 65 10.55 7.52 -5.21
CA ILE A 65 9.18 7.01 -5.31
C ILE A 65 9.22 5.57 -5.81
N ALA A 66 8.42 4.71 -5.19
CA ALA A 66 8.35 3.30 -5.59
C ALA A 66 6.94 2.77 -5.62
N VAL A 67 6.78 1.61 -6.24
CA VAL A 67 5.50 0.91 -6.33
C VAL A 67 5.60 -0.42 -5.58
N PRO A 68 4.46 -0.91 -5.04
CA PRO A 68 4.51 -2.15 -4.25
C PRO A 68 4.89 -3.40 -5.05
N SER A 69 5.37 -4.41 -4.33
CA SER A 69 5.73 -5.70 -4.89
C SER A 69 4.74 -6.78 -4.48
N LEU A 70 4.42 -7.69 -5.40
CA LEU A 70 3.56 -8.83 -5.07
C LEU A 70 4.35 -9.98 -4.45
N ALA A 71 5.56 -10.20 -4.94
CA ALA A 71 6.42 -11.27 -4.42
C ALA A 71 6.80 -11.03 -2.96
N SER A 72 7.15 -9.79 -2.64
CA SER A 72 7.53 -9.41 -1.28
C SER A 72 6.76 -8.16 -0.85
N PRO A 73 5.47 -8.33 -0.49
CA PRO A 73 4.72 -7.16 -0.04
C PRO A 73 5.35 -6.57 1.21
N GLN A 74 5.49 -5.25 1.23
CA GLN A 74 6.25 -4.59 2.28
C GLN A 74 5.64 -3.25 2.64
N PHE A 75 5.41 -3.07 3.94
CA PHE A 75 4.96 -1.81 4.53
C PHE A 75 5.94 -0.70 4.16
N MET A 76 5.40 0.42 3.69
CA MET A 76 6.22 1.56 3.27
C MET A 76 7.37 1.11 2.37
N GLN A 77 7.00 0.48 1.25
CA GLN A 77 7.94 -0.18 0.35
C GLN A 77 9.13 0.70 -0.02
N ALA A 78 8.83 1.92 -0.45
CA ALA A 78 9.86 2.88 -0.87
C ALA A 78 10.88 3.15 0.25
N HIS A 79 10.38 3.35 1.46
CA HIS A 79 11.25 3.55 2.62
C HIS A 79 12.10 2.31 2.89
N HIS A 80 11.48 1.13 2.80
CA HIS A 80 12.17 -0.14 3.03
C HIS A 80 13.33 -0.29 2.05
N ILE A 81 13.04 -0.09 0.76
CA ILE A 81 14.05 -0.20 -0.28
C ILE A 81 15.18 0.80 -0.06
N ALA A 82 14.81 2.05 0.23
CA ALA A 82 15.77 3.12 0.45
C ALA A 82 16.70 2.84 1.63
N THR A 83 16.15 2.22 2.67
CA THR A 83 16.92 1.92 3.88
C THR A 83 17.92 0.78 3.63
N VAL A 84 17.43 -0.30 3.04
CA VAL A 84 18.26 -1.47 2.76
C VAL A 84 19.36 -1.14 1.75
N ALA A 85 19.04 -0.29 0.77
CA ALA A 85 20.01 0.14 -0.23
C ALA A 85 21.08 1.10 0.33
N GLY A 86 20.88 1.59 1.55
CA GLY A 86 21.88 2.39 2.24
C GLY A 86 21.89 3.86 1.87
N LEU A 87 20.72 4.41 1.53
CA LEU A 87 20.61 5.84 1.21
C LEU A 87 20.69 6.72 2.45
N PHE A 88 20.39 6.15 3.62
CA PHE A 88 20.40 6.89 4.87
C PHE A 88 21.65 6.58 5.69
N PRO A 89 22.15 7.56 6.45
CA PRO A 89 21.60 8.91 6.64
C PRO A 89 21.93 9.86 5.50
N THR A 90 21.01 10.77 5.20
CA THR A 90 21.21 11.80 4.18
C THR A 90 21.53 13.12 4.84
N LYS A 91 22.18 14.01 4.10
CA LYS A 91 22.61 15.29 4.65
C LYS A 91 21.46 16.31 4.60
N GLY A 92 20.84 16.44 3.44
CA GLY A 92 19.75 17.41 3.22
C GLY A 92 18.37 16.79 3.40
N LYS A 93 17.40 17.34 2.68
CA LYS A 93 16.05 16.80 2.67
C LYS A 93 15.94 15.65 1.68
N PHE A 94 15.18 14.63 2.06
CA PHE A 94 14.93 13.48 1.22
C PHE A 94 13.48 13.06 1.37
N ILE A 95 12.72 13.11 0.29
CA ILE A 95 11.29 12.78 0.32
C ILE A 95 11.05 11.40 -0.30
N VAL A 96 10.48 10.49 0.49
CA VAL A 96 10.23 9.12 0.06
C VAL A 96 8.74 8.85 0.05
N ARG A 97 8.30 8.01 -0.88
CA ARG A 97 6.88 7.81 -1.13
C ARG A 97 6.63 6.51 -1.90
N THR A 98 5.62 5.76 -1.46
CA THR A 98 5.16 4.58 -2.21
C THR A 98 3.77 4.86 -2.76
N VAL A 99 3.56 4.54 -4.03
CA VAL A 99 2.28 4.77 -4.70
C VAL A 99 1.77 3.50 -5.37
N ASP A 100 0.46 3.27 -5.31
CA ASP A 100 -0.15 2.09 -5.91
C ASP A 100 -1.28 2.47 -6.85
N THR A 101 -1.01 2.40 -8.14
CA THR A 101 -2.05 2.45 -9.17
C THR A 101 -1.90 1.24 -10.10
N GLY A 102 -1.51 0.10 -9.53
CA GLY A 102 -1.25 -1.10 -10.32
C GLY A 102 -0.15 -0.88 -11.33
N GLY A 103 -0.31 -1.47 -12.52
CA GLY A 103 0.66 -1.34 -13.60
C GLY A 103 0.77 0.05 -14.21
N ALA A 104 -0.13 0.96 -13.83
CA ALA A 104 -0.01 2.38 -14.19
C ALA A 104 1.07 3.08 -13.35
N GLY A 105 1.40 2.48 -12.20
CA GLY A 105 2.31 3.03 -11.21
C GLY A 105 3.54 3.78 -11.68
N PRO A 106 4.38 3.12 -12.48
CA PRO A 106 5.64 3.75 -12.90
C PRO A 106 5.44 5.09 -13.62
N ILE A 107 4.36 5.22 -14.38
CA ILE A 107 4.07 6.47 -15.08
C ILE A 107 3.38 7.45 -14.13
N THR A 108 2.52 6.94 -13.25
CA THR A 108 1.97 7.77 -12.17
C THR A 108 3.09 8.38 -11.36
N ALA A 109 4.04 7.54 -10.93
CA ALA A 109 5.21 8.00 -10.17
C ALA A 109 6.03 9.02 -10.96
N LEU A 110 6.13 8.83 -12.27
CA LEU A 110 6.84 9.76 -13.14
C LEU A 110 6.21 11.15 -13.08
N GLY A 111 4.88 11.20 -13.11
CA GLY A 111 4.15 12.46 -13.00
C GLY A 111 4.38 13.14 -11.66
N MET A 112 4.39 12.36 -10.59
CA MET A 112 4.68 12.87 -9.26
C MET A 112 6.10 13.42 -9.16
N ALA A 113 7.05 12.73 -9.78
CA ALA A 113 8.44 13.17 -9.79
C ALA A 113 8.57 14.54 -10.46
N VAL A 114 7.92 14.69 -11.61
CA VAL A 114 7.87 15.97 -12.31
C VAL A 114 7.32 17.05 -11.38
N ASP A 115 6.22 16.71 -10.69
CA ASP A 115 5.58 17.64 -9.76
C ASP A 115 6.48 18.06 -8.61
N LEU A 116 7.25 17.12 -8.06
CA LEU A 116 8.19 17.43 -7.00
C LEU A 116 9.29 18.39 -7.45
N VAL A 117 9.72 18.24 -8.70
CA VAL A 117 10.73 19.14 -9.28
C VAL A 117 10.16 20.53 -9.52
N ARG A 118 8.98 20.61 -10.14
CA ARG A 118 8.37 21.91 -10.47
C ARG A 118 8.00 22.74 -9.24
N THR A 119 7.54 22.08 -8.17
CA THR A 119 7.23 22.76 -6.92
C THR A 119 8.47 22.96 -6.02
N ARG A 120 9.62 22.49 -6.49
CA ARG A 120 10.89 22.64 -5.79
C ARG A 120 10.95 21.93 -4.43
N CYS A 121 10.20 20.85 -4.30
CA CYS A 121 10.30 19.97 -3.14
C CYS A 121 11.54 19.08 -3.25
N ALA A 122 11.93 18.75 -4.49
CA ALA A 122 13.11 17.94 -4.74
C ALA A 122 13.66 18.20 -6.13
N GLU A 123 14.95 18.49 -6.22
CA GLU A 123 15.60 18.79 -7.50
C GLU A 123 15.81 17.53 -8.35
N THR A 124 16.01 16.39 -7.67
CA THR A 124 16.17 15.10 -8.36
C THR A 124 15.36 14.02 -7.67
N VAL A 125 14.77 13.13 -8.46
CA VAL A 125 13.86 12.08 -7.97
C VAL A 125 14.19 10.74 -8.61
N ALA A 126 14.34 9.71 -7.78
CA ALA A 126 14.47 8.34 -8.29
C ALA A 126 13.10 7.68 -8.29
N VAL A 127 12.76 7.02 -9.41
CA VAL A 127 11.51 6.27 -9.52
C VAL A 127 11.88 4.80 -9.72
N ILE A 128 11.43 3.94 -8.80
CA ILE A 128 11.83 2.53 -8.82
C ILE A 128 10.62 1.60 -8.80
N ALA A 129 10.68 0.58 -9.65
CA ALA A 129 9.72 -0.53 -9.61
C ALA A 129 10.50 -1.84 -9.66
N ALA A 130 10.17 -2.77 -8.77
CA ALA A 130 10.86 -4.04 -8.67
C ALA A 130 9.93 -5.16 -8.21
N ASP A 131 10.05 -6.33 -8.82
CA ASP A 131 9.28 -7.49 -8.38
C ASP A 131 9.90 -8.80 -8.86
N ALA A 132 9.41 -9.90 -8.31
CA ALA A 132 9.97 -11.23 -8.58
C ALA A 132 8.86 -12.28 -8.64
N VAL A 133 7.88 -12.05 -9.50
CA VAL A 133 6.69 -12.91 -9.54
C VAL A 133 6.88 -14.23 -10.29
N LEU A 134 8.02 -14.40 -10.97
CA LEU A 134 8.35 -15.69 -11.57
C LEU A 134 9.05 -16.59 -10.53
N SER A 135 9.99 -16.02 -9.78
CA SER A 135 10.70 -16.77 -8.74
C SER A 135 9.82 -17.13 -7.52
N MET A 136 8.72 -16.41 -7.33
CA MET A 136 7.88 -16.63 -6.15
C MET A 136 7.09 -17.95 -6.20
N GLY A 137 6.94 -18.52 -7.40
CA GLY A 137 6.23 -19.79 -7.57
C GLY A 137 4.79 -19.60 -8.00
N SER A 138 4.31 -20.52 -8.85
CA SER A 138 2.99 -20.41 -9.46
C SER A 138 1.86 -20.40 -8.44
N GLY A 139 2.00 -21.21 -7.41
CA GLY A 139 0.97 -21.34 -6.38
C GLY A 139 0.78 -20.06 -5.59
N ALA A 140 1.89 -19.48 -5.13
CA ALA A 140 1.85 -18.23 -4.37
C ALA A 140 1.36 -17.06 -5.23
N PHE A 141 1.85 -17.00 -6.47
CA PHE A 141 1.44 -15.95 -7.39
C PHE A 141 -0.06 -15.98 -7.64
N ALA A 142 -0.58 -17.15 -8.00
CA ALA A 142 -2.00 -17.33 -8.29
C ALA A 142 -2.86 -16.90 -7.09
N GLU A 143 -2.45 -17.31 -5.90
CA GLU A 143 -3.20 -16.99 -4.67
C GLU A 143 -3.23 -15.49 -4.39
N ARG A 144 -2.08 -14.84 -4.51
CA ARG A 144 -1.98 -13.40 -4.22
C ARG A 144 -2.60 -12.54 -5.31
N SER A 145 -2.41 -12.92 -6.58
CA SER A 145 -3.02 -12.20 -7.70
C SER A 145 -4.55 -12.32 -7.67
N ASN A 146 -5.05 -13.49 -7.30
CA ASN A 146 -6.50 -13.68 -7.14
C ASN A 146 -7.06 -12.95 -5.92
N ALA A 147 -6.32 -12.97 -4.83
CA ALA A 147 -6.71 -12.27 -3.60
C ALA A 147 -6.81 -10.76 -3.83
N SER A 148 -6.06 -10.25 -4.81
CA SER A 148 -6.14 -8.84 -5.20
C SER A 148 -7.54 -8.43 -5.67
N LEU A 149 -8.34 -9.39 -6.14
CA LEU A 149 -9.71 -9.09 -6.59
C LEU A 149 -10.79 -9.70 -5.72
N ARG A 150 -10.70 -9.47 -4.40
CA ARG A 150 -11.77 -9.84 -3.49
C ARG A 150 -13.03 -9.02 -3.81
N ARG A 151 -14.21 -9.59 -3.57
CA ARG A 151 -15.49 -8.89 -3.76
C ARG A 151 -15.86 -8.60 -5.23
N SER A 152 -15.09 -9.12 -6.18
CA SER A 152 -15.33 -8.91 -7.61
C SER A 152 -16.33 -9.92 -8.18
N GLY A 153 -16.35 -11.13 -7.62
CA GLY A 153 -17.20 -12.20 -8.11
C GLY A 153 -16.62 -12.92 -9.30
N LEU A 154 -15.38 -12.61 -9.64
CA LEU A 154 -14.71 -13.19 -10.80
C LEU A 154 -14.17 -14.57 -10.46
N PRO A 155 -14.36 -15.54 -11.37
CA PRO A 155 -13.75 -16.86 -11.18
C PRO A 155 -12.24 -16.83 -11.39
N GLU A 156 -11.54 -17.81 -10.83
CA GLU A 156 -10.08 -17.86 -10.88
C GLU A 156 -9.59 -18.42 -12.23
N PRO A 157 -8.46 -17.90 -12.74
CA PRO A 157 -7.71 -16.74 -12.26
C PRO A 157 -8.48 -15.44 -12.54
N CYS A 158 -8.58 -14.58 -11.53
CA CYS A 158 -9.53 -13.46 -11.56
C CYS A 158 -9.17 -12.36 -12.57
N ILE A 159 -7.91 -11.97 -12.61
CA ILE A 159 -7.48 -10.87 -13.50
C ILE A 159 -7.71 -11.21 -14.98
N PRO A 160 -7.28 -12.39 -15.44
CA PRO A 160 -7.60 -12.81 -16.81
C PRO A 160 -9.10 -12.84 -17.09
N HIS A 161 -9.88 -13.38 -16.15
CA HIS A 161 -11.34 -13.44 -16.30
C HIS A 161 -11.98 -12.06 -16.35
N GLY A 162 -11.42 -11.11 -15.60
CA GLY A 162 -11.89 -9.73 -15.62
C GLY A 162 -11.71 -9.10 -16.99
N TYR A 163 -10.51 -9.23 -17.54
CA TYR A 163 -10.21 -8.72 -18.88
C TYR A 163 -10.95 -9.48 -19.96
N ASP A 164 -11.14 -10.78 -19.75
CA ASP A 164 -11.92 -11.62 -20.66
C ASP A 164 -13.36 -11.12 -20.79
N ARG A 165 -13.94 -10.67 -19.68
CA ARG A 165 -15.30 -10.13 -19.69
C ARG A 165 -15.40 -8.87 -20.55
N TYR A 166 -14.37 -8.02 -20.51
CA TYR A 166 -14.32 -6.83 -21.38
C TYR A 166 -14.09 -7.20 -22.84
N ALA A 167 -13.28 -8.23 -23.08
CA ALA A 167 -13.02 -8.71 -24.42
C ALA A 167 -14.31 -9.20 -25.08
N GLN A 168 -15.09 -10.00 -24.35
CA GLN A 168 -16.38 -10.49 -24.83
C GLN A 168 -17.36 -9.36 -25.13
N TRP A 169 -17.33 -8.31 -24.33
CA TRP A 169 -18.16 -7.13 -24.54
C TRP A 169 -17.76 -6.39 -25.82
N TYR A 170 -16.45 -6.32 -26.08
CA TYR A 170 -15.95 -5.74 -27.33
C TYR A 170 -16.40 -6.54 -28.54
N MET A 171 -16.40 -7.86 -28.40
CA MET A 171 -16.83 -8.75 -29.49
C MET A 171 -18.30 -8.53 -29.82
N SER A 172 -19.14 -8.47 -28.79
CA SER A 172 -20.57 -8.24 -28.95
C SER A 172 -20.88 -6.82 -29.44
N ARG A 173 -20.23 -5.82 -28.84
CA ARG A 173 -20.48 -4.42 -29.15
C ARG A 173 -19.97 -4.00 -30.53
N TYR A 174 -18.68 -4.26 -30.79
CA TYR A 174 -18.00 -3.74 -31.98
C TYR A 174 -17.73 -4.79 -33.06
N GLY A 175 -18.06 -6.05 -32.78
CA GLY A 175 -17.81 -7.14 -33.73
C GLY A 175 -16.35 -7.57 -33.78
N LEU A 176 -15.61 -7.35 -32.70
CA LEU A 176 -14.23 -7.82 -32.60
C LEU A 176 -14.20 -9.34 -32.73
N LYS A 177 -13.26 -9.84 -33.52
CA LYS A 177 -13.17 -11.28 -33.80
C LYS A 177 -12.19 -11.95 -32.85
N ARG A 178 -12.48 -13.20 -32.50
CA ARG A 178 -11.62 -13.99 -31.62
C ARG A 178 -10.19 -14.05 -32.13
N GLU A 179 -10.02 -14.21 -33.44
CA GLU A 179 -8.68 -14.34 -34.04
C GLU A 179 -7.89 -13.05 -33.94
N GLN A 180 -8.58 -11.92 -33.87
CA GLN A 180 -7.92 -10.61 -33.77
C GLN A 180 -7.30 -10.39 -32.39
N LEU A 181 -7.93 -10.93 -31.35
CA LEU A 181 -7.33 -10.95 -30.02
C LEU A 181 -6.05 -11.78 -30.04
N ALA A 182 -6.13 -12.97 -30.62
CA ALA A 182 -5.00 -13.90 -30.71
C ALA A 182 -3.83 -13.37 -31.56
N MET A 183 -4.10 -12.42 -32.44
CA MET A 183 -3.05 -11.81 -33.26
C MET A 183 -2.10 -10.92 -32.45
N VAL A 184 -2.56 -10.44 -31.30
CA VAL A 184 -1.74 -9.56 -30.46
C VAL A 184 -0.43 -10.23 -30.00
N PRO A 185 -0.53 -11.41 -29.35
CA PRO A 185 0.71 -12.08 -28.95
C PRO A 185 1.58 -12.54 -30.11
N VAL A 186 0.98 -12.79 -31.27
CA VAL A 186 1.76 -13.11 -32.48
C VAL A 186 2.64 -11.92 -32.84
N LEU A 187 2.03 -10.74 -32.94
CA LEU A 187 2.76 -9.53 -33.28
C LEU A 187 3.81 -9.17 -32.22
N MET A 188 3.46 -9.34 -30.95
CA MET A 188 4.40 -9.10 -29.85
C MET A 188 5.56 -10.10 -29.85
N SER A 189 5.29 -11.35 -30.20
CA SER A 189 6.33 -12.37 -30.27
C SER A 189 7.30 -12.12 -31.42
N LYS A 190 6.80 -11.53 -32.50
CA LYS A 190 7.65 -11.11 -33.63
C LYS A 190 8.61 -10.01 -33.19
N MET A 191 8.13 -9.09 -32.35
CA MET A 191 8.97 -8.04 -31.80
C MET A 191 9.97 -8.61 -30.80
N ALA A 192 9.48 -9.47 -29.90
CA ALA A 192 10.28 -10.00 -28.82
C ALA A 192 11.51 -10.77 -29.30
N GLU A 193 11.38 -11.52 -30.39
CA GLU A 193 12.47 -12.37 -30.87
C GLU A 193 13.66 -11.56 -31.43
N ARG A 194 13.44 -10.26 -31.67
CA ARG A 194 14.53 -9.34 -32.03
C ARG A 194 15.19 -8.68 -30.81
N HIS A 195 14.59 -8.84 -29.63
CA HIS A 195 15.18 -8.32 -28.39
C HIS A 195 15.91 -9.46 -27.67
N PRO A 196 17.25 -9.34 -27.49
CA PRO A 196 18.07 -10.40 -26.88
C PRO A 196 17.59 -10.90 -25.51
N GLU A 197 17.03 -10.02 -24.70
CA GLU A 197 16.61 -10.34 -23.34
C GLU A 197 15.13 -10.70 -23.16
N ALA A 198 14.33 -10.53 -24.22
CA ALA A 198 12.91 -10.88 -24.14
C ALA A 198 12.75 -12.35 -23.82
N MET A 199 11.80 -12.68 -22.95
CA MET A 199 11.62 -14.05 -22.49
C MET A 199 11.08 -14.97 -23.59
N CYS A 200 10.31 -14.41 -24.52
CA CYS A 200 9.88 -15.13 -25.72
C CYS A 200 10.93 -14.90 -26.80
N GLN A 201 11.61 -15.96 -27.21
CA GLN A 201 12.65 -15.86 -28.24
C GLN A 201 12.27 -16.50 -29.58
N LYS A 202 11.08 -17.11 -29.65
CA LYS A 202 10.58 -17.71 -30.88
C LYS A 202 9.14 -17.25 -31.12
N ALA A 203 8.88 -16.69 -32.30
CA ALA A 203 7.57 -16.12 -32.61
C ALA A 203 6.47 -17.18 -32.67
N TYR A 204 5.28 -16.81 -32.25
CA TYR A 204 4.12 -17.70 -32.28
C TYR A 204 3.46 -17.66 -33.65
N THR A 205 2.72 -18.71 -33.99
CA THR A 205 1.75 -18.66 -35.09
C THR A 205 0.37 -18.41 -34.49
N LEU A 206 -0.56 -17.96 -35.32
CA LEU A 206 -1.93 -17.69 -34.86
C LEU A 206 -2.60 -18.94 -34.31
N ASP A 207 -2.44 -20.07 -35.00
CA ASP A 207 -2.98 -21.34 -34.55
C ASP A 207 -2.39 -21.79 -33.22
N GLU A 208 -1.09 -21.56 -33.05
CA GLU A 208 -0.39 -21.92 -31.82
C GLU A 208 -0.98 -21.17 -30.62
N VAL A 209 -1.28 -19.89 -30.81
CA VAL A 209 -1.95 -19.07 -29.79
C VAL A 209 -3.37 -19.58 -29.54
N LEU A 210 -4.11 -19.83 -30.61
CA LEU A 210 -5.50 -20.30 -30.50
C LEU A 210 -5.61 -21.70 -29.90
N HIS A 211 -4.60 -22.54 -30.11
CA HIS A 211 -4.61 -23.91 -29.58
C HIS A 211 -3.89 -24.06 -28.24
N SER A 212 -3.42 -22.96 -27.66
CA SER A 212 -2.76 -23.00 -26.36
C SER A 212 -3.80 -23.13 -25.25
N ARG A 213 -3.34 -23.48 -24.06
CA ARG A 213 -4.22 -23.77 -22.93
C ARG A 213 -5.19 -22.64 -22.65
N CYS A 214 -6.47 -23.00 -22.47
CA CYS A 214 -7.51 -22.02 -22.20
C CYS A 214 -7.46 -21.54 -20.75
N VAL A 215 -7.44 -20.22 -20.57
CA VAL A 215 -7.44 -19.61 -19.23
C VAL A 215 -8.81 -19.03 -18.92
N ALA A 216 -9.40 -18.35 -19.90
CA ALA A 216 -10.76 -17.84 -19.83
C ALA A 216 -11.40 -18.01 -21.22
N PRO A 217 -12.75 -17.95 -21.30
CA PRO A 217 -13.47 -18.27 -22.55
C PRO A 217 -12.84 -17.75 -23.86
N VAL A 218 -12.38 -16.51 -23.88
CA VAL A 218 -11.73 -15.95 -25.08
C VAL A 218 -10.28 -15.51 -24.81
N THR A 219 -9.65 -16.15 -23.83
CA THR A 219 -8.27 -15.82 -23.44
C THR A 219 -7.48 -17.09 -23.16
N ASN A 220 -6.45 -17.33 -23.95
CA ASN A 220 -5.59 -18.49 -23.79
C ASN A 220 -4.25 -18.13 -23.17
N LEU A 221 -3.46 -19.16 -22.83
CA LEU A 221 -2.19 -18.99 -22.12
C LEU A 221 -1.23 -18.03 -22.82
N LEU A 222 -1.06 -18.20 -24.12
CA LEU A 222 -0.11 -17.36 -24.87
C LEU A 222 -0.61 -15.92 -25.09
N GLU A 223 -1.84 -15.64 -24.65
CA GLU A 223 -2.38 -14.28 -24.63
C GLU A 223 -2.25 -13.61 -23.26
N CYS A 224 -1.77 -14.34 -22.26
CA CYS A 224 -1.63 -13.80 -20.91
C CYS A 224 -0.28 -13.11 -20.70
N ALA A 225 -0.25 -12.09 -19.85
CA ALA A 225 0.99 -11.41 -19.47
C ALA A 225 2.00 -12.41 -18.91
N ARG A 226 3.24 -12.31 -19.36
CA ARG A 226 4.27 -13.30 -19.05
C ARG A 226 4.96 -12.99 -17.73
N ARG A 227 4.75 -13.87 -16.74
CA ARG A 227 5.38 -13.73 -15.41
C ARG A 227 6.91 -13.62 -15.50
N ALA A 228 7.45 -12.61 -14.84
CA ALA A 228 8.91 -12.38 -14.83
C ALA A 228 9.37 -11.71 -13.54
N ASP A 229 10.66 -11.84 -13.25
CA ASP A 229 11.31 -11.02 -12.24
C ASP A 229 11.98 -9.88 -12.97
N GLY A 230 12.08 -8.73 -12.32
CA GLY A 230 12.80 -7.60 -12.89
C GLY A 230 12.63 -6.33 -12.09
N ALA A 231 13.58 -5.40 -12.26
CA ALA A 231 13.50 -4.09 -11.64
C ALA A 231 14.04 -3.04 -12.59
N VAL A 232 13.46 -1.84 -12.51
CA VAL A 232 13.88 -0.70 -13.30
C VAL A 232 13.89 0.54 -12.40
N ALA A 233 14.88 1.40 -12.60
CA ALA A 233 14.99 2.64 -11.87
C ALA A 233 15.20 3.80 -12.84
N LEU A 234 14.47 4.89 -12.61
CA LEU A 234 14.59 6.09 -13.42
C LEU A 234 15.04 7.25 -12.55
N ILE A 235 15.90 8.11 -13.07
CA ILE A 235 16.29 9.34 -12.40
C ILE A 235 15.67 10.51 -13.13
N VAL A 236 14.92 11.33 -12.40
CA VAL A 236 14.23 12.49 -12.97
C VAL A 236 14.85 13.76 -12.39
N SER A 237 15.05 14.76 -13.24
CA SER A 237 15.68 16.01 -12.83
C SER A 237 15.29 17.14 -13.76
N GLY A 238 15.32 18.36 -13.23
CA GLY A 238 15.18 19.56 -14.05
C GLY A 238 16.35 19.64 -15.01
N GLU A 239 16.07 20.06 -16.24
CA GLU A 239 17.08 20.18 -17.28
C GLU A 239 18.24 21.07 -16.86
N ALA A 240 17.92 22.26 -16.36
CA ALA A 240 18.93 23.25 -15.98
C ALA A 240 19.79 22.77 -14.82
N HIS A 241 19.15 22.21 -13.79
CA HIS A 241 19.88 21.68 -12.63
C HIS A 241 20.87 20.60 -13.06
N TYR A 242 20.43 19.71 -13.95
CA TYR A 242 21.25 18.59 -14.39
C TYR A 242 22.47 19.04 -15.19
N ALA A 243 22.26 19.98 -16.11
CA ALA A 243 23.34 20.52 -16.95
C ALA A 243 24.41 21.23 -16.11
N GLU A 244 23.98 21.98 -15.10
CA GLU A 244 24.90 22.69 -14.21
C GLU A 244 25.86 21.76 -13.45
N HIS A 245 25.33 20.65 -12.94
CA HIS A 245 26.07 19.81 -11.99
C HIS A 245 26.60 18.49 -12.54
N PHE A 246 25.89 17.89 -13.50
CA PHE A 246 26.17 16.49 -13.90
C PHE A 246 26.38 16.28 -15.39
N GLY A 257 20.01 14.08 -25.84
CA GLY A 257 18.63 14.51 -26.04
C GLY A 257 17.65 13.35 -25.90
N GLY A 258 17.68 12.45 -26.86
CA GLY A 258 16.81 11.28 -26.84
C GLY A 258 17.15 10.27 -25.76
N SER A 259 18.42 10.21 -25.37
CA SER A 259 18.85 9.29 -24.30
C SER A 259 18.44 9.79 -22.93
N LYS A 260 18.18 11.10 -22.82
CA LYS A 260 17.70 11.71 -21.58
C LYS A 260 16.49 12.60 -21.90
N PRO A 261 15.37 11.98 -22.29
CA PRO A 261 14.28 12.73 -22.90
C PRO A 261 13.51 13.64 -21.94
N ILE A 262 12.94 14.70 -22.51
CA ILE A 262 12.07 15.60 -21.78
C ILE A 262 10.75 14.88 -21.52
N ILE A 263 10.27 14.99 -20.29
CA ILE A 263 8.93 14.52 -19.96
C ILE A 263 7.99 15.65 -20.35
N ALA A 264 7.43 15.56 -21.55
CA ALA A 264 6.60 16.63 -22.11
C ALA A 264 5.29 16.78 -21.36
N SER A 265 4.69 15.65 -20.99
CA SER A 265 3.47 15.65 -20.19
C SER A 265 3.21 14.30 -19.55
N VAL A 266 2.41 14.32 -18.49
CA VAL A 266 1.90 13.10 -17.85
C VAL A 266 0.46 13.36 -17.44
N ALA A 267 -0.42 12.41 -17.72
CA ALA A 267 -1.83 12.55 -17.34
C ALA A 267 -2.40 11.21 -16.92
N GLU A 268 -3.40 11.25 -16.04
CA GLU A 268 -4.02 10.05 -15.51
C GLU A 268 -5.53 10.11 -15.52
N ALA A 269 -6.14 8.92 -15.43
CA ALA A 269 -7.57 8.78 -15.26
C ALA A 269 -7.82 7.37 -14.73
N SER A 270 -8.99 7.15 -14.14
CA SER A 270 -9.26 5.90 -13.44
C SER A 270 -10.65 5.33 -13.72
N GLY A 271 -10.85 4.10 -13.26
CA GLY A 271 -12.12 3.39 -13.43
C GLY A 271 -12.26 2.33 -12.36
N PRO A 272 -13.35 1.55 -12.39
CA PRO A 272 -13.61 0.54 -11.38
C PRO A 272 -12.56 -0.56 -11.37
N LEU A 273 -12.32 -1.15 -10.19
CA LEU A 273 -11.27 -2.14 -10.03
C LEU A 273 -11.62 -3.45 -10.74
N PHE A 274 -12.92 -3.73 -10.85
CA PHE A 274 -13.41 -4.92 -11.56
C PHE A 274 -14.72 -4.59 -12.27
N PRO A 275 -15.07 -5.35 -13.33
CA PRO A 275 -16.28 -5.06 -14.10
C PRO A 275 -17.58 -5.34 -13.35
N PRO A 276 -18.70 -4.80 -13.85
CA PRO A 276 -20.03 -5.16 -13.35
C PRO A 276 -20.31 -6.65 -13.51
N ILE A 282 -21.85 -2.80 -18.58
CA ILE A 282 -20.58 -2.25 -19.05
C ILE A 282 -20.85 -1.12 -20.05
N VAL A 283 -20.26 0.05 -19.77
CA VAL A 283 -20.42 1.24 -20.60
C VAL A 283 -19.07 1.76 -21.09
N PRO A 284 -19.04 2.48 -22.23
CA PRO A 284 -17.76 2.96 -22.77
C PRO A 284 -17.03 4.01 -21.90
N ASP A 285 -17.76 4.71 -21.03
CA ASP A 285 -17.13 5.71 -20.16
C ASP A 285 -16.39 5.10 -18.96
N ILE A 286 -16.49 3.77 -18.81
CA ILE A 286 -15.65 3.04 -17.84
C ILE A 286 -14.16 3.15 -18.22
N PHE A 287 -13.88 3.07 -19.52
CA PHE A 287 -12.51 3.11 -20.02
C PHE A 287 -11.93 4.51 -19.90
N SER A 288 -10.71 4.61 -19.38
CA SER A 288 -10.10 5.88 -19.00
C SER A 288 -8.87 6.27 -19.82
N CYS A 289 -8.35 5.35 -20.64
CA CYS A 289 -7.13 5.60 -21.40
C CYS A 289 -7.27 6.77 -22.37
N ARG A 290 -8.44 6.89 -23.00
CA ARG A 290 -8.70 7.95 -23.98
C ARG A 290 -8.61 9.33 -23.34
N HIS A 291 -9.19 9.47 -22.15
CA HIS A 291 -9.17 10.74 -21.43
C HIS A 291 -7.74 11.10 -21.03
N ALA A 292 -7.02 10.11 -20.52
CA ALA A 292 -5.63 10.29 -20.10
C ALA A 292 -4.76 10.67 -21.30
N ALA A 293 -4.95 9.96 -22.41
CA ALA A 293 -4.20 10.23 -23.63
C ALA A 293 -4.48 11.64 -24.15
N ARG A 294 -5.76 12.01 -24.22
CA ARG A 294 -6.15 13.35 -24.67
C ARG A 294 -5.55 14.45 -23.81
N ASP A 295 -5.57 14.28 -22.49
CA ASP A 295 -5.00 15.27 -21.58
C ASP A 295 -3.48 15.39 -21.72
N ALA A 296 -2.81 14.26 -22.00
CA ALA A 296 -1.36 14.26 -22.21
C ALA A 296 -0.99 15.00 -23.50
N PHE A 297 -1.77 14.80 -24.55
CA PHE A 297 -1.54 15.48 -25.83
C PHE A 297 -1.71 16.99 -25.70
N LEU A 298 -2.82 17.42 -25.09
CA LEU A 298 -3.09 18.84 -24.86
C LEU A 298 -2.01 19.50 -23.99
N SER A 299 -1.65 18.82 -22.91
CA SER A 299 -0.58 19.27 -21.99
C SER A 299 0.73 19.51 -22.73
N ALA A 300 1.07 18.57 -23.62
CA ALA A 300 2.30 18.66 -24.40
C ALA A 300 2.18 19.49 -25.67
N ASN A 301 0.96 19.87 -26.02
CA ASN A 301 0.66 20.58 -27.27
C ASN A 301 1.14 19.77 -28.48
N LEU A 302 0.69 18.52 -28.53
CA LEU A 302 1.05 17.60 -29.61
C LEU A 302 -0.15 16.77 -30.01
N ASN A 303 -0.03 16.07 -31.13
CA ASN A 303 -1.06 15.17 -31.61
C ASN A 303 -0.47 13.80 -31.94
N VAL A 304 -1.32 12.81 -32.16
CA VAL A 304 -0.86 11.43 -32.39
C VAL A 304 0.10 11.31 -33.58
N GLY A 305 -0.12 12.11 -34.61
CA GLY A 305 0.72 12.12 -35.80
C GLY A 305 2.15 12.58 -35.55
N ASP A 306 2.36 13.31 -34.47
CA ASP A 306 3.70 13.73 -34.05
C ASP A 306 4.46 12.62 -33.31
N ILE A 307 3.75 11.56 -32.90
CA ILE A 307 4.36 10.47 -32.12
C ILE A 307 4.71 9.32 -33.05
N HIS A 308 5.97 8.89 -33.01
CA HIS A 308 6.42 7.78 -33.86
C HIS A 308 6.97 6.56 -33.12
N PHE A 309 6.82 6.53 -31.80
CA PHE A 309 6.94 5.28 -31.04
C PHE A 309 5.91 5.21 -29.92
N PHE A 310 5.31 4.03 -29.76
CA PHE A 310 4.29 3.83 -28.74
C PHE A 310 4.65 2.64 -27.86
N GLY A 311 4.79 2.89 -26.55
CA GLY A 311 4.94 1.84 -25.56
C GLY A 311 3.60 1.66 -24.87
N LEU A 312 2.81 0.69 -25.33
CA LEU A 312 1.42 0.56 -24.88
C LEU A 312 1.20 -0.71 -24.07
N TYR A 313 0.66 -0.54 -22.86
CA TYR A 313 0.38 -1.64 -21.96
C TYR A 313 -0.45 -2.71 -22.63
N ASP A 314 -0.02 -3.97 -22.50
CA ASP A 314 -0.62 -5.09 -23.22
C ASP A 314 -0.69 -6.34 -22.35
N CYS A 315 -1.22 -6.20 -21.13
CA CYS A 315 -1.35 -7.34 -20.22
C CYS A 315 -2.18 -8.47 -20.84
N PHE A 316 -3.21 -8.09 -21.60
CA PHE A 316 -4.00 -9.01 -22.42
C PHE A 316 -4.33 -8.33 -23.75
N PRO A 317 -4.65 -9.11 -24.79
CA PRO A 317 -4.91 -8.55 -26.11
C PRO A 317 -5.90 -7.38 -26.13
N ILE A 318 -6.99 -7.52 -25.36
CA ILE A 318 -8.01 -6.48 -25.30
C ILE A 318 -7.47 -5.14 -24.77
N CYS A 319 -6.44 -5.20 -23.92
CA CYS A 319 -5.81 -3.99 -23.39
C CYS A 319 -5.10 -3.22 -24.49
N LEU A 320 -4.34 -3.93 -25.33
CA LEU A 320 -3.62 -3.29 -26.42
C LEU A 320 -4.58 -2.81 -27.51
N ILE A 321 -5.59 -3.62 -27.79
CA ILE A 321 -6.61 -3.27 -28.77
C ILE A 321 -7.34 -1.98 -28.37
N GLN A 322 -7.68 -1.86 -27.10
CA GLN A 322 -8.29 -0.63 -26.59
C GLN A 322 -7.30 0.53 -26.54
N ALA A 323 -6.03 0.23 -26.30
CA ALA A 323 -4.99 1.27 -26.23
C ALA A 323 -4.79 2.01 -27.55
N VAL A 324 -4.65 1.25 -28.64
CA VAL A 324 -4.43 1.86 -29.97
C VAL A 324 -5.61 2.74 -30.40
N GLU A 325 -6.82 2.35 -30.01
CA GLU A 325 -8.01 3.16 -30.21
C GLU A 325 -7.96 4.42 -29.34
N ALA A 326 -7.66 4.23 -28.05
CA ALA A 326 -7.66 5.32 -27.08
C ALA A 326 -6.67 6.44 -27.40
N VAL A 327 -5.48 6.09 -27.87
CA VAL A 327 -4.44 7.09 -28.20
C VAL A 327 -4.59 7.65 -29.63
N GLY A 328 -5.51 7.08 -30.41
CA GLY A 328 -5.85 7.64 -31.72
C GLY A 328 -5.07 7.09 -32.90
N LEU A 329 -4.46 5.92 -32.75
CA LEU A 329 -3.80 5.25 -33.87
C LEU A 329 -4.83 4.68 -34.85
N CYS A 330 -6.04 4.42 -34.35
CA CYS A 330 -7.16 4.00 -35.20
C CYS A 330 -8.49 4.42 -34.56
N PRO A 331 -9.59 4.38 -35.33
CA PRO A 331 -10.90 4.76 -34.76
C PRO A 331 -11.41 3.80 -33.70
N GLU A 332 -12.34 4.28 -32.89
CA GLU A 332 -13.02 3.44 -31.90
C GLU A 332 -13.63 2.21 -32.58
N GLY A 333 -13.46 1.05 -31.94
CA GLY A 333 -13.94 -0.23 -32.48
C GLY A 333 -13.11 -0.86 -33.59
N LYS A 334 -12.05 -0.19 -34.04
CA LYS A 334 -11.24 -0.68 -35.16
C LYS A 334 -9.89 -1.26 -34.74
N GLY A 335 -9.68 -1.43 -33.43
CA GLY A 335 -8.41 -1.92 -32.92
C GLY A 335 -8.09 -3.35 -33.34
N GLY A 336 -9.12 -4.20 -33.37
CA GLY A 336 -8.96 -5.57 -33.85
C GLY A 336 -8.51 -5.62 -35.30
N GLU A 337 -9.10 -4.76 -36.12
CA GLU A 337 -8.74 -4.67 -37.54
C GLU A 337 -7.37 -4.06 -37.72
N PHE A 338 -6.98 -3.17 -36.81
CA PHE A 338 -5.63 -2.61 -36.78
C PHE A 338 -4.60 -3.71 -36.59
N MET A 339 -4.90 -4.68 -35.73
CA MET A 339 -4.03 -5.83 -35.51
C MET A 339 -3.98 -6.73 -36.75
N GLU A 340 -5.15 -6.97 -37.36
CA GLU A 340 -5.24 -7.85 -38.52
C GLU A 340 -4.49 -7.29 -39.73
N THR A 341 -4.64 -6.00 -39.97
CA THR A 341 -3.88 -5.31 -41.01
C THR A 341 -2.36 -5.54 -40.87
N ALA A 342 -1.86 -5.38 -39.66
CA ALA A 342 -0.43 -5.56 -39.39
C ALA A 342 -0.02 -7.02 -39.52
N TYR A 343 -0.89 -7.92 -39.05
CA TYR A 343 -0.68 -9.36 -39.13
C TYR A 343 -0.61 -9.83 -40.59
N ASN A 344 -1.53 -9.35 -41.42
CA ASN A 344 -1.55 -9.69 -42.85
C ASN A 344 -0.35 -9.13 -43.61
N GLU A 345 0.03 -7.89 -43.32
CA GLU A 345 1.21 -7.27 -43.91
C GLU A 345 2.48 -8.02 -43.48
N MET A 346 2.47 -8.55 -42.26
CA MET A 346 3.57 -9.37 -41.76
C MET A 346 3.68 -10.68 -42.55
N LEU A 347 2.55 -11.33 -42.80
CA LEU A 347 2.52 -12.58 -43.58
C LEU A 347 2.96 -12.34 -45.03
N ASN A 348 2.52 -11.24 -45.63
CA ASN A 348 2.89 -10.88 -47.00
C ASN A 348 4.29 -10.27 -47.13
N ASN A 349 5.01 -10.14 -46.01
CA ASN A 349 6.39 -9.66 -46.01
C ASN A 349 7.37 -10.76 -45.58
N GLY A 350 7.04 -12.01 -45.93
CA GLY A 350 7.88 -13.15 -45.59
C GLY A 350 7.96 -13.44 -44.10
N GLY A 351 6.87 -13.18 -43.38
CA GLY A 351 6.81 -13.40 -41.93
C GLY A 351 7.54 -12.35 -41.10
N VAL A 352 8.00 -11.28 -41.74
CA VAL A 352 8.76 -10.23 -41.06
C VAL A 352 7.84 -9.08 -40.70
N LEU A 353 7.81 -8.72 -39.42
CA LEU A 353 7.05 -7.57 -38.93
C LEU A 353 7.95 -6.34 -38.93
N ASP A 354 7.75 -5.46 -39.91
CA ASP A 354 8.51 -4.21 -40.01
C ASP A 354 8.06 -3.25 -38.92
N PRO A 355 8.98 -2.83 -38.04
CA PRO A 355 8.61 -1.88 -36.99
C PRO A 355 8.03 -0.55 -37.48
N SER A 356 8.47 -0.07 -38.64
CA SER A 356 7.96 1.18 -39.21
C SER A 356 6.46 1.14 -39.51
N LYS A 357 5.94 -0.05 -39.84
CA LYS A 357 4.51 -0.22 -40.10
C LYS A 357 3.71 -0.53 -38.83
N PHE A 358 4.41 -0.82 -37.73
CA PHE A 358 3.78 -1.14 -36.45
C PHE A 358 4.72 -0.71 -35.32
N PRO A 359 4.85 0.61 -35.11
CA PRO A 359 5.88 1.16 -34.21
C PRO A 359 5.43 1.09 -32.75
N ILE A 360 5.14 -0.12 -32.28
CA ILE A 360 4.49 -0.34 -31.01
C ILE A 360 5.17 -1.49 -30.27
N ASN A 361 5.56 -1.27 -29.02
CA ASN A 361 6.11 -2.32 -28.18
C ASN A 361 7.16 -3.15 -28.90
N THR A 362 8.17 -2.48 -29.45
CA THR A 362 9.21 -3.15 -30.21
C THR A 362 10.05 -4.11 -29.34
N HIS A 363 9.91 -3.99 -28.03
CA HIS A 363 10.53 -4.91 -27.08
C HIS A 363 9.79 -6.23 -26.89
N GLY A 364 8.47 -6.23 -27.15
CA GLY A 364 7.66 -7.43 -27.00
C GLY A 364 6.55 -7.29 -25.97
N GLY A 365 6.61 -6.23 -25.17
CA GLY A 365 5.56 -5.91 -24.21
C GLY A 365 5.41 -6.93 -23.09
N LEU A 366 4.32 -6.79 -22.33
CA LEU A 366 4.00 -7.74 -21.27
C LEU A 366 3.78 -9.15 -21.80
N GLN A 367 3.29 -9.24 -23.04
CA GLN A 367 3.00 -10.52 -23.68
C GLN A 367 4.25 -11.37 -23.88
N CYS A 368 5.32 -10.75 -24.37
CA CYS A 368 6.48 -11.49 -24.84
C CYS A 368 7.85 -10.99 -24.37
N PHE A 369 7.93 -9.78 -23.82
CA PHE A 369 9.17 -9.34 -23.15
C PHE A 369 9.17 -9.83 -21.71
N GLY A 370 8.12 -9.49 -20.97
CA GLY A 370 7.96 -9.92 -19.58
C GLY A 370 7.12 -8.95 -18.76
N ALA A 371 6.55 -9.44 -17.67
CA ALA A 371 5.62 -8.67 -16.86
C ALA A 371 5.79 -8.91 -15.36
N PRO A 372 6.74 -8.20 -14.73
CA PRO A 372 6.89 -8.28 -13.28
C PRO A 372 5.85 -7.43 -12.52
N TRP A 373 4.59 -7.87 -12.56
CA TRP A 373 3.50 -7.23 -11.82
C TRP A 373 3.34 -5.73 -12.15
N GLU A 374 3.73 -4.82 -11.26
CA GLU A 374 3.57 -3.38 -11.50
C GLU A 374 4.77 -2.73 -12.20
N VAL A 375 5.75 -3.55 -12.60
CA VAL A 375 6.99 -3.04 -13.20
C VAL A 375 6.89 -2.69 -14.70
N PRO A 376 6.20 -3.52 -15.51
CA PRO A 376 6.51 -3.52 -16.95
C PRO A 376 6.19 -2.25 -17.74
N ALA A 377 5.38 -1.35 -17.18
CA ALA A 377 5.22 -0.03 -17.81
C ALA A 377 6.57 0.69 -17.91
N MET A 378 7.50 0.35 -17.02
CA MET A 378 8.88 0.83 -17.11
C MET A 378 9.56 0.44 -18.41
N TYR A 379 9.22 -0.73 -18.95
CA TYR A 379 9.85 -1.20 -20.19
C TYR A 379 9.33 -0.46 -21.41
N ASN A 380 8.11 0.07 -21.34
CA ASN A 380 7.62 1.00 -22.35
C ASN A 380 8.46 2.26 -22.36
N ILE A 381 8.87 2.71 -21.18
CA ILE A 381 9.74 3.88 -21.04
C ILE A 381 11.16 3.59 -21.55
N THR A 382 11.72 2.45 -21.14
CA THR A 382 13.11 2.13 -21.51
C THR A 382 13.24 1.82 -23.00
N GLU A 383 12.24 1.16 -23.57
CA GLU A 383 12.22 0.87 -25.00
C GLU A 383 12.02 2.15 -25.80
N ALA A 384 11.20 3.07 -25.30
CA ALA A 384 11.04 4.38 -25.91
C ALA A 384 12.36 5.14 -25.95
N ILE A 385 13.08 5.14 -24.83
CA ILE A 385 14.37 5.82 -24.73
C ILE A 385 15.40 5.18 -25.67
N ALA A 386 15.40 3.85 -25.76
CA ALA A 386 16.26 3.15 -26.71
C ALA A 386 16.00 3.62 -28.14
N GLN A 387 14.73 3.68 -28.52
CA GLN A 387 14.34 4.15 -29.87
C GLN A 387 14.72 5.60 -30.10
N LEU A 388 14.44 6.47 -29.12
CA LEU A 388 14.74 7.89 -29.22
C LEU A 388 16.23 8.20 -29.31
N SER A 389 17.05 7.35 -28.67
CA SER A 389 18.51 7.52 -28.66
C SER A 389 19.21 6.73 -29.77
N GLU A 390 18.43 6.05 -30.61
CA GLU A 390 18.97 5.21 -31.69
C GLU A 390 19.88 4.11 -31.13
N GLU A 391 19.39 3.44 -30.10
CA GLU A 391 20.14 2.35 -29.45
C GLU A 391 19.26 1.12 -29.27
N ALA A 392 18.34 0.91 -30.20
CA ALA A 392 17.41 -0.22 -30.14
C ALA A 392 17.83 -1.40 -31.03
N GLY A 393 19.02 -1.32 -31.62
CA GLY A 393 19.60 -2.44 -32.36
C GLY A 393 18.82 -2.85 -33.60
N ASP A 394 18.46 -4.12 -33.65
CA ASP A 394 17.70 -4.69 -34.79
C ASP A 394 16.23 -4.27 -34.76
N ARG A 395 15.80 -3.71 -33.63
CA ARG A 395 14.42 -3.24 -33.45
C ARG A 395 14.27 -1.77 -33.87
N GLN A 396 15.39 -1.14 -34.22
CA GLN A 396 15.46 0.31 -34.40
C GLN A 396 14.51 0.83 -35.48
N LEU A 397 13.77 1.88 -35.14
CA LEU A 397 12.91 2.56 -36.09
C LEU A 397 13.71 3.57 -36.92
N THR A 398 13.42 3.62 -38.21
CA THR A 398 14.05 4.57 -39.12
C THR A 398 12.95 5.28 -39.91
N PRO A 399 12.97 6.63 -39.93
CA PRO A 399 13.93 7.52 -39.25
C PRO A 399 13.78 7.47 -37.73
N VAL A 400 14.80 7.95 -37.02
CA VAL A 400 14.80 7.94 -35.56
C VAL A 400 13.63 8.78 -35.05
N PRO A 401 12.76 8.18 -34.21
CA PRO A 401 11.65 8.96 -33.65
C PRO A 401 12.15 10.09 -32.75
N LYS A 402 11.53 11.26 -32.86
CA LYS A 402 11.84 12.39 -31.99
C LYS A 402 10.95 12.41 -30.76
N ARG A 403 9.80 11.74 -30.84
CA ARG A 403 8.79 11.78 -29.79
C ARG A 403 8.16 10.41 -29.58
N ALA A 404 7.89 10.08 -28.31
CA ALA A 404 7.30 8.80 -27.95
C ALA A 404 6.16 8.99 -26.96
N LEU A 405 5.19 8.09 -27.00
CA LEU A 405 4.11 8.05 -26.03
C LEU A 405 4.16 6.72 -25.29
N VAL A 406 4.08 6.77 -23.97
CA VAL A 406 4.07 5.55 -23.16
C VAL A 406 2.79 5.49 -22.33
N TYR A 407 2.31 4.27 -22.11
CA TYR A 407 1.01 4.04 -21.47
C TYR A 407 1.10 2.87 -20.49
N GLY A 408 0.66 3.13 -19.26
CA GLY A 408 0.59 2.12 -18.21
C GLY A 408 -0.84 1.94 -17.78
N ASN A 409 -1.21 0.70 -17.48
CA ASN A 409 -2.57 0.36 -17.09
C ASN A 409 -2.56 -0.49 -15.83
N GLY A 410 -3.47 -0.19 -14.91
CA GLY A 410 -3.54 -0.91 -13.64
C GLY A 410 -4.89 -1.52 -13.38
N GLY A 411 -4.90 -2.62 -12.62
CA GLY A 411 -6.12 -3.32 -12.27
C GLY A 411 -6.75 -3.97 -13.49
N ILE A 412 -8.05 -3.76 -13.66
CA ILE A 412 -8.75 -4.22 -14.86
C ILE A 412 -9.37 -2.99 -15.53
N PHE A 413 -8.56 -2.32 -16.36
CA PHE A 413 -8.90 -0.99 -16.89
C PHE A 413 -9.31 -0.03 -15.77
N SER A 414 -8.60 -0.11 -14.64
CA SER A 414 -8.94 0.64 -13.44
C SER A 414 -8.09 1.90 -13.30
N ALA A 415 -6.89 1.88 -13.88
CA ALA A 415 -5.99 3.02 -13.83
C ALA A 415 -5.29 3.20 -15.16
N SER A 416 -5.31 4.43 -15.67
CA SER A 416 -4.59 4.77 -16.89
C SER A 416 -3.58 5.85 -16.56
N SER A 417 -2.35 5.68 -17.04
CA SER A 417 -1.32 6.68 -16.91
C SER A 417 -0.59 6.81 -18.24
N VAL A 418 -0.57 8.01 -18.79
CA VAL A 418 0.02 8.26 -20.10
C VAL A 418 1.04 9.37 -19.98
N ALA A 419 2.20 9.16 -20.61
CA ALA A 419 3.23 10.18 -20.67
C ALA A 419 3.77 10.30 -22.09
N ILE A 420 4.23 11.50 -22.43
CA ILE A 420 4.83 11.76 -23.73
C ILE A 420 6.27 12.18 -23.50
N LEU A 421 7.20 11.52 -24.19
CA LEU A 421 8.63 11.79 -24.06
C LEU A 421 9.14 12.34 -25.38
N ILE A 422 9.93 13.41 -25.30
CA ILE A 422 10.49 14.05 -26.50
C ILE A 422 11.97 14.30 -26.29
N SER A 423 12.74 14.17 -27.37
CA SER A 423 14.20 14.34 -27.31
C SER A 423 14.59 15.80 -27.07
N ASP A 424 13.93 16.72 -27.76
CA ASP A 424 14.19 18.16 -27.62
C ASP A 424 12.93 18.99 -27.85
N LEU A 425 13.00 20.27 -27.44
CA LEU A 425 11.92 21.24 -27.69
C LEU A 425 11.79 21.65 -29.17
N SER B 19 -1.23 31.34 -5.95
CA SER B 19 -1.31 29.87 -5.66
C SER B 19 -2.72 29.30 -5.89
N GLN B 20 -3.73 29.98 -5.32
CA GLN B 20 -5.15 29.56 -5.29
C GLN B 20 -5.48 28.91 -3.94
N VAL B 21 -6.55 29.39 -3.29
CA VAL B 21 -6.88 28.97 -1.93
C VAL B 21 -7.66 27.65 -1.94
N VAL B 22 -7.16 26.67 -1.20
CA VAL B 22 -7.77 25.34 -1.12
C VAL B 22 -8.18 25.05 0.32
N ARG B 23 -9.39 24.53 0.51
CA ARG B 23 -9.95 24.29 1.83
C ARG B 23 -10.32 22.83 2.05
N ILE B 24 -10.28 22.39 3.31
CA ILE B 24 -10.95 21.15 3.69
C ILE B 24 -12.42 21.50 3.85
N VAL B 25 -13.24 21.10 2.90
CA VAL B 25 -14.64 21.52 2.84
C VAL B 25 -15.62 20.54 3.47
N GLY B 26 -15.16 19.32 3.75
CA GLY B 26 -15.99 18.29 4.36
C GLY B 26 -15.18 17.34 5.21
N VAL B 27 -15.75 16.96 6.36
CA VAL B 27 -15.16 16.00 7.27
C VAL B 27 -16.22 14.98 7.68
N GLY B 28 -15.83 13.70 7.66
CA GLY B 28 -16.72 12.63 8.10
C GLY B 28 -15.91 11.48 8.66
N ARG B 29 -16.41 10.85 9.71
CA ARG B 29 -15.75 9.68 10.29
C ARG B 29 -16.71 8.73 10.99
N THR B 30 -16.26 7.49 11.14
CA THR B 30 -16.97 6.50 11.92
C THR B 30 -16.64 6.71 13.39
N GLY B 31 -17.22 5.87 14.25
CA GLY B 31 -16.78 5.78 15.63
C GLY B 31 -15.41 5.15 15.68
N ILE B 32 -14.92 4.92 16.90
CA ILE B 32 -13.61 4.28 17.08
C ILE B 32 -13.70 3.23 18.17
N GLY B 33 -13.00 2.11 17.97
CA GLY B 33 -12.98 1.01 18.94
C GLY B 33 -12.98 -0.34 18.26
N LYS B 34 -13.72 -1.29 18.85
CA LYS B 34 -13.91 -2.61 18.26
C LYS B 34 -15.29 -2.62 17.60
N LEU B 35 -15.31 -2.32 16.30
CA LEU B 35 -16.56 -2.02 15.59
C LEU B 35 -17.18 -3.21 14.85
N HIS B 36 -16.42 -4.29 14.67
CA HIS B 36 -16.89 -5.48 13.95
C HIS B 36 -17.48 -5.14 12.58
N LYS B 37 -16.75 -4.32 11.82
CA LYS B 37 -17.12 -3.99 10.44
C LYS B 37 -15.90 -4.17 9.56
N SER B 38 -16.13 -4.41 8.28
CA SER B 38 -15.06 -4.52 7.31
C SER B 38 -14.45 -3.14 7.04
N VAL B 39 -13.22 -3.13 6.55
CA VAL B 39 -12.52 -1.89 6.23
C VAL B 39 -13.30 -1.12 5.16
N ASP B 40 -13.86 -1.85 4.20
CA ASP B 40 -14.66 -1.24 3.13
C ASP B 40 -15.93 -0.56 3.63
N GLU B 41 -16.61 -1.19 4.60
CA GLU B 41 -17.79 -0.60 5.21
C GLU B 41 -17.45 0.69 5.95
N LEU B 42 -16.35 0.66 6.71
CA LEU B 42 -15.92 1.82 7.47
C LEU B 42 -15.54 2.97 6.54
N ALA B 43 -14.79 2.67 5.49
CA ALA B 43 -14.40 3.67 4.50
C ALA B 43 -15.62 4.29 3.83
N ALA B 44 -16.56 3.44 3.41
CA ALA B 44 -17.79 3.90 2.75
C ALA B 44 -18.64 4.78 3.66
N SER B 45 -18.79 4.40 4.92
CA SER B 45 -19.55 5.17 5.89
C SER B 45 -18.93 6.55 6.13
N ALA B 46 -17.61 6.57 6.30
CA ALA B 46 -16.88 7.81 6.53
C ALA B 46 -17.02 8.77 5.36
N LEU B 47 -16.96 8.23 4.14
CA LEU B 47 -17.09 9.05 2.94
C LEU B 47 -18.47 9.69 2.83
N LYS B 48 -19.52 8.92 3.13
CA LYS B 48 -20.89 9.42 3.09
C LYS B 48 -21.09 10.57 4.08
N CYS B 49 -20.57 10.39 5.30
CA CYS B 49 -20.62 11.43 6.32
C CYS B 49 -19.93 12.72 5.82
N ALA B 50 -18.75 12.55 5.22
CA ALA B 50 -17.97 13.67 4.69
C ALA B 50 -18.70 14.44 3.58
N LEU B 51 -19.38 13.70 2.70
CA LEU B 51 -20.13 14.33 1.61
C LEU B 51 -21.31 15.14 2.13
N VAL B 52 -22.02 14.57 3.10
CA VAL B 52 -23.11 15.28 3.76
C VAL B 52 -22.58 16.53 4.46
N ASP B 53 -21.45 16.39 5.15
CA ASP B 53 -20.80 17.52 5.82
C ASP B 53 -20.36 18.62 4.86
N ALA B 54 -20.02 18.24 3.63
CA ALA B 54 -19.59 19.19 2.60
C ALA B 54 -20.76 19.75 1.78
N ASN B 55 -21.96 19.23 2.01
CA ASN B 55 -23.12 19.52 1.17
C ASN B 55 -22.84 19.14 -0.28
N MET B 56 -22.36 17.91 -0.48
CA MET B 56 -21.99 17.40 -1.79
C MET B 56 -22.56 16.00 -2.03
N LYS B 57 -22.52 15.59 -3.28
CA LYS B 57 -22.88 14.25 -3.70
C LYS B 57 -21.68 13.55 -4.30
N GLN B 58 -21.76 12.22 -4.40
CA GLN B 58 -20.73 11.42 -5.07
C GLN B 58 -20.28 12.04 -6.39
N CYS B 59 -21.25 12.38 -7.24
CA CYS B 59 -20.99 12.92 -8.57
C CYS B 59 -20.15 14.20 -8.56
N ASP B 60 -20.14 14.90 -7.43
CA ASP B 60 -19.34 16.12 -7.29
C ASP B 60 -17.86 15.84 -6.99
N LEU B 61 -17.51 14.58 -6.72
CA LEU B 61 -16.11 14.22 -6.49
C LEU B 61 -15.39 13.95 -7.80
N GLN B 62 -14.18 14.49 -7.93
CA GLN B 62 -13.37 14.27 -9.12
C GLN B 62 -12.07 13.52 -8.85
N ALA B 63 -11.84 13.14 -7.59
CA ALA B 63 -10.65 12.36 -7.23
C ALA B 63 -10.79 11.71 -5.87
N LEU B 64 -10.02 10.64 -5.65
CA LEU B 64 -10.01 9.92 -4.40
C LEU B 64 -8.62 9.39 -4.09
N ILE B 65 -8.11 9.73 -2.91
CA ILE B 65 -6.82 9.25 -2.46
C ILE B 65 -7.01 8.48 -1.15
N ALA B 66 -6.36 7.33 -1.05
CA ALA B 66 -6.44 6.51 0.17
C ALA B 66 -5.09 5.95 0.59
N VAL B 67 -5.05 5.44 1.82
CA VAL B 67 -3.86 4.83 2.39
C VAL B 67 -4.16 3.35 2.66
N PRO B 68 -3.11 2.49 2.62
CA PRO B 68 -3.35 1.05 2.79
C PRO B 68 -3.84 0.67 4.19
N SER B 69 -4.47 -0.51 4.26
CA SER B 69 -4.97 -1.08 5.51
C SER B 69 -4.13 -2.29 5.92
N LEU B 70 -3.87 -2.43 7.22
CA LEU B 70 -3.16 -3.59 7.75
C LEU B 70 -4.12 -4.77 7.96
N ALA B 71 -5.33 -4.49 8.45
CA ALA B 71 -6.33 -5.52 8.69
C ALA B 71 -6.75 -6.23 7.39
N SER B 72 -6.96 -5.45 6.33
CA SER B 72 -7.36 -5.98 5.03
C SER B 72 -6.45 -5.40 3.94
N PRO B 73 -5.22 -5.91 3.83
CA PRO B 73 -4.35 -5.41 2.76
C PRO B 73 -4.97 -5.69 1.40
N GLN B 74 -4.96 -4.68 0.54
CA GLN B 74 -5.68 -4.76 -0.72
C GLN B 74 -4.92 -4.05 -1.83
N PHE B 75 -4.74 -4.78 -2.92
CA PHE B 75 -4.17 -4.26 -4.17
C PHE B 75 -4.98 -3.06 -4.63
N MET B 76 -4.30 -1.97 -4.97
CA MET B 76 -4.95 -0.73 -5.42
C MET B 76 -6.10 -0.37 -4.48
N GLN B 77 -5.75 -0.17 -3.21
CA GLN B 77 -6.73 0.01 -2.13
C GLN B 77 -7.78 1.08 -2.46
N ALA B 78 -7.32 2.24 -2.90
CA ALA B 78 -8.20 3.36 -3.24
C ALA B 78 -9.22 2.96 -4.31
N HIS B 79 -8.76 2.28 -5.34
CA HIS B 79 -9.66 1.79 -6.41
C HIS B 79 -10.66 0.79 -5.86
N HIS B 80 -10.19 -0.12 -5.01
CA HIS B 80 -11.05 -1.13 -4.40
C HIS B 80 -12.16 -0.48 -3.60
N ILE B 81 -11.79 0.45 -2.72
CA ILE B 81 -12.76 1.18 -1.89
C ILE B 81 -13.76 1.93 -2.76
N ALA B 82 -13.25 2.64 -3.76
CA ALA B 82 -14.09 3.43 -4.65
C ALA B 82 -15.11 2.57 -5.42
N THR B 83 -14.69 1.37 -5.80
CA THR B 83 -15.54 0.45 -6.57
C THR B 83 -16.65 -0.11 -5.71
N VAL B 84 -16.27 -0.62 -4.53
CA VAL B 84 -17.23 -1.22 -3.60
C VAL B 84 -18.24 -0.18 -3.08
N ALA B 85 -17.76 1.05 -2.86
CA ALA B 85 -18.63 2.14 -2.41
C ALA B 85 -19.59 2.64 -3.50
N GLY B 86 -19.39 2.21 -4.74
CA GLY B 86 -20.32 2.49 -5.83
C GLY B 86 -20.13 3.85 -6.50
N LEU B 87 -18.90 4.33 -6.53
CA LEU B 87 -18.59 5.61 -7.19
C LEU B 87 -18.61 5.49 -8.71
N PHE B 88 -18.44 4.26 -9.22
CA PHE B 88 -18.42 4.02 -10.66
C PHE B 88 -19.74 3.42 -11.14
N PRO B 89 -20.16 3.75 -12.38
CA PRO B 89 -19.46 4.58 -13.36
C PRO B 89 -19.61 6.07 -13.10
N THR B 90 -18.58 6.85 -13.42
CA THR B 90 -18.61 8.30 -13.30
C THR B 90 -18.78 8.95 -14.67
N LYS B 91 -19.23 10.21 -14.66
CA LYS B 91 -19.33 11.08 -15.83
C LYS B 91 -18.16 12.06 -15.73
N GLY B 92 -17.39 12.19 -16.81
CA GLY B 92 -16.14 12.93 -16.77
C GLY B 92 -15.04 12.21 -16.00
N LYS B 93 -14.03 12.98 -15.61
CA LYS B 93 -12.78 12.41 -15.14
C LYS B 93 -12.77 12.17 -13.63
N PHE B 94 -12.17 11.05 -13.25
CA PHE B 94 -12.03 10.68 -11.85
C PHE B 94 -10.65 10.08 -11.64
N ILE B 95 -9.83 10.71 -10.80
CA ILE B 95 -8.46 10.27 -10.56
C ILE B 95 -8.37 9.59 -9.19
N VAL B 96 -7.95 8.32 -9.19
CA VAL B 96 -7.86 7.54 -7.97
C VAL B 96 -6.39 7.15 -7.72
N ARG B 97 -6.03 7.05 -6.45
CA ARG B 97 -4.64 6.89 -6.07
C ARG B 97 -4.51 6.37 -4.64
N THR B 98 -3.63 5.39 -4.44
CA THR B 98 -3.28 4.92 -3.10
C THR B 98 -1.83 5.31 -2.79
N VAL B 99 -1.60 5.86 -1.60
CA VAL B 99 -0.26 6.31 -1.19
C VAL B 99 0.10 5.69 0.16
N ASP B 100 1.37 5.33 0.31
CA ASP B 100 1.86 4.74 1.56
C ASP B 100 3.09 5.50 2.09
N THR B 101 2.86 6.30 3.12
CA THR B 101 3.95 6.88 3.92
C THR B 101 3.69 6.58 5.40
N GLY B 102 3.14 5.40 5.68
CA GLY B 102 2.78 5.02 7.04
C GLY B 102 1.73 5.96 7.62
N GLY B 103 1.88 6.27 8.92
CA GLY B 103 0.98 7.18 9.61
C GLY B 103 1.07 8.64 9.18
N ALA B 104 2.06 8.96 8.35
CA ALA B 104 2.13 10.28 7.73
C ALA B 104 1.12 10.41 6.59
N GLY B 105 0.68 9.27 6.07
CA GLY B 105 -0.21 9.17 4.91
C GLY B 105 -1.31 10.18 4.74
N PRO B 106 -2.19 10.31 5.74
CA PRO B 106 -3.34 11.21 5.60
C PRO B 106 -2.95 12.66 5.31
N ILE B 107 -1.82 13.12 5.86
CA ILE B 107 -1.35 14.48 5.60
C ILE B 107 -0.57 14.52 4.28
N THR B 108 0.17 13.46 3.97
CA THR B 108 0.78 13.32 2.64
C THR B 108 -0.32 13.41 1.57
N ALA B 109 -1.38 12.63 1.74
CA ALA B 109 -2.52 12.63 0.81
C ALA B 109 -3.17 14.00 0.72
N LEU B 110 -3.22 14.72 1.85
CA LEU B 110 -3.76 16.07 1.87
C LEU B 110 -2.96 17.00 0.96
N GLY B 111 -1.63 16.88 1.01
CA GLY B 111 -0.75 17.68 0.15
C GLY B 111 -0.97 17.37 -1.32
N MET B 112 -1.13 16.09 -1.64
CA MET B 112 -1.42 15.66 -3.00
C MET B 112 -2.75 16.19 -3.49
N ALA B 113 -3.76 16.20 -2.61
CA ALA B 113 -5.08 16.71 -2.95
C ALA B 113 -5.01 18.18 -3.32
N VAL B 114 -4.29 18.95 -2.51
CA VAL B 114 -4.04 20.36 -2.80
C VAL B 114 -3.40 20.50 -4.19
N ASP B 115 -2.40 19.66 -4.44
CA ASP B 115 -1.69 19.69 -5.72
C ASP B 115 -2.59 19.38 -6.92
N LEU B 116 -3.50 18.41 -6.77
CA LEU B 116 -4.45 18.08 -7.83
C LEU B 116 -5.39 19.25 -8.13
N VAL B 117 -5.77 19.99 -7.10
CA VAL B 117 -6.62 21.16 -7.28
C VAL B 117 -5.87 22.29 -7.98
N ARG B 118 -4.66 22.60 -7.50
CA ARG B 118 -3.88 23.71 -8.06
C ARG B 118 -3.48 23.51 -9.51
N THR B 119 -3.15 22.26 -9.89
CA THR B 119 -2.82 21.92 -11.28
C THR B 119 -4.06 21.66 -12.14
N ARG B 120 -5.24 21.76 -11.53
CA ARG B 120 -6.53 21.59 -12.22
C ARG B 120 -6.74 20.19 -12.80
N CYS B 121 -6.14 19.19 -12.17
CA CYS B 121 -6.41 17.80 -12.50
C CYS B 121 -7.74 17.36 -11.89
N ALA B 122 -8.10 17.95 -10.76
CA ALA B 122 -9.36 17.65 -10.09
C ALA B 122 -9.80 18.81 -9.22
N GLU B 123 -11.04 19.26 -9.40
CA GLU B 123 -11.59 20.38 -8.63
C GLU B 123 -11.91 19.99 -7.17
N THR B 124 -12.28 18.72 -6.96
CA THR B 124 -12.57 18.21 -5.63
C THR B 124 -11.93 16.84 -5.41
N VAL B 125 -11.43 16.60 -4.20
CA VAL B 125 -10.68 15.39 -3.87
C VAL B 125 -11.14 14.82 -2.54
N ALA B 126 -11.46 13.53 -2.52
CA ALA B 126 -11.74 12.83 -1.25
C ALA B 126 -10.46 12.16 -0.76
N VAL B 127 -10.14 12.34 0.52
CA VAL B 127 -9.00 11.68 1.14
C VAL B 127 -9.54 10.74 2.21
N ILE B 128 -9.25 9.45 2.09
CA ILE B 128 -9.82 8.44 2.97
C ILE B 128 -8.74 7.57 3.62
N ALA B 129 -8.88 7.34 4.92
CA ALA B 129 -8.07 6.35 5.63
C ALA B 129 -9.00 5.49 6.49
N ALA B 130 -8.82 4.17 6.41
CA ALA B 130 -9.68 3.23 7.11
C ALA B 130 -8.90 1.98 7.51
N ASP B 131 -9.14 1.49 8.73
CA ASP B 131 -8.55 0.23 9.17
C ASP B 131 -9.31 -0.38 10.33
N ALA B 132 -8.99 -1.64 10.65
CA ALA B 132 -9.68 -2.40 11.68
C ALA B 132 -8.71 -3.29 12.44
N VAL B 133 -7.66 -2.69 13.00
CA VAL B 133 -6.59 -3.45 13.63
C VAL B 133 -6.91 -3.96 15.05
N LEU B 134 -8.03 -3.52 15.62
CA LEU B 134 -8.48 -4.07 16.90
C LEU B 134 -9.33 -5.33 16.65
N SER B 135 -10.22 -5.27 15.67
CA SER B 135 -11.06 -6.42 15.32
C SER B 135 -10.29 -7.57 14.66
N MET B 136 -9.12 -7.29 14.09
CA MET B 136 -8.36 -8.31 13.37
C MET B 136 -7.74 -9.37 14.29
N GLY B 137 -7.61 -9.06 15.58
CA GLY B 137 -7.05 -10.01 16.55
C GLY B 137 -5.57 -9.77 16.82
N SER B 138 -5.18 -9.97 18.08
CA SER B 138 -3.82 -9.65 18.55
C SER B 138 -2.74 -10.43 17.80
N GLY B 139 -3.02 -11.69 17.52
CA GLY B 139 -2.06 -12.57 16.87
C GLY B 139 -1.74 -12.14 15.44
N ALA B 140 -2.79 -11.86 14.67
CA ALA B 140 -2.63 -11.40 13.29
C ALA B 140 -1.98 -10.02 13.24
N PHE B 141 -2.40 -9.11 14.13
CA PHE B 141 -1.83 -7.77 14.18
C PHE B 141 -0.33 -7.82 14.45
N ALA B 142 0.06 -8.53 15.50
CA ALA B 142 1.45 -8.65 15.91
C ALA B 142 2.30 -9.19 14.76
N GLU B 143 1.81 -10.23 14.08
CA GLU B 143 2.53 -10.85 12.98
C GLU B 143 2.73 -9.90 11.80
N ARG B 144 1.68 -9.19 11.41
CA ARG B 144 1.74 -8.27 10.27
C ARG B 144 2.51 -6.99 10.58
N SER B 145 2.31 -6.45 11.78
CA SER B 145 3.06 -5.26 12.21
C SER B 145 4.56 -5.56 12.34
N ASN B 146 4.91 -6.75 12.83
CA ASN B 146 6.32 -7.16 12.90
C ASN B 146 6.92 -7.45 11.52
N ALA B 147 6.13 -8.09 10.66
CA ALA B 147 6.55 -8.37 9.29
C ALA B 147 6.85 -7.09 8.51
N SER B 148 6.21 -5.99 8.91
CA SER B 148 6.48 -4.67 8.33
C SER B 148 7.94 -4.22 8.49
N LEU B 149 8.63 -4.75 9.50
CA LEU B 149 10.04 -4.39 9.72
C LEU B 149 11.00 -5.57 9.47
N ARG B 150 10.87 -6.22 8.31
CA ARG B 150 11.86 -7.22 7.89
C ARG B 150 13.22 -6.55 7.66
N ARG B 151 14.32 -7.28 7.90
CA ARG B 151 15.68 -6.78 7.65
C ARG B 151 16.16 -5.68 8.62
N SER B 152 15.35 -5.36 9.65
CA SER B 152 15.68 -4.32 10.62
C SER B 152 16.58 -4.85 11.74
N GLY B 153 16.43 -6.13 12.09
CA GLY B 153 17.16 -6.74 13.19
C GLY B 153 16.55 -6.44 14.55
N LEU B 154 15.36 -5.82 14.55
CA LEU B 154 14.69 -5.44 15.78
C LEU B 154 13.97 -6.65 16.37
N PRO B 155 14.08 -6.84 17.70
CA PRO B 155 13.30 -7.88 18.37
C PRO B 155 11.82 -7.54 18.43
N GLU B 156 10.98 -8.56 18.60
CA GLU B 156 9.54 -8.38 18.61
C GLU B 156 9.03 -7.89 19.97
N PRO B 157 8.00 -7.02 19.99
CA PRO B 157 7.37 -6.36 18.84
C PRO B 157 8.30 -5.30 18.25
N CYS B 158 8.46 -5.30 16.93
CA CYS B 158 9.54 -4.55 16.28
C CYS B 158 9.37 -3.02 16.33
N ILE B 159 8.15 -2.54 16.06
CA ILE B 159 7.91 -1.10 16.02
C ILE B 159 8.16 -0.42 17.37
N PRO B 160 7.59 -0.98 18.47
CA PRO B 160 7.93 -0.46 19.80
C PRO B 160 9.43 -0.49 20.10
N HIS B 161 10.09 -1.58 19.75
CA HIS B 161 11.54 -1.71 19.99
C HIS B 161 12.35 -0.70 19.17
N GLY B 162 11.87 -0.40 17.97
CA GLY B 162 12.51 0.60 17.12
C GLY B 162 12.46 1.99 17.75
N TYR B 163 11.27 2.38 18.21
CA TYR B 163 11.09 3.66 18.89
C TYR B 163 11.79 3.68 20.25
N ASP B 164 11.80 2.54 20.92
CA ASP B 164 12.50 2.41 22.19
C ASP B 164 14.00 2.71 22.04
N ARG B 165 14.59 2.26 20.93
CA ARG B 165 16.00 2.50 20.66
C ARG B 165 16.30 4.01 20.51
N TYR B 166 15.37 4.75 19.90
CA TYR B 166 15.50 6.21 19.80
C TYR B 166 15.27 6.91 21.15
N ALA B 167 14.35 6.36 21.95
CA ALA B 167 14.10 6.90 23.28
C ALA B 167 15.35 6.79 24.16
N GLN B 168 16.00 5.62 24.14
CA GLN B 168 17.24 5.40 24.90
C GLN B 168 18.36 6.34 24.46
N TRP B 169 18.41 6.63 23.16
CA TRP B 169 19.39 7.56 22.61
C TRP B 169 19.13 8.98 23.09
N TYR B 170 17.86 9.36 23.20
CA TYR B 170 17.48 10.66 23.76
C TYR B 170 17.88 10.76 25.23
N MET B 171 17.71 9.68 25.97
CA MET B 171 18.07 9.64 27.39
C MET B 171 19.57 9.85 27.58
N SER B 172 20.36 9.14 26.77
CA SER B 172 21.82 9.24 26.82
C SER B 172 22.32 10.60 26.33
N ARG B 173 21.77 11.05 25.20
CA ARG B 173 22.21 12.28 24.54
C ARG B 173 21.80 13.54 25.31
N TYR B 174 20.51 13.67 25.61
CA TYR B 174 19.95 14.90 26.17
C TYR B 174 19.59 14.81 27.65
N GLY B 175 19.76 13.64 28.27
CA GLY B 175 19.41 13.46 29.67
C GLY B 175 17.92 13.33 29.91
N LEU B 176 17.17 12.90 28.91
CA LEU B 176 15.74 12.64 29.06
C LEU B 176 15.53 11.59 30.14
N LYS B 177 14.56 11.82 31.02
CA LYS B 177 14.31 10.92 32.15
C LYS B 177 13.22 9.91 31.80
N ARG B 178 13.34 8.70 32.34
CA ARG B 178 12.36 7.64 32.14
C ARG B 178 10.94 8.08 32.49
N GLU B 179 10.81 8.83 33.59
CA GLU B 179 9.49 9.26 34.06
C GLU B 179 8.85 10.29 33.12
N GLN B 180 9.68 11.02 32.38
CA GLN B 180 9.18 12.03 31.44
C GLN B 180 8.54 11.40 30.20
N LEU B 181 9.06 10.25 29.78
CA LEU B 181 8.40 9.45 28.74
C LEU B 181 7.04 9.00 29.23
N ALA B 182 7.00 8.43 30.44
CA ALA B 182 5.76 7.92 31.04
C ALA B 182 4.70 9.00 31.30
N MET B 183 5.12 10.27 31.39
CA MET B 183 4.18 11.37 31.58
C MET B 183 3.31 11.64 30.34
N VAL B 184 3.78 11.21 29.16
CA VAL B 184 3.05 11.46 27.92
C VAL B 184 1.66 10.80 27.94
N PRO B 185 1.58 9.47 28.18
CA PRO B 185 0.25 8.86 28.25
C PRO B 185 -0.63 9.37 29.39
N VAL B 186 -0.01 9.85 30.47
CA VAL B 186 -0.76 10.47 31.56
C VAL B 186 -1.48 11.71 31.04
N LEU B 187 -0.73 12.59 30.39
CA LEU B 187 -1.28 13.83 29.84
C LEU B 187 -2.33 13.54 28.76
N MET B 188 -2.06 12.56 27.90
CA MET B 188 -2.99 12.17 26.86
C MET B 188 -4.27 11.55 27.43
N SER B 189 -4.14 10.80 28.52
CA SER B 189 -5.30 10.18 29.18
C SER B 189 -6.18 11.22 29.85
N LYS B 190 -5.57 12.31 30.33
CA LYS B 190 -6.32 13.44 30.88
C LYS B 190 -7.14 14.14 29.80
N MET B 191 -6.59 14.23 28.59
CA MET B 191 -7.31 14.79 27.45
C MET B 191 -8.41 13.85 27.00
N ALA B 192 -8.07 12.57 26.88
CA ALA B 192 -8.98 11.54 26.36
C ALA B 192 -10.28 11.42 27.17
N GLU B 193 -10.18 11.53 28.48
CA GLU B 193 -11.36 11.35 29.33
C GLU B 193 -12.40 12.46 29.20
N ARG B 194 -12.02 13.57 28.55
CA ARG B 194 -12.98 14.63 28.20
C ARG B 194 -13.60 14.44 26.81
N HIS B 195 -13.08 13.48 26.04
CA HIS B 195 -13.64 13.15 24.73
C HIS B 195 -14.54 11.93 24.88
N PRO B 196 -15.86 12.07 24.62
CA PRO B 196 -16.83 10.98 24.78
C PRO B 196 -16.48 9.65 24.08
N GLU B 197 -15.85 9.73 22.92
CA GLU B 197 -15.54 8.56 22.11
C GLU B 197 -14.13 7.99 22.29
N ALA B 198 -13.25 8.69 23.01
CA ALA B 198 -11.89 8.21 23.23
C ALA B 198 -11.92 6.86 23.95
N MET B 199 -11.06 5.95 23.52
CA MET B 199 -11.06 4.58 24.06
C MET B 199 -10.59 4.51 25.51
N CYS B 200 -9.72 5.44 25.90
CA CYS B 200 -9.35 5.62 27.28
C CYS B 200 -10.31 6.63 27.92
N GLN B 201 -11.10 6.17 28.89
CA GLN B 201 -12.08 7.02 29.56
C GLN B 201 -11.73 7.35 31.02
N LYS B 202 -10.63 6.77 31.51
CA LYS B 202 -10.15 7.04 32.87
C LYS B 202 -8.66 7.35 32.82
N ALA B 203 -8.28 8.51 33.38
CA ALA B 203 -6.89 8.98 33.30
C ALA B 203 -5.95 8.07 34.08
N TYR B 204 -4.73 7.93 33.57
CA TYR B 204 -3.69 7.14 34.22
C TYR B 204 -2.97 7.96 35.27
N THR B 205 -2.35 7.28 36.24
CA THR B 205 -1.35 7.90 37.10
C THR B 205 0.02 7.54 36.56
N LEU B 206 1.03 8.30 36.94
CA LEU B 206 2.40 8.06 36.49
C LEU B 206 2.89 6.67 36.90
N ASP B 207 2.60 6.27 38.13
CA ASP B 207 2.99 4.94 38.63
C ASP B 207 2.29 3.83 37.86
N GLU B 208 1.03 4.05 37.52
CA GLU B 208 0.23 3.08 36.77
C GLU B 208 0.86 2.81 35.41
N VAL B 209 1.33 3.87 34.75
CA VAL B 209 2.06 3.76 33.48
C VAL B 209 3.39 3.03 33.68
N LEU B 210 4.14 3.44 34.70
CA LEU B 210 5.46 2.85 34.99
C LEU B 210 5.38 1.39 35.42
N HIS B 211 4.28 1.01 36.07
CA HIS B 211 4.11 -0.38 36.54
C HIS B 211 3.31 -1.25 35.57
N SER B 212 2.96 -0.72 34.40
CA SER B 212 2.25 -1.51 33.39
C SER B 212 3.23 -2.45 32.68
N ARG B 213 2.67 -3.41 31.96
CA ARG B 213 3.46 -4.46 31.31
C ARG B 213 4.56 -3.89 30.42
N CYS B 214 5.77 -4.44 30.58
CA CYS B 214 6.92 -4.00 29.81
C CYS B 214 6.87 -4.54 28.37
N VAL B 215 7.02 -3.66 27.39
CA VAL B 215 7.04 -4.04 25.99
C VAL B 215 8.45 -3.96 25.44
N ALA B 216 9.16 -2.90 25.80
CA ALA B 216 10.57 -2.72 25.49
C ALA B 216 11.25 -2.02 26.68
N PRO B 217 12.59 -2.06 26.77
CA PRO B 217 13.32 -1.60 27.97
C PRO B 217 12.81 -0.31 28.62
N VAL B 218 12.51 0.70 27.81
CA VAL B 218 11.98 1.97 28.34
C VAL B 218 10.59 2.30 27.78
N THR B 219 9.83 1.26 27.41
CA THR B 219 8.50 1.43 26.85
C THR B 219 7.54 0.38 27.40
N ASN B 220 6.52 0.82 28.12
CA ASN B 220 5.51 -0.07 28.69
C ASN B 220 4.20 -0.02 27.91
N LEU B 221 3.29 -0.93 28.26
CA LEU B 221 2.02 -1.10 27.55
C LEU B 221 1.21 0.18 27.44
N LEU B 222 1.06 0.92 28.53
CA LEU B 222 0.27 2.15 28.53
C LEU B 222 0.94 3.31 27.80
N GLU B 223 2.18 3.10 27.36
CA GLU B 223 2.89 4.05 26.50
C GLU B 223 2.80 3.70 25.00
N CYS B 224 2.18 2.57 24.68
CA CYS B 224 2.04 2.13 23.28
C CYS B 224 0.78 2.69 22.64
N ALA B 225 0.85 2.92 21.32
CA ALA B 225 -0.31 3.35 20.54
C ALA B 225 -1.46 2.35 20.71
N ARG B 226 -2.67 2.87 20.94
CA ARG B 226 -3.82 2.05 21.29
C ARG B 226 -4.53 1.51 20.05
N ARG B 227 -4.48 0.19 19.86
CA ARG B 227 -5.13 -0.48 18.73
C ARG B 227 -6.62 -0.16 18.66
N ALA B 228 -7.08 0.26 17.47
CA ALA B 228 -8.49 0.60 17.26
C ALA B 228 -8.92 0.34 15.82
N ASP B 229 -10.23 0.21 15.62
CA ASP B 229 -10.83 0.26 14.29
C ASP B 229 -11.32 1.69 14.08
N GLY B 230 -11.32 2.15 12.84
CA GLY B 230 -11.85 3.47 12.53
C GLY B 230 -11.56 3.91 11.11
N ALA B 231 -12.38 4.83 10.62
CA ALA B 231 -12.16 5.43 9.31
C ALA B 231 -12.52 6.90 9.34
N VAL B 232 -11.79 7.69 8.54
CA VAL B 232 -12.04 9.11 8.39
C VAL B 232 -11.95 9.48 6.92
N ALA B 233 -12.81 10.39 6.49
CA ALA B 233 -12.79 10.88 5.11
C ALA B 233 -12.80 12.40 5.11
N LEU B 234 -11.96 12.99 4.27
CA LEU B 234 -11.89 14.45 4.11
C LEU B 234 -12.23 14.82 2.68
N ILE B 235 -12.95 15.93 2.49
CA ILE B 235 -13.21 16.46 1.16
C ILE B 235 -12.41 17.75 1.00
N VAL B 236 -11.60 17.80 -0.04
CA VAL B 236 -10.75 18.96 -0.33
C VAL B 236 -11.23 19.62 -1.62
N SER B 237 -11.27 20.95 -1.61
CA SER B 237 -11.74 21.72 -2.77
C SER B 237 -11.17 23.12 -2.78
N GLY B 238 -11.07 23.70 -3.96
CA GLY B 238 -10.73 25.11 -4.10
C GLY B 238 -11.83 25.95 -3.47
N GLU B 239 -11.43 27.02 -2.80
CA GLU B 239 -12.38 27.91 -2.11
C GLU B 239 -13.44 28.45 -3.06
N ALA B 240 -13.00 28.99 -4.20
CA ALA B 240 -13.88 29.62 -5.17
C ALA B 240 -14.86 28.61 -5.78
N HIS B 241 -14.35 27.46 -6.18
CA HIS B 241 -15.19 26.41 -6.76
C HIS B 241 -16.28 25.97 -5.79
N TYR B 242 -15.93 25.83 -4.51
CA TYR B 242 -16.85 25.37 -3.47
C TYR B 242 -17.97 26.38 -3.22
N ALA B 243 -17.60 27.65 -3.12
CA ALA B 243 -18.56 28.74 -2.87
C ALA B 243 -19.56 28.88 -4.01
N GLU B 244 -19.09 28.72 -5.24
CA GLU B 244 -19.96 28.80 -6.43
C GLU B 244 -21.06 27.73 -6.44
N HIS B 245 -20.70 26.50 -6.09
CA HIS B 245 -21.59 25.35 -6.31
C HIS B 245 -22.25 24.79 -5.05
N PHE B 246 -21.58 24.85 -3.90
CA PHE B 246 -22.01 24.11 -2.71
C PHE B 246 -22.20 24.93 -1.44
N ALA B 247 -21.94 26.23 -1.49
CA ALA B 247 -22.18 27.10 -0.33
C ALA B 247 -23.54 27.77 -0.45
N GLY B 257 -15.62 29.11 8.13
CA GLY B 257 -14.20 29.45 8.12
C GLY B 257 -13.39 28.37 8.81
N GLY B 258 -13.49 28.30 10.13
CA GLY B 258 -12.78 27.29 10.91
C GLY B 258 -13.31 25.88 10.71
N SER B 259 -14.59 25.74 10.39
CA SER B 259 -15.18 24.42 10.14
C SER B 259 -14.77 23.87 8.79
N LYS B 260 -14.34 24.75 7.89
CA LYS B 260 -13.85 24.36 6.58
C LYS B 260 -12.52 25.07 6.29
N PRO B 261 -11.47 24.71 7.04
CA PRO B 261 -10.26 25.53 7.08
C PRO B 261 -9.43 25.51 5.80
N ILE B 262 -8.72 26.61 5.58
CA ILE B 262 -7.76 26.71 4.49
C ILE B 262 -6.56 25.84 4.80
N ILE B 263 -6.13 25.07 3.81
CA ILE B 263 -4.88 24.32 3.93
C ILE B 263 -3.78 25.31 3.56
N ALA B 264 -3.18 25.94 4.57
CA ALA B 264 -2.20 27.01 4.35
C ALA B 264 -0.91 26.47 3.74
N SER B 265 -0.49 25.30 4.22
CA SER B 265 0.69 24.63 3.67
C SER B 265 0.73 23.16 4.06
N VAL B 266 1.47 22.39 3.27
CA VAL B 266 1.78 21.00 3.57
C VAL B 266 3.23 20.77 3.17
N ALA B 267 4.00 20.12 4.03
CA ALA B 267 5.40 19.80 3.74
C ALA B 267 5.77 18.43 4.29
N GLU B 268 6.71 17.78 3.63
CA GLU B 268 7.14 16.45 4.02
C GLU B 268 8.65 16.32 4.07
N ALA B 269 9.10 15.30 4.79
CA ALA B 269 10.49 14.89 4.82
C ALA B 269 10.54 13.46 5.31
N SER B 270 11.65 12.77 5.07
CA SER B 270 11.73 11.33 5.34
C SER B 270 13.04 10.93 5.99
N GLY B 271 13.07 9.69 6.44
CA GLY B 271 14.23 9.10 7.08
C GLY B 271 14.21 7.60 6.94
N PRO B 272 15.21 6.92 7.51
CA PRO B 272 15.30 5.46 7.39
C PRO B 272 14.12 4.74 8.04
N LEU B 273 13.77 3.57 7.49
CA LEU B 273 12.59 2.83 7.95
C LEU B 273 12.80 2.26 9.36
N PHE B 274 14.06 1.97 9.69
CA PHE B 274 14.44 1.46 11.00
C PHE B 274 15.81 2.01 11.40
N PRO B 275 16.10 2.06 12.72
CA PRO B 275 17.36 2.64 13.18
C PRO B 275 18.60 1.79 12.85
N PRO B 276 19.80 2.39 12.95
CA PRO B 276 21.05 1.64 12.85
C PRO B 276 21.16 0.58 13.96
N ILE B 282 23.34 6.55 15.46
CA ILE B 282 22.17 7.44 15.41
C ILE B 282 22.60 8.89 15.48
N VAL B 283 22.15 9.67 14.51
CA VAL B 283 22.54 11.08 14.38
C VAL B 283 21.28 11.96 14.31
N PRO B 284 21.37 13.25 14.74
CA PRO B 284 20.16 14.09 14.77
C PRO B 284 19.54 14.42 13.41
N ASP B 285 20.31 14.30 12.33
CA ASP B 285 19.78 14.59 10.99
C ASP B 285 18.90 13.44 10.44
N ILE B 286 18.84 12.33 11.16
CA ILE B 286 17.89 11.26 10.86
C ILE B 286 16.45 11.75 11.00
N PHE B 287 16.21 12.55 12.04
CA PHE B 287 14.87 13.06 12.34
C PHE B 287 14.47 14.12 11.32
N SER B 288 13.24 13.97 10.81
CA SER B 288 12.79 14.77 9.67
C SER B 288 11.64 15.73 9.99
N CYS B 289 11.05 15.63 11.18
CA CYS B 289 9.92 16.47 11.54
C CYS B 289 10.24 17.96 11.56
N ARG B 290 11.45 18.30 12.02
CA ARG B 290 11.89 19.69 12.12
C ARG B 290 11.97 20.34 10.74
N HIS B 291 12.51 19.62 9.76
CA HIS B 291 12.64 20.14 8.40
CA HIS B 291 12.62 20.12 8.39
C HIS B 291 11.24 20.31 7.78
N ALA B 292 10.36 19.33 7.99
CA ALA B 292 8.99 19.38 7.48
C ALA B 292 8.23 20.53 8.12
N ALA B 293 8.36 20.68 9.42
CA ALA B 293 7.71 21.76 10.15
C ALA B 293 8.21 23.12 9.66
N ARG B 294 9.53 23.29 9.53
CA ARG B 294 10.11 24.54 9.06
C ARG B 294 9.63 24.91 7.66
N ASP B 295 9.57 23.93 6.77
CA ASP B 295 9.08 24.16 5.40
C ASP B 295 7.60 24.54 5.36
N ALA B 296 6.80 23.95 6.25
CA ALA B 296 5.37 24.26 6.35
C ALA B 296 5.16 25.69 6.83
N PHE B 297 5.95 26.11 7.82
CA PHE B 297 5.87 27.48 8.35
C PHE B 297 6.24 28.53 7.28
N LEU B 298 7.37 28.33 6.61
CA LEU B 298 7.81 29.21 5.53
C LEU B 298 6.79 29.29 4.40
N SER B 299 6.30 28.13 3.96
CA SER B 299 5.25 28.01 2.93
C SER B 299 4.02 28.84 3.28
N ALA B 300 3.60 28.75 4.54
CA ALA B 300 2.41 29.46 5.02
C ALA B 300 2.70 30.90 5.47
N ASN B 301 3.99 31.25 5.55
CA ASN B 301 4.42 32.56 6.07
C ASN B 301 3.91 32.78 7.49
N LEU B 302 4.18 31.80 8.36
CA LEU B 302 3.75 31.84 9.75
C LEU B 302 4.87 31.33 10.66
N ASN B 303 4.69 31.52 11.96
CA ASN B 303 5.62 31.00 12.95
C ASN B 303 4.85 30.26 14.04
N VAL B 304 5.59 29.55 14.90
CA VAL B 304 4.96 28.71 15.93
C VAL B 304 4.05 29.51 16.87
N GLY B 305 4.43 30.75 17.16
CA GLY B 305 3.64 31.62 18.03
C GLY B 305 2.28 32.00 17.46
N ASP B 306 2.12 31.87 16.15
CA ASP B 306 0.82 32.09 15.50
C ASP B 306 -0.11 30.88 15.61
N ILE B 307 0.43 29.72 16.01
CA ILE B 307 -0.34 28.49 16.08
C ILE B 307 -0.80 28.24 17.51
N HIS B 308 -2.11 28.03 17.70
CA HIS B 308 -2.67 27.79 19.04
C HIS B 308 -3.40 26.46 19.23
N PHE B 309 -3.31 25.57 18.24
CA PHE B 309 -3.64 24.16 18.45
C PHE B 309 -2.66 23.28 17.70
N PHE B 310 -2.24 22.20 18.34
CA PHE B 310 -1.30 21.26 17.75
C PHE B 310 -1.85 19.84 17.82
N GLY B 311 -2.00 19.21 16.65
CA GLY B 311 -2.33 17.79 16.56
C GLY B 311 -1.06 17.05 16.20
N LEU B 312 -0.38 16.51 17.22
CA LEU B 312 0.96 15.94 17.04
C LEU B 312 0.98 14.43 17.22
N TYR B 313 1.49 13.73 16.21
CA TYR B 313 1.59 12.27 16.22
C TYR B 313 2.31 11.79 17.48
N ASP B 314 1.71 10.81 18.16
CA ASP B 314 2.21 10.34 19.45
C ASP B 314 2.09 8.82 19.58
N CYS B 315 2.58 8.10 18.58
CA CYS B 315 2.53 6.63 18.62
C CYS B 315 3.25 6.06 19.85
N PHE B 316 4.33 6.72 20.25
CA PHE B 316 5.03 6.46 21.50
C PHE B 316 5.50 7.78 22.11
N PRO B 317 5.76 7.80 23.43
CA PRO B 317 6.15 9.06 24.10
C PRO B 317 7.27 9.82 23.40
N ILE B 318 8.30 9.11 22.96
CA ILE B 318 9.45 9.73 22.29
C ILE B 318 9.05 10.47 21.01
N CYS B 319 7.99 9.99 20.35
CA CYS B 319 7.50 10.65 19.14
C CYS B 319 6.91 12.04 19.45
N LEU B 320 6.12 12.13 20.52
CA LEU B 320 5.53 13.40 20.91
C LEU B 320 6.58 14.35 21.49
N ILE B 321 7.49 13.79 22.29
CA ILE B 321 8.59 14.56 22.87
C ILE B 321 9.44 15.19 21.77
N GLN B 322 9.75 14.43 20.73
CA GLN B 322 10.49 14.95 19.59
C GLN B 322 9.67 15.93 18.76
N ALA B 323 8.36 15.71 18.70
CA ALA B 323 7.45 16.56 17.93
C ALA B 323 7.40 17.99 18.46
N VAL B 324 7.22 18.14 19.77
CA VAL B 324 7.13 19.48 20.39
C VAL B 324 8.43 20.28 20.21
N GLU B 325 9.56 19.58 20.22
CA GLU B 325 10.84 20.19 19.92
C GLU B 325 10.92 20.58 18.43
N ALA B 326 10.54 19.65 17.56
CA ALA B 326 10.65 19.83 16.11
C ALA B 326 9.83 21.01 15.60
N VAL B 327 8.62 21.20 16.13
CA VAL B 327 7.74 22.30 15.70
C VAL B 327 8.01 23.60 16.44
N GLY B 328 8.88 23.57 17.45
CA GLY B 328 9.36 24.79 18.11
C GLY B 328 8.56 25.24 19.32
N LEU B 329 7.79 24.33 19.91
CA LEU B 329 7.09 24.61 21.18
C LEU B 329 8.07 24.69 22.35
N CYS B 330 9.22 24.04 22.20
CA CYS B 330 10.30 24.13 23.16
C CYS B 330 11.64 23.88 22.47
N PRO B 331 12.76 24.22 23.13
CA PRO B 331 14.08 23.99 22.53
C PRO B 331 14.42 22.50 22.36
N GLU B 332 15.39 22.24 21.48
CA GLU B 332 15.91 20.89 21.29
C GLU B 332 16.38 20.30 22.64
N GLY B 333 16.04 19.04 22.88
CA GLY B 333 16.38 18.36 24.13
C GLY B 333 15.52 18.69 25.35
N LYS B 334 14.57 19.62 25.20
CA LYS B 334 13.75 20.07 26.34
C LYS B 334 12.32 19.53 26.31
N GLY B 335 12.05 18.59 25.41
CA GLY B 335 10.71 18.03 25.27
C GLY B 335 10.23 17.26 26.49
N GLY B 336 11.14 16.51 27.11
CA GLY B 336 10.84 15.79 28.35
C GLY B 336 10.44 16.72 29.47
N GLU B 337 11.16 17.84 29.57
CA GLU B 337 10.87 18.86 30.59
C GLU B 337 9.58 19.61 30.27
N PHE B 338 9.28 19.74 28.99
CA PHE B 338 8.02 20.32 28.54
C PHE B 338 6.85 19.47 29.06
N MET B 339 7.00 18.16 29.01
CA MET B 339 5.98 17.24 29.54
C MET B 339 5.87 17.36 31.06
N GLU B 340 7.02 17.42 31.74
CA GLU B 340 7.04 17.49 33.21
C GLU B 340 6.41 18.77 33.75
N THR B 341 6.72 19.90 33.10
CA THR B 341 6.10 21.18 33.43
C THR B 341 4.58 21.09 33.39
N ALA B 342 4.04 20.49 32.32
CA ALA B 342 2.59 20.36 32.16
C ALA B 342 2.01 19.37 33.17
N TYR B 343 2.74 18.29 33.42
CA TYR B 343 2.36 17.28 34.40
C TYR B 343 2.28 17.86 35.82
N ASN B 344 3.29 18.64 36.20
CA ASN B 344 3.31 19.30 37.52
C ASN B 344 2.21 20.33 37.69
N GLU B 345 2.00 21.14 36.65
CA GLU B 345 0.91 22.13 36.65
C GLU B 345 -0.45 21.45 36.74
N MET B 346 -0.55 20.26 36.13
CA MET B 346 -1.76 19.45 36.21
C MET B 346 -2.01 18.98 37.65
N LEU B 347 -0.96 18.50 38.31
CA LEU B 347 -1.06 18.06 39.71
C LEU B 347 -1.42 19.21 40.65
N ASN B 348 -0.81 20.38 40.42
CA ASN B 348 -1.09 21.58 41.23
C ASN B 348 -2.40 22.30 40.86
N ASN B 349 -3.14 21.75 39.91
CA ASN B 349 -4.44 22.29 39.51
C ASN B 349 -5.56 21.29 39.83
N GLY B 350 -5.39 20.53 40.90
CA GLY B 350 -6.38 19.55 41.34
C GLY B 350 -6.55 18.38 40.37
N GLY B 351 -5.46 17.99 39.72
CA GLY B 351 -5.48 16.90 38.74
C GLY B 351 -6.11 17.24 37.41
N VAL B 352 -6.41 18.52 37.18
CA VAL B 352 -7.05 18.98 35.94
C VAL B 352 -5.99 19.52 34.98
N LEU B 353 -5.96 18.97 33.77
CA LEU B 353 -5.08 19.45 32.71
C LEU B 353 -5.81 20.50 31.87
N ASP B 354 -5.45 21.76 32.08
CA ASP B 354 -6.06 22.87 31.33
C ASP B 354 -5.52 22.86 29.91
N PRO B 355 -6.42 22.75 28.91
CA PRO B 355 -5.99 22.74 27.51
C PRO B 355 -5.22 23.99 27.07
N SER B 356 -5.54 25.15 27.64
CA SER B 356 -4.85 26.40 27.30
C SER B 356 -3.35 26.37 27.63
N LYS B 357 -2.98 25.61 28.67
CA LYS B 357 -1.58 25.47 29.06
C LYS B 357 -0.88 24.32 28.32
N PHE B 358 -1.65 23.49 27.63
CA PHE B 358 -1.12 22.35 26.88
C PHE B 358 -2.04 22.08 25.69
N PRO B 359 -2.03 22.97 24.67
CA PRO B 359 -2.99 22.93 23.58
C PRO B 359 -2.61 21.90 22.52
N ILE B 360 -2.50 20.65 22.95
CA ILE B 360 -1.94 19.57 22.14
C ILE B 360 -2.79 18.31 22.28
N ASN B 361 -3.19 17.72 21.16
CA ASN B 361 -3.92 16.45 21.15
C ASN B 361 -5.04 16.42 22.19
N THR B 362 -5.91 17.42 22.13
CA THR B 362 -7.01 17.52 23.09
C THR B 362 -8.00 16.34 23.00
N HIS B 363 -7.90 15.57 21.92
CA HIS B 363 -8.67 14.33 21.75
C HIS B 363 -8.10 13.13 22.50
N GLY B 364 -6.80 13.13 22.76
CA GLY B 364 -6.13 12.02 23.46
C GLY B 364 -5.06 11.33 22.63
N GLY B 365 -5.02 11.63 21.33
CA GLY B 365 -3.99 11.12 20.43
C GLY B 365 -4.01 9.62 20.23
N LEU B 366 -2.95 9.10 19.63
CA LEU B 366 -2.79 7.65 19.43
C LEU B 366 -2.72 6.90 20.76
N GLN B 367 -2.19 7.56 21.78
CA GLN B 367 -2.03 6.96 23.10
C GLN B 367 -3.37 6.60 23.75
N CYS B 368 -4.32 7.52 23.66
CA CYS B 368 -5.56 7.41 24.45
C CYS B 368 -6.88 7.65 23.71
N PHE B 369 -6.83 8.23 22.51
CA PHE B 369 -8.03 8.29 21.66
C PHE B 369 -8.15 6.99 20.87
N GLY B 370 -7.08 6.64 20.14
CA GLY B 370 -7.04 5.40 19.37
C GLY B 370 -6.14 5.51 18.16
N ALA B 371 -5.67 4.36 17.67
CA ALA B 371 -4.68 4.32 16.58
C ALA B 371 -4.96 3.19 15.59
N PRO B 372 -5.84 3.45 14.60
CA PRO B 372 -6.06 2.48 13.53
C PRO B 372 -4.96 2.51 12.46
N TRP B 373 -3.77 2.05 12.82
CA TRP B 373 -2.63 1.92 11.89
C TRP B 373 -2.27 3.25 11.20
N GLU B 374 -2.58 3.42 9.91
CA GLU B 374 -2.24 4.65 9.18
C GLU B 374 -3.33 5.73 9.25
N VAL B 375 -4.38 5.49 10.02
CA VAL B 375 -5.52 6.41 10.11
C VAL B 375 -5.31 7.63 11.04
N PRO B 376 -4.70 7.42 12.23
CA PRO B 376 -4.94 8.38 13.30
C PRO B 376 -4.43 9.82 13.12
N ALA B 377 -3.54 10.06 12.15
CA ALA B 377 -3.18 11.45 11.80
C ALA B 377 -4.42 12.22 11.37
N MET B 378 -5.42 11.51 10.84
CA MET B 378 -6.72 12.09 10.54
C MET B 378 -7.39 12.73 11.76
N TYR B 379 -7.18 12.14 12.94
CA TYR B 379 -7.80 12.64 14.16
C TYR B 379 -7.14 13.94 14.66
N ASN B 380 -5.87 14.14 14.32
CA ASN B 380 -5.21 15.43 14.50
C ASN B 380 -5.90 16.50 13.66
N ILE B 381 -6.30 16.14 12.45
CA ILE B 381 -7.02 17.06 11.56
C ILE B 381 -8.43 17.33 12.06
N THR B 382 -9.16 16.29 12.45
CA THR B 382 -10.55 16.44 12.87
C THR B 382 -10.66 17.19 14.20
N GLU B 383 -9.72 16.91 15.11
CA GLU B 383 -9.68 17.62 16.39
C GLU B 383 -9.28 19.08 16.20
N ALA B 384 -8.37 19.34 15.27
CA ALA B 384 -8.01 20.71 14.90
C ALA B 384 -9.23 21.48 14.38
N ILE B 385 -9.98 20.86 13.49
CA ILE B 385 -11.18 21.49 12.92
C ILE B 385 -12.24 21.74 13.99
N ALA B 386 -12.40 20.79 14.91
CA ALA B 386 -13.32 20.97 16.03
C ALA B 386 -12.93 22.20 16.85
N GLN B 387 -11.65 22.33 17.16
CA GLN B 387 -11.14 23.49 17.91
C GLN B 387 -11.32 24.80 17.13
N LEU B 388 -10.98 24.79 15.85
CA LEU B 388 -11.07 25.99 15.01
C LEU B 388 -12.51 26.46 14.81
N SER B 389 -13.46 25.52 14.82
CA SER B 389 -14.87 25.84 14.62
C SER B 389 -15.62 26.05 15.93
N GLU B 390 -14.91 25.95 17.06
CA GLU B 390 -15.51 26.08 18.39
C GLU B 390 -16.58 25.00 18.61
N GLU B 391 -16.23 23.76 18.27
CA GLU B 391 -17.15 22.62 18.42
C GLU B 391 -16.45 21.45 19.12
N ALA B 392 -15.53 21.76 20.01
CA ALA B 392 -14.76 20.74 20.73
C ALA B 392 -15.29 20.47 22.15
N GLY B 393 -16.44 21.05 22.48
CA GLY B 393 -17.14 20.75 23.75
C GLY B 393 -16.37 21.13 25.01
N ASP B 394 -16.17 20.14 25.88
CA ASP B 394 -15.44 20.35 27.14
C ASP B 394 -13.93 20.47 26.93
N ARG B 395 -13.47 20.12 25.73
CA ARG B 395 -12.06 20.19 25.37
C ARG B 395 -11.71 21.54 24.75
N GLN B 396 -12.72 22.39 24.56
CA GLN B 396 -12.58 23.63 23.78
C GLN B 396 -11.53 24.60 24.32
N LEU B 397 -10.66 25.06 23.43
CA LEU B 397 -9.68 26.09 23.77
C LEU B 397 -10.32 27.47 23.73
N THR B 398 -9.97 28.30 24.71
CA THR B 398 -10.43 29.69 24.76
C THR B 398 -9.21 30.60 24.97
N PRO B 399 -9.06 31.65 24.13
CA PRO B 399 -9.92 32.00 23.00
C PRO B 399 -9.82 30.98 21.85
N VAL B 400 -10.79 31.02 20.94
CA VAL B 400 -10.87 30.08 19.83
C VAL B 400 -9.62 30.23 18.96
N PRO B 401 -8.87 29.13 18.73
CA PRO B 401 -7.70 29.23 17.86
C PRO B 401 -8.07 29.56 16.43
N LYS B 402 -7.30 30.44 15.80
CA LYS B 402 -7.51 30.79 14.40
C LYS B 402 -6.67 29.90 13.46
N ARG B 403 -5.62 29.29 14.02
CA ARG B 403 -4.66 28.53 13.23
C ARG B 403 -4.22 27.28 13.98
N ALA B 404 -4.05 26.18 13.23
CA ALA B 404 -3.65 24.91 13.81
C ALA B 404 -2.54 24.27 12.99
N LEU B 405 -1.69 23.49 13.64
CA LEU B 405 -0.68 22.70 12.97
C LEU B 405 -0.93 21.23 13.26
N VAL B 406 -0.90 20.40 12.21
CA VAL B 406 -1.08 18.96 12.37
C VAL B 406 0.14 18.23 11.85
N TYR B 407 0.46 17.10 12.48
CA TYR B 407 1.67 16.35 12.20
C TYR B 407 1.39 14.85 12.19
N GLY B 408 1.80 14.20 11.10
CA GLY B 408 1.69 12.77 10.94
C GLY B 408 3.08 12.16 10.80
N ASN B 409 3.26 10.98 11.38
CA ASN B 409 4.55 10.30 11.37
C ASN B 409 4.38 8.86 10.93
N GLY B 410 5.28 8.37 10.09
CA GLY B 410 5.21 7.01 9.57
C GLY B 410 6.48 6.21 9.84
N GLY B 411 6.31 4.90 9.95
CA GLY B 411 7.43 3.99 10.19
C GLY B 411 8.01 4.22 11.56
N ILE B 412 9.34 4.33 11.63
CA ILE B 412 10.04 4.67 12.86
C ILE B 412 10.81 5.96 12.62
N PHE B 413 10.13 7.09 12.79
CA PHE B 413 10.65 8.40 12.37
C PHE B 413 11.13 8.36 10.91
N SER B 414 10.37 7.65 10.07
CA SER B 414 10.76 7.41 8.69
C SER B 414 10.06 8.38 7.73
N ALA B 415 8.89 8.88 8.12
CA ALA B 415 8.13 9.81 7.31
C ALA B 415 7.51 10.89 8.19
N SER B 416 7.72 12.14 7.80
CA SER B 416 7.10 13.27 8.48
C SER B 416 6.23 14.00 7.49
N SER B 417 5.01 14.33 7.91
CA SER B 417 4.13 15.17 7.11
C SER B 417 3.49 16.19 8.02
N VAL B 418 3.65 17.46 7.68
CA VAL B 418 3.14 18.55 8.50
C VAL B 418 2.25 19.43 7.65
N ALA B 419 1.12 19.83 8.21
CA ALA B 419 0.23 20.78 7.54
C ALA B 419 -0.21 21.84 8.52
N ILE B 420 -0.50 23.03 7.99
CA ILE B 420 -1.00 24.13 8.80
C ILE B 420 -2.39 24.49 8.28
N LEU B 421 -3.36 24.55 9.18
CA LEU B 421 -4.74 24.85 8.84
C LEU B 421 -5.12 26.19 9.47
N ILE B 422 -5.77 27.04 8.69
CA ILE B 422 -6.18 28.36 9.17
C ILE B 422 -7.63 28.63 8.78
N SER B 423 -8.36 29.33 9.65
CA SER B 423 -9.77 29.59 9.43
C SER B 423 -10.00 30.58 8.29
N ASP B 424 -9.20 31.64 8.27
CA ASP B 424 -9.27 32.67 7.23
C ASP B 424 -7.88 33.29 7.06
N SER C 19 -20.15 11.42 57.54
CA SER C 19 -21.28 12.10 56.83
C SER C 19 -20.84 13.38 56.10
N GLN C 20 -20.10 14.23 56.81
CA GLN C 20 -19.67 15.58 56.37
C GLN C 20 -20.59 16.65 56.96
N VAL C 21 -20.01 17.66 57.60
CA VAL C 21 -20.77 18.66 58.34
C VAL C 21 -21.29 19.75 57.41
N VAL C 22 -22.60 19.98 57.46
CA VAL C 22 -23.26 20.97 56.60
C VAL C 22 -23.95 22.02 57.48
N ARG C 23 -23.77 23.29 57.14
CA ARG C 23 -24.29 24.40 57.94
C ARG C 23 -25.23 25.30 57.14
N ILE C 24 -26.17 25.94 57.84
CA ILE C 24 -26.89 27.07 57.29
C ILE C 24 -25.97 28.27 57.44
N VAL C 25 -25.38 28.69 56.33
CA VAL C 25 -24.32 29.67 56.40
C VAL C 25 -24.76 31.12 56.08
N GLY C 26 -26.00 31.26 55.61
CA GLY C 26 -26.57 32.57 55.32
C GLY C 26 -28.08 32.58 55.50
N VAL C 27 -28.58 33.66 56.08
CA VAL C 27 -30.01 33.86 56.27
C VAL C 27 -30.36 35.27 55.80
N GLY C 28 -31.45 35.38 55.05
CA GLY C 28 -31.97 36.66 54.61
C GLY C 28 -33.46 36.61 54.45
N ARG C 29 -34.14 37.69 54.81
CA ARG C 29 -35.58 37.76 54.65
C ARG C 29 -36.09 39.19 54.49
N THR C 30 -37.28 39.29 53.91
CA THR C 30 -37.98 40.56 53.80
C THR C 30 -38.69 40.82 55.11
N GLY C 31 -39.38 41.95 55.19
CA GLY C 31 -40.32 42.19 56.28
C GLY C 31 -41.52 41.28 56.10
N ILE C 32 -42.51 41.44 56.98
CA ILE C 32 -43.73 40.65 56.91
C ILE C 32 -44.96 41.54 57.09
N GLY C 33 -46.01 41.25 56.33
CA GLY C 33 -47.26 42.02 56.41
C GLY C 33 -47.88 42.21 55.05
N LYS C 34 -48.43 43.39 54.82
CA LYS C 34 -49.00 43.77 53.52
C LYS C 34 -47.97 44.64 52.81
N LEU C 35 -47.14 44.02 51.98
CA LEU C 35 -45.93 44.65 51.45
C LEU C 35 -46.09 45.27 50.04
N HIS C 36 -47.18 44.93 49.36
CA HIS C 36 -47.44 45.43 47.99
C HIS C 36 -46.24 45.24 47.05
N LYS C 37 -45.70 44.02 47.07
CA LYS C 37 -44.62 43.63 46.16
C LYS C 37 -44.97 42.29 45.52
N SER C 38 -44.42 42.04 44.34
CA SER C 38 -44.60 40.76 43.66
C SER C 38 -43.81 39.66 44.40
N VAL C 39 -44.23 38.42 44.19
CA VAL C 39 -43.56 37.27 44.80
C VAL C 39 -42.09 37.20 44.33
N ASP C 40 -41.87 37.52 43.06
CA ASP C 40 -40.51 37.53 42.48
C ASP C 40 -39.61 38.58 43.12
N GLU C 41 -40.16 39.77 43.39
CA GLU C 41 -39.41 40.83 44.06
C GLU C 41 -39.02 40.42 45.48
N LEU C 42 -39.96 39.83 46.20
CA LEU C 42 -39.72 39.38 47.57
C LEU C 42 -38.66 38.29 47.62
N ALA C 43 -38.78 37.32 46.70
CA ALA C 43 -37.81 36.22 46.61
C ALA C 43 -36.43 36.75 46.30
N ALA C 44 -36.34 37.65 45.32
CA ALA C 44 -35.06 38.24 44.92
C ALA C 44 -34.42 39.04 46.05
N SER C 45 -35.21 39.83 46.76
CA SER C 45 -34.72 40.63 47.90
C SER C 45 -34.18 39.74 49.02
N ALA C 46 -34.94 38.70 49.35
CA ALA C 46 -34.55 37.76 50.40
C ALA C 46 -33.23 37.06 50.06
N LEU C 47 -33.08 36.67 48.80
CA LEU C 47 -31.86 35.99 48.34
C LEU C 47 -30.63 36.90 48.44
N LYS C 48 -30.78 38.17 48.05
CA LYS C 48 -29.69 39.14 48.15
C LYS C 48 -29.24 39.34 49.60
N CYS C 49 -30.21 39.48 50.50
CA CYS C 49 -29.93 39.60 51.93
C CYS C 49 -29.15 38.38 52.43
N ALA C 50 -29.60 37.19 52.04
CA ALA C 50 -28.97 35.93 52.44
C ALA C 50 -27.52 35.82 51.95
N LEU C 51 -27.27 36.26 50.72
CA LEU C 51 -25.92 36.22 50.14
C LEU C 51 -24.96 37.18 50.87
N VAL C 52 -25.45 38.37 51.18
CA VAL C 52 -24.70 39.33 51.98
C VAL C 52 -24.42 38.75 53.37
N ASP C 53 -25.44 38.13 53.97
CA ASP C 53 -25.31 37.50 55.28
C ASP C 53 -24.29 36.35 55.29
N ALA C 54 -24.15 35.68 54.14
CA ALA C 54 -23.22 34.55 54.00
C ALA C 54 -21.83 35.00 53.55
N ASN C 55 -21.68 36.29 53.24
CA ASN C 55 -20.46 36.82 52.61
C ASN C 55 -20.19 36.09 51.29
N MET C 56 -21.22 36.02 50.45
CA MET C 56 -21.16 35.31 49.17
C MET C 56 -21.73 36.16 48.04
N LYS C 57 -21.46 35.72 46.83
CA LYS C 57 -22.01 36.31 45.62
C LYS C 57 -22.86 35.28 44.89
N GLN C 58 -23.70 35.75 43.97
CA GLN C 58 -24.50 34.87 43.12
C GLN C 58 -23.67 33.72 42.53
N CYS C 59 -22.51 34.07 41.95
CA CYS C 59 -21.64 33.11 41.29
C CYS C 59 -21.18 31.98 42.21
N ASP C 60 -21.22 32.21 43.52
CA ASP C 60 -20.84 31.19 44.50
C ASP C 60 -21.95 30.15 44.75
N LEU C 61 -23.16 30.41 44.24
CA LEU C 61 -24.25 29.45 44.39
C LEU C 61 -24.20 28.38 43.31
N GLN C 62 -24.39 27.12 43.72
CA GLN C 62 -24.40 26.00 42.79
C GLN C 62 -25.75 25.28 42.71
N ALA C 63 -26.73 25.74 43.48
CA ALA C 63 -28.07 25.17 43.44
C ALA C 63 -29.12 26.08 44.07
N LEU C 64 -30.37 25.89 43.66
CA LEU C 64 -31.48 26.67 44.20
C LEU C 64 -32.73 25.80 44.31
N ILE C 65 -33.32 25.74 45.50
CA ILE C 65 -34.54 25.02 45.73
C ILE C 65 -35.61 25.99 46.23
N ALA C 66 -36.83 25.87 45.71
CA ALA C 66 -37.93 26.74 46.12
C ALA C 66 -39.24 25.98 46.29
N VAL C 67 -40.19 26.64 46.93
CA VAL C 67 -41.52 26.09 47.15
C VAL C 67 -42.55 26.94 46.40
N PRO C 68 -43.67 26.36 46.00
CA PRO C 68 -44.65 27.11 45.21
C PRO C 68 -45.33 28.25 45.99
N SER C 69 -45.87 29.21 45.23
CA SER C 69 -46.60 30.34 45.78
C SER C 69 -48.08 30.24 45.46
N LEU C 70 -48.92 30.62 46.42
CA LEU C 70 -50.37 30.66 46.20
C LEU C 70 -50.80 31.95 45.51
N ALA C 71 -50.19 33.07 45.89
CA ALA C 71 -50.51 34.37 45.30
C ALA C 71 -50.18 34.41 43.81
N SER C 72 -49.02 33.87 43.44
CA SER C 72 -48.57 33.83 42.05
C SER C 72 -48.12 32.42 41.67
N PRO C 73 -49.09 31.50 41.43
CA PRO C 73 -48.70 30.15 41.05
C PRO C 73 -47.93 30.17 39.73
N GLN C 74 -46.82 29.44 39.69
CA GLN C 74 -45.90 29.53 38.57
C GLN C 74 -45.27 28.19 38.25
N PHE C 75 -45.37 27.81 36.98
CA PHE C 75 -44.71 26.63 36.41
C PHE C 75 -43.20 26.71 36.67
N MET C 76 -42.62 25.62 37.18
CA MET C 76 -41.20 25.56 37.52
C MET C 76 -40.78 26.80 38.32
N GLN C 77 -41.42 26.98 39.47
CA GLN C 77 -41.29 28.20 40.27
C GLN C 77 -39.83 28.58 40.52
N ALA C 78 -39.03 27.61 40.96
CA ALA C 78 -37.63 27.84 41.27
C ALA C 78 -36.85 28.38 40.08
N HIS C 79 -37.09 27.79 38.91
CA HIS C 79 -36.48 28.24 37.67
C HIS C 79 -36.92 29.66 37.32
N HIS C 80 -38.22 29.92 37.47
CA HIS C 80 -38.78 31.26 37.21
C HIS C 80 -38.11 32.31 38.08
N ILE C 81 -38.05 32.05 39.38
CA ILE C 81 -37.43 32.97 40.33
C ILE C 81 -35.96 33.20 39.98
N ALA C 82 -35.25 32.10 39.72
CA ALA C 82 -33.82 32.16 39.41
C ALA C 82 -33.54 32.97 38.14
N THR C 83 -34.43 32.87 37.16
CA THR C 83 -34.28 33.56 35.89
C THR C 83 -34.52 35.06 36.05
N VAL C 84 -35.62 35.42 36.70
CA VAL C 84 -35.98 36.82 36.91
C VAL C 84 -34.96 37.53 37.81
N ALA C 85 -34.44 36.81 38.80
CA ALA C 85 -33.43 37.36 39.71
C ALA C 85 -32.06 37.54 39.04
N GLY C 86 -31.88 36.99 37.83
CA GLY C 86 -30.67 37.20 37.04
C GLY C 86 -29.51 36.30 37.39
N LEU C 87 -29.79 35.08 37.84
CA LEU C 87 -28.73 34.11 38.16
C LEU C 87 -28.08 33.54 36.90
N PHE C 88 -28.80 33.58 35.78
CA PHE C 88 -28.30 33.03 34.52
C PHE C 88 -27.82 34.14 33.58
N PRO C 89 -26.80 33.85 32.76
CA PRO C 89 -26.11 32.56 32.61
C PRO C 89 -25.08 32.30 33.72
N THR C 90 -24.94 31.05 34.10
CA THR C 90 -23.94 30.63 35.08
C THR C 90 -22.75 29.99 34.38
N LYS C 91 -21.60 30.00 35.05
CA LYS C 91 -20.37 29.47 34.46
C LYS C 91 -20.29 27.95 34.61
N GLY C 92 -20.51 27.46 35.83
CA GLY C 92 -20.43 26.04 36.14
C GLY C 92 -21.77 25.34 36.10
N LYS C 93 -21.92 24.30 36.91
CA LYS C 93 -23.19 23.59 37.05
C LYS C 93 -24.08 24.30 38.07
N PHE C 94 -25.36 24.33 37.77
CA PHE C 94 -26.36 24.93 38.64
C PHE C 94 -27.60 24.06 38.62
N ILE C 95 -27.98 23.51 39.78
CA ILE C 95 -29.13 22.62 39.88
C ILE C 95 -30.30 23.35 40.52
N VAL C 96 -31.42 23.42 39.80
CA VAL C 96 -32.61 24.13 40.26
C VAL C 96 -33.77 23.14 40.42
N ARG C 97 -34.64 23.41 41.39
CA ARG C 97 -35.64 22.44 41.79
C ARG C 97 -36.77 23.11 42.58
N THR C 98 -38.01 22.78 42.25
CA THR C 98 -39.17 23.23 43.05
C THR C 98 -39.79 22.01 43.73
N VAL C 99 -40.08 22.14 45.01
CA VAL C 99 -40.66 21.04 45.79
C VAL C 99 -41.93 21.51 46.51
N ASP C 100 -42.93 20.64 46.57
CA ASP C 100 -44.18 20.95 47.24
C ASP C 100 -44.54 19.90 48.29
N THR C 101 -44.34 20.24 49.55
CA THR C 101 -44.88 19.48 50.67
C THR C 101 -45.65 20.43 51.60
N GLY C 102 -46.33 21.42 51.02
CA GLY C 102 -47.05 22.41 51.79
C GLY C 102 -46.11 23.21 52.68
N GLY C 103 -46.59 23.52 53.88
CA GLY C 103 -45.80 24.26 54.87
C GLY C 103 -44.62 23.50 55.45
N ALA C 104 -44.50 22.22 55.14
CA ALA C 104 -43.31 21.43 55.49
C ALA C 104 -42.15 21.77 54.54
N GLY C 105 -42.49 22.32 53.37
CA GLY C 105 -41.56 22.60 52.28
C GLY C 105 -40.18 23.12 52.63
N PRO C 106 -40.10 24.24 53.37
CA PRO C 106 -38.80 24.83 53.66
C PRO C 106 -37.83 23.88 54.38
N ILE C 107 -38.36 23.01 55.24
CA ILE C 107 -37.52 22.04 55.95
C ILE C 107 -37.27 20.83 55.06
N THR C 108 -38.26 20.43 54.27
CA THR C 108 -38.05 19.41 53.23
C THR C 108 -36.91 19.84 52.31
N ALA C 109 -36.99 21.07 51.81
CA ALA C 109 -35.95 21.65 50.94
C ALA C 109 -34.58 21.69 51.63
N LEU C 110 -34.58 21.97 52.94
CA LEU C 110 -33.35 21.98 53.73
C LEU C 110 -32.69 20.60 53.70
N GLY C 111 -33.49 19.54 53.86
CA GLY C 111 -32.98 18.17 53.81
C GLY C 111 -32.39 17.82 52.45
N MET C 112 -33.07 18.26 51.39
CA MET C 112 -32.57 18.08 50.03
C MET C 112 -31.26 18.82 49.79
N ALA C 113 -31.15 20.03 50.34
CA ALA C 113 -29.94 20.84 50.21
C ALA C 113 -28.75 20.11 50.85
N VAL C 114 -28.97 19.58 52.05
CA VAL C 114 -27.95 18.78 52.74
C VAL C 114 -27.54 17.62 51.85
N ASP C 115 -28.52 16.94 51.28
CA ASP C 115 -28.28 15.80 50.41
C ASP C 115 -27.45 16.16 49.16
N LEU C 116 -27.75 17.31 48.56
CA LEU C 116 -26.98 17.77 47.39
C LEU C 116 -25.52 18.04 47.74
N VAL C 117 -25.28 18.55 48.95
CA VAL C 117 -23.92 18.80 49.42
C VAL C 117 -23.18 17.49 49.69
N ARG C 118 -23.81 16.58 50.42
CA ARG C 118 -23.17 15.31 50.79
C ARG C 118 -22.84 14.42 49.59
N THR C 119 -23.70 14.42 48.59
CA THR C 119 -23.46 13.66 47.35
C THR C 119 -22.58 14.43 46.35
N ARG C 120 -22.20 15.65 46.72
CA ARG C 120 -21.32 16.49 45.89
C ARG C 120 -21.92 16.89 44.55
N CYS C 121 -23.25 16.99 44.50
CA CYS C 121 -23.94 17.54 43.34
C CYS C 121 -23.85 19.07 43.35
N ALA C 122 -23.78 19.65 44.54
CA ALA C 122 -23.65 21.11 44.68
C ALA C 122 -23.00 21.45 46.02
N GLU C 123 -21.97 22.28 45.99
CA GLU C 123 -21.24 22.67 47.20
C GLU C 123 -22.03 23.69 48.03
N THR C 124 -22.84 24.51 47.36
CA THR C 124 -23.69 25.50 48.04
C THR C 124 -25.09 25.50 47.43
N VAL C 125 -26.10 25.67 48.30
CA VAL C 125 -27.50 25.59 47.90
C VAL C 125 -28.30 26.73 48.52
N ALA C 126 -29.06 27.45 47.69
CA ALA C 126 -30.00 28.45 48.20
C ALA C 126 -31.38 27.81 48.34
N VAL C 127 -32.03 28.03 49.49
CA VAL C 127 -33.38 27.56 49.72
C VAL C 127 -34.27 28.78 49.89
N ILE C 128 -35.28 28.92 49.03
CA ILE C 128 -36.12 30.12 49.02
C ILE C 128 -37.61 29.77 49.13
N ALA C 129 -38.31 30.52 49.99
CA ALA C 129 -39.77 30.47 50.05
C ALA C 129 -40.30 31.91 50.04
N ALA C 130 -41.28 32.18 49.20
CA ALA C 130 -41.83 33.52 49.04
C ALA C 130 -43.32 33.46 48.68
N ASP C 131 -44.11 34.35 49.29
CA ASP C 131 -45.52 34.46 48.94
C ASP C 131 -46.11 35.80 49.36
N ALA C 132 -47.31 36.08 48.87
CA ALA C 132 -47.97 37.36 49.12
C ALA C 132 -49.47 37.18 49.28
N VAL C 133 -49.85 36.33 50.23
CA VAL C 133 -51.25 35.95 50.40
C VAL C 133 -52.10 36.99 51.15
N LEU C 134 -51.49 38.02 51.70
CA LEU C 134 -52.24 39.13 52.29
C LEU C 134 -52.57 40.15 51.20
N SER C 135 -51.60 40.47 50.36
CA SER C 135 -51.79 41.44 49.27
C SER C 135 -52.70 40.92 48.16
N MET C 136 -52.85 39.59 48.04
CA MET C 136 -53.63 39.02 46.95
C MET C 136 -55.14 39.25 47.09
N GLY C 137 -55.59 39.56 48.30
CA GLY C 137 -57.01 39.83 48.55
C GLY C 137 -57.74 38.63 49.10
N SER C 138 -58.68 38.89 50.01
CA SER C 138 -59.40 37.84 50.74
C SER C 138 -60.17 36.90 49.83
N GLY C 139 -60.78 37.46 48.79
CA GLY C 139 -61.60 36.68 47.87
C GLY C 139 -60.78 35.66 47.09
N ALA C 140 -59.67 36.12 46.52
CA ALA C 140 -58.78 35.25 45.76
C ALA C 140 -58.10 34.20 46.64
N PHE C 141 -57.67 34.62 47.83
CA PHE C 141 -57.06 33.70 48.78
C PHE C 141 -58.01 32.57 49.16
N ALA C 142 -59.21 32.94 49.59
CA ALA C 142 -60.23 31.97 50.00
C ALA C 142 -60.52 30.96 48.90
N GLU C 143 -60.67 31.45 47.67
CA GLU C 143 -60.97 30.60 46.51
C GLU C 143 -59.85 29.60 46.22
N ARG C 144 -58.60 30.08 46.22
CA ARG C 144 -57.44 29.23 45.91
C ARG C 144 -57.09 28.28 47.06
N SER C 145 -57.17 28.76 48.29
CA SER C 145 -56.93 27.90 49.46
C SER C 145 -57.99 26.79 49.58
N ASN C 146 -59.24 27.12 49.26
CA ASN C 146 -60.30 26.11 49.24
C ASN C 146 -60.17 25.14 48.08
N ALA C 147 -59.79 25.66 46.91
CA ALA C 147 -59.57 24.83 45.73
C ALA C 147 -58.44 23.81 45.95
N SER C 148 -57.51 24.14 46.84
CA SER C 148 -56.45 23.22 47.23
C SER C 148 -56.98 21.91 47.82
N LEU C 149 -58.19 21.92 48.37
CA LEU C 149 -58.79 20.71 48.94
C LEU C 149 -59.99 20.20 48.16
N ARG C 150 -59.84 20.05 46.85
CA ARG C 150 -60.85 19.39 46.03
C ARG C 150 -60.98 17.93 46.44
N ARG C 151 -62.19 17.37 46.33
CA ARG C 151 -62.44 15.93 46.62
C ARG C 151 -62.37 15.57 48.12
N SER C 152 -62.22 16.56 49.00
CA SER C 152 -62.12 16.33 50.45
C SER C 152 -63.50 16.24 51.10
N GLY C 153 -64.47 16.97 50.56
CA GLY C 153 -65.83 17.01 51.13
C GLY C 153 -65.93 17.99 52.29
N LEU C 154 -64.87 18.76 52.53
CA LEU C 154 -64.84 19.70 53.62
C LEU C 154 -65.59 20.98 53.26
N PRO C 155 -66.39 21.51 54.20
CA PRO C 155 -67.05 22.78 53.96
C PRO C 155 -66.06 23.95 54.04
N GLU C 156 -66.42 25.07 53.43
CA GLU C 156 -65.54 26.23 53.35
C GLU C 156 -65.57 27.04 54.66
N PRO C 157 -64.43 27.61 55.07
CA PRO C 157 -63.09 27.44 54.50
C PRO C 157 -62.54 26.05 54.83
N CYS C 158 -62.00 25.37 53.83
CA CYS C 158 -61.73 23.93 53.93
C CYS C 158 -60.60 23.57 54.88
N ILE C 159 -59.49 24.31 54.82
CA ILE C 159 -58.32 23.99 55.64
C ILE C 159 -58.63 24.11 57.14
N PRO C 160 -59.24 25.24 57.57
CA PRO C 160 -59.68 25.32 58.97
C PRO C 160 -60.63 24.20 59.39
N HIS C 161 -61.59 23.88 58.53
CA HIS C 161 -62.54 22.81 58.81
C HIS C 161 -61.87 21.44 58.90
N GLY C 162 -60.83 21.23 58.10
CA GLY C 162 -60.06 20.00 58.14
C GLY C 162 -59.36 19.82 59.47
N TYR C 163 -58.67 20.87 59.92
CA TYR C 163 -57.99 20.86 61.22
C TYR C 163 -58.99 20.82 62.37
N ASP C 164 -60.13 21.48 62.19
CA ASP C 164 -61.20 21.47 63.19
C ASP C 164 -61.70 20.04 63.44
N ARG C 165 -61.80 19.25 62.38
CA ARG C 165 -62.23 17.86 62.50
C ARG C 165 -61.26 17.03 63.35
N TYR C 166 -59.95 17.30 63.22
CA TYR C 166 -58.94 16.64 64.05
C TYR C 166 -58.98 17.14 65.49
N ALA C 167 -59.26 18.43 65.67
CA ALA C 167 -59.38 19.01 67.00
C ALA C 167 -60.52 18.38 67.78
N GLN C 168 -61.68 18.22 67.12
CA GLN C 168 -62.84 17.56 67.74
C GLN C 168 -62.55 16.11 68.11
N TRP C 169 -61.78 15.43 67.29
CA TRP C 169 -61.37 14.05 67.56
C TRP C 169 -60.46 13.98 68.78
N TYR C 170 -59.57 14.97 68.92
CA TYR C 170 -58.72 15.06 70.11
C TYR C 170 -59.54 15.29 71.38
N MET C 171 -60.57 16.12 71.26
CA MET C 171 -61.46 16.41 72.39
C MET C 171 -62.19 15.16 72.86
N SER C 172 -62.74 14.41 71.89
CA SER C 172 -63.45 13.16 72.19
C SER C 172 -62.51 12.06 72.69
N ARG C 173 -61.37 11.90 72.02
CA ARG C 173 -60.42 10.84 72.33
C ARG C 173 -59.67 11.06 73.64
N TYR C 174 -59.04 12.22 73.78
CA TYR C 174 -58.14 12.50 74.90
C TYR C 174 -58.71 13.44 75.98
N GLY C 175 -59.92 13.96 75.75
CA GLY C 175 -60.53 14.90 76.68
C GLY C 175 -59.95 16.30 76.61
N LEU C 176 -59.39 16.66 75.45
CA LEU C 176 -58.89 18.02 75.23
C LEU C 176 -60.05 19.01 75.40
N LYS C 177 -59.79 20.11 76.11
CA LYS C 177 -60.82 21.10 76.40
C LYS C 177 -60.79 22.23 75.36
N ARG C 178 -61.98 22.77 75.06
CA ARG C 178 -62.11 23.88 74.12
C ARG C 178 -61.22 25.06 74.49
N GLU C 179 -61.15 25.38 75.79
CA GLU C 179 -60.37 26.52 76.26
C GLU C 179 -58.87 26.31 76.08
N GLN C 180 -58.43 25.06 76.05
CA GLN C 180 -57.01 24.74 75.88
C GLN C 180 -56.54 24.98 74.44
N LEU C 181 -57.42 24.77 73.46
CA LEU C 181 -57.16 25.17 72.08
C LEU C 181 -56.99 26.69 72.02
N ALA C 182 -57.94 27.41 72.60
CA ALA C 182 -57.94 28.88 72.60
C ALA C 182 -56.74 29.50 73.34
N MET C 183 -56.10 28.76 74.23
CA MET C 183 -54.91 29.24 74.94
C MET C 183 -53.69 29.36 74.04
N VAL C 184 -53.68 28.63 72.92
CA VAL C 184 -52.54 28.65 72.00
C VAL C 184 -52.28 30.06 71.44
N PRO C 185 -53.29 30.69 70.80
CA PRO C 185 -53.07 32.04 70.30
C PRO C 185 -52.79 33.08 71.38
N VAL C 186 -53.29 32.84 72.60
CA VAL C 186 -52.97 33.72 73.74
C VAL C 186 -51.46 33.68 74.00
N LEU C 187 -50.93 32.47 74.14
CA LEU C 187 -49.50 32.29 74.40
C LEU C 187 -48.64 32.82 73.24
N MET C 188 -49.09 32.57 72.01
CA MET C 188 -48.38 33.07 70.82
C MET C 188 -48.42 34.60 70.72
N SER C 189 -49.54 35.20 71.13
CA SER C 189 -49.69 36.66 71.11
C SER C 189 -48.80 37.32 72.16
N LYS C 190 -48.58 36.63 73.27
CA LYS C 190 -47.64 37.09 74.30
C LYS C 190 -46.21 37.10 73.78
N MET C 191 -45.86 36.11 72.97
CA MET C 191 -44.55 36.06 72.32
C MET C 191 -44.44 37.13 71.25
N ALA C 192 -45.47 37.24 70.42
CA ALA C 192 -45.46 38.14 69.26
C ALA C 192 -45.25 39.60 69.64
N GLU C 193 -45.85 40.03 70.74
CA GLU C 193 -45.78 41.44 71.14
C GLU C 193 -44.37 41.88 71.58
N ARG C 194 -43.48 40.92 71.82
CA ARG C 194 -42.06 41.19 72.06
C ARG C 194 -41.22 41.20 70.78
N HIS C 195 -41.81 40.77 69.65
CA HIS C 195 -41.12 40.82 68.35
C HIS C 195 -41.60 42.06 67.59
N PRO C 196 -40.67 43.00 67.30
CA PRO C 196 -41.02 44.26 66.62
C PRO C 196 -41.81 44.12 65.30
N GLU C 197 -41.52 43.08 64.53
CA GLU C 197 -42.12 42.88 63.21
C GLU C 197 -43.33 41.96 63.19
N ALA C 198 -43.64 41.29 64.31
CA ALA C 198 -44.81 40.41 64.37
C ALA C 198 -46.08 41.20 64.08
N MET C 199 -46.98 40.61 63.31
CA MET C 199 -48.20 41.31 62.89
C MET C 199 -49.18 41.54 64.04
N CYS C 200 -49.16 40.65 65.03
CA CYS C 200 -49.89 40.86 66.27
C CYS C 200 -48.99 41.58 67.27
N GLN C 201 -49.38 42.80 67.63
CA GLN C 201 -48.60 43.62 68.57
C GLN C 201 -49.22 43.77 69.95
N LYS C 202 -50.43 43.25 70.12
CA LYS C 202 -51.14 43.33 71.40
C LYS C 202 -51.66 41.95 71.76
N ALA C 203 -51.30 41.47 72.96
CA ALA C 203 -51.65 40.12 73.38
C ALA C 203 -53.15 39.95 73.56
N TYR C 204 -53.65 38.76 73.24
CA TYR C 204 -55.07 38.44 73.39
C TYR C 204 -55.35 37.96 74.81
N THR C 205 -56.61 38.08 75.22
CA THR C 205 -57.10 37.38 76.41
C THR C 205 -57.82 36.11 75.93
N LEU C 206 -57.99 35.16 76.84
CA LEU C 206 -58.66 33.90 76.51
C LEU C 206 -60.10 34.14 76.04
N ASP C 207 -60.82 35.02 76.72
CA ASP C 207 -62.19 35.37 76.34
C ASP C 207 -62.25 36.02 74.97
N GLU C 208 -61.27 36.87 74.68
CA GLU C 208 -61.20 37.58 73.41
C GLU C 208 -61.07 36.57 72.25
N VAL C 209 -60.25 35.54 72.45
CA VAL C 209 -60.10 34.44 71.49
C VAL C 209 -61.41 33.65 71.37
N LEU C 210 -62.00 33.30 72.51
CA LEU C 210 -63.24 32.51 72.53
C LEU C 210 -64.44 33.28 71.97
N HIS C 211 -64.45 34.60 72.10
CA HIS C 211 -65.55 35.42 71.61
C HIS C 211 -65.30 35.99 70.20
N SER C 212 -64.19 35.61 69.57
CA SER C 212 -63.90 36.07 68.21
C SER C 212 -64.73 35.29 67.20
N ARG C 213 -64.80 35.80 65.97
CA ARG C 213 -65.65 35.22 64.93
C ARG C 213 -65.40 33.73 64.73
N CYS C 214 -66.49 32.96 64.68
CA CYS C 214 -66.40 31.52 64.48
CA CYS C 214 -66.40 31.51 64.46
C CYS C 214 -66.08 31.19 63.01
N VAL C 215 -65.06 30.35 62.81
CA VAL C 215 -64.68 29.89 61.47
C VAL C 215 -65.10 28.44 61.27
N ALA C 216 -64.88 27.62 62.30
CA ALA C 216 -65.35 26.24 62.34
C ALA C 216 -65.79 25.93 63.78
N PRO C 217 -66.57 24.85 64.00
CA PRO C 217 -67.18 24.57 65.30
C PRO C 217 -66.31 24.83 66.54
N VAL C 218 -65.04 24.40 66.50
CA VAL C 218 -64.13 24.61 67.64
C VAL C 218 -62.91 25.45 67.24
N THR C 219 -63.08 26.28 66.21
CA THR C 219 -61.98 27.11 65.70
C THR C 219 -62.49 28.50 65.36
N ASN C 220 -61.97 29.50 66.06
CA ASN C 220 -62.35 30.89 65.84
C ASN C 220 -61.27 31.66 65.08
N LEU C 221 -61.60 32.89 64.69
CA LEU C 221 -60.72 33.72 63.87
C LEU C 221 -59.32 33.92 64.46
N LEU C 222 -59.25 34.24 65.75
CA LEU C 222 -57.97 34.49 66.40
C LEU C 222 -57.15 33.21 66.64
N GLU C 223 -57.73 32.05 66.32
CA GLU C 223 -57.01 30.77 66.32
C GLU C 223 -56.50 30.36 64.93
N CYS C 224 -56.82 31.14 63.90
CA CYS C 224 -56.42 30.83 62.53
C CYS C 224 -55.04 31.42 62.20
N ALA C 225 -54.30 30.74 61.33
CA ALA C 225 -53.02 31.24 60.83
C ALA C 225 -53.21 32.61 60.18
N ARG C 226 -52.32 33.55 60.52
CA ARG C 226 -52.45 34.94 60.11
C ARG C 226 -51.87 35.20 58.73
N ARG C 227 -52.74 35.53 57.76
CA ARG C 227 -52.33 35.84 56.39
C ARG C 227 -51.28 36.94 56.33
N ALA C 228 -50.20 36.69 55.60
CA ALA C 228 -49.11 37.66 55.46
C ALA C 228 -48.37 37.53 54.13
N ASP C 229 -47.69 38.59 53.72
CA ASP C 229 -46.71 38.51 52.63
C ASP C 229 -45.35 38.35 53.29
N GLY C 230 -44.44 37.67 52.62
CA GLY C 230 -43.08 37.54 53.11
C GLY C 230 -42.25 36.54 52.31
N ALA C 231 -40.95 36.71 52.38
CA ALA C 231 -40.03 35.78 51.76
C ALA C 231 -38.81 35.59 52.64
N VAL C 232 -38.26 34.37 52.61
CA VAL C 232 -37.04 34.04 53.35
C VAL C 232 -36.14 33.22 52.42
N ALA C 233 -34.83 33.45 52.52
CA ALA C 233 -33.85 32.69 51.78
C ALA C 233 -32.76 32.18 52.71
N LEU C 234 -32.39 30.92 52.54
CA LEU C 234 -31.32 30.30 53.33
C LEU C 234 -30.20 29.86 52.40
N ILE C 235 -28.95 30.02 52.84
CA ILE C 235 -27.80 29.49 52.11
C ILE C 235 -27.24 28.33 52.90
N VAL C 236 -27.13 27.17 52.23
CA VAL C 236 -26.62 25.95 52.84
C VAL C 236 -25.28 25.59 52.20
N SER C 237 -24.33 25.18 53.02
CA SER C 237 -22.99 24.84 52.54
C SER C 237 -22.29 23.88 53.48
N GLY C 238 -21.37 23.10 52.93
CA GLY C 238 -20.48 22.29 53.75
C GLY C 238 -19.61 23.19 54.60
N GLU C 239 -19.38 22.78 55.85
CA GLU C 239 -18.58 23.56 56.79
C GLU C 239 -17.18 23.87 56.24
N ALA C 240 -16.50 22.84 55.76
CA ALA C 240 -15.13 22.97 55.28
C ALA C 240 -15.04 23.87 54.06
N HIS C 241 -15.94 23.66 53.09
CA HIS C 241 -15.97 24.48 51.88
C HIS C 241 -16.17 25.96 52.22
N TYR C 242 -17.06 26.24 53.16
CA TYR C 242 -17.39 27.61 53.55
C TYR C 242 -16.21 28.32 54.22
N ALA C 243 -15.56 27.63 55.14
CA ALA C 243 -14.41 28.16 55.87
C ALA C 243 -13.24 28.49 54.94
N GLU C 244 -13.01 27.63 53.95
CA GLU C 244 -11.93 27.83 52.97
C GLU C 244 -12.10 29.11 52.15
N HIS C 245 -13.33 29.37 51.70
CA HIS C 245 -13.58 30.40 50.69
C HIS C 245 -14.24 31.69 51.21
N PHE C 246 -15.09 31.58 52.23
CA PHE C 246 -15.95 32.70 52.63
C PHE C 246 -15.87 33.13 54.09
N ALA C 247 -15.07 32.45 54.91
CA ALA C 247 -14.89 32.84 56.31
C ALA C 247 -13.65 33.71 56.44
N GLY C 257 -20.88 30.21 65.06
CA GLY C 257 -21.41 28.89 65.43
C GLY C 257 -22.92 28.86 65.38
N GLY C 258 -23.54 29.51 66.35
CA GLY C 258 -25.00 29.58 66.43
C GLY C 258 -25.65 30.41 65.34
N SER C 259 -24.92 31.41 64.82
CA SER C 259 -25.42 32.26 63.74
C SER C 259 -25.38 31.52 62.39
N LYS C 260 -24.55 30.50 62.29
CA LYS C 260 -24.46 29.66 61.10
C LYS C 260 -24.52 28.18 61.51
N PRO C 261 -25.67 27.74 62.01
CA PRO C 261 -25.74 26.45 62.72
C PRO C 261 -25.58 25.23 61.84
N ILE C 262 -25.08 24.16 62.43
CA ILE C 262 -24.98 22.87 61.79
C ILE C 262 -26.37 22.28 61.65
N ILE C 263 -26.68 21.76 60.47
CA ILE C 263 -27.91 21.00 60.27
C ILE C 263 -27.59 19.58 60.74
N ALA C 264 -27.94 19.29 61.99
CA ALA C 264 -27.59 18.00 62.61
C ALA C 264 -28.35 16.85 61.99
N SER C 265 -29.63 17.08 61.69
CA SER C 265 -30.45 16.08 61.01
C SER C 265 -31.70 16.70 60.41
N VAL C 266 -32.27 16.00 59.42
CA VAL C 266 -33.57 16.35 58.84
C VAL C 266 -34.29 15.04 58.57
N ALA C 267 -35.56 14.97 58.95
CA ALA C 267 -36.37 13.78 58.70
C ALA C 267 -37.80 14.16 58.33
N GLU C 268 -38.44 13.30 57.54
CA GLU C 268 -39.80 13.56 57.08
C GLU C 268 -40.71 12.36 57.23
N ALA C 269 -42.00 12.63 57.21
CA ALA C 269 -43.04 11.61 57.16
C ALA C 269 -44.32 12.28 56.68
N SER C 270 -45.27 11.48 56.20
CA SER C 270 -46.46 12.03 55.53
C SER C 270 -47.74 11.33 55.94
N GLY C 271 -48.85 11.93 55.52
CA GLY C 271 -50.18 11.41 55.81
C GLY C 271 -51.18 11.90 54.75
N PRO C 272 -52.46 11.54 54.91
CA PRO C 272 -53.47 11.92 53.92
C PRO C 272 -53.67 13.43 53.83
N LEU C 273 -54.06 13.91 52.66
CA LEU C 273 -54.18 15.34 52.41
C LEU C 273 -55.36 15.94 53.17
N PHE C 274 -56.39 15.13 53.40
CA PHE C 274 -57.56 15.53 54.16
C PHE C 274 -58.09 14.36 54.98
N PRO C 275 -58.84 14.63 56.07
CA PRO C 275 -59.30 13.56 56.95
C PRO C 275 -60.39 12.68 56.32
N PRO C 276 -60.65 11.51 56.92
CA PRO C 276 -61.79 10.68 56.54
C PRO C 276 -63.11 11.42 56.74
N ILE C 282 -60.76 8.11 61.88
CA ILE C 282 -59.49 8.77 62.23
C ILE C 282 -58.72 7.91 63.23
N VAL C 283 -57.47 7.60 62.89
CA VAL C 283 -56.58 6.77 63.72
C VAL C 283 -55.31 7.53 64.08
N PRO C 284 -54.65 7.16 65.20
CA PRO C 284 -53.44 7.89 65.60
C PRO C 284 -52.23 7.73 64.65
N ASP C 285 -52.21 6.68 63.84
CA ASP C 285 -51.09 6.47 62.91
C ASP C 285 -51.18 7.37 61.66
N ILE C 286 -52.27 8.12 61.54
CA ILE C 286 -52.38 9.16 60.51
C ILE C 286 -51.35 10.26 60.76
N PHE C 287 -51.14 10.61 62.03
CA PHE C 287 -50.21 11.68 62.40
C PHE C 287 -48.77 11.24 62.21
N SER C 288 -47.97 12.10 61.59
CA SER C 288 -46.63 11.73 61.14
C SER C 288 -45.50 12.50 61.84
N CYS C 289 -45.84 13.52 62.63
CA CYS C 289 -44.82 14.37 63.27
C CYS C 289 -43.94 13.58 64.24
N ARG C 290 -44.54 12.65 64.97
CA ARG C 290 -43.82 11.84 65.95
C ARG C 290 -42.75 10.98 65.30
N HIS C 291 -43.08 10.36 64.17
CA HIS C 291 -42.13 9.52 63.44
C HIS C 291 -40.99 10.38 62.91
N ALA C 292 -41.33 11.53 62.35
CA ALA C 292 -40.33 12.45 61.80
C ALA C 292 -39.42 12.97 62.91
N ALA C 293 -40.01 13.36 64.04
CA ALA C 293 -39.25 13.83 65.19
C ALA C 293 -38.31 12.75 65.72
N ARG C 294 -38.82 11.54 65.89
CA ARG C 294 -38.01 10.42 66.39
C ARG C 294 -36.82 10.13 65.46
N ASP C 295 -37.06 10.14 64.14
CA ASP C 295 -35.99 9.90 63.18
C ASP C 295 -34.93 11.00 63.17
N ALA C 296 -35.36 12.24 63.41
CA ALA C 296 -34.44 13.38 63.48
C ALA C 296 -33.54 13.29 64.71
N PHE C 297 -34.12 12.88 65.84
CA PHE C 297 -33.37 12.69 67.08
C PHE C 297 -32.32 11.59 66.96
N LEU C 298 -32.73 10.43 66.46
CA LEU C 298 -31.83 9.31 66.24
C LEU C 298 -30.69 9.67 65.27
N SER C 299 -31.05 10.29 64.15
CA SER C 299 -30.09 10.78 63.14
C SER C 299 -29.02 11.68 63.77
N ALA C 300 -29.48 12.59 64.62
CA ALA C 300 -28.58 13.56 65.27
C ALA C 300 -27.93 13.02 66.55
N ASN C 301 -28.39 11.85 67.01
CA ASN C 301 -27.93 11.25 68.28
C ASN C 301 -28.18 12.21 69.44
N LEU C 302 -29.43 12.66 69.55
CA LEU C 302 -29.84 13.59 70.59
C LEU C 302 -31.21 13.21 71.13
N ASN C 303 -31.60 13.82 72.25
CA ASN C 303 -32.95 13.65 72.80
C ASN C 303 -33.58 15.00 73.09
N VAL C 304 -34.86 14.98 73.42
CA VAL C 304 -35.63 16.21 73.59
C VAL C 304 -35.03 17.11 74.68
N GLY C 305 -34.49 16.49 75.74
CA GLY C 305 -33.87 17.24 76.84
C GLY C 305 -32.63 18.02 76.45
N ASP C 306 -32.01 17.65 75.34
CA ASP C 306 -30.87 18.38 74.80
C ASP C 306 -31.28 19.63 74.01
N ILE C 307 -32.57 19.72 73.67
CA ILE C 307 -33.09 20.82 72.85
C ILE C 307 -33.71 21.89 73.75
N HIS C 308 -33.25 23.13 73.59
CA HIS C 308 -33.77 24.23 74.41
C HIS C 308 -34.42 25.38 73.64
N PHE C 309 -34.63 25.19 72.34
CA PHE C 309 -35.56 26.04 71.58
C PHE C 309 -36.34 25.21 70.57
N PHE C 310 -37.63 25.49 70.47
CA PHE C 310 -38.50 24.77 69.56
C PHE C 310 -39.26 25.74 68.66
N GLY C 311 -39.07 25.61 67.35
CA GLY C 311 -39.86 26.32 66.36
C GLY C 311 -40.89 25.35 65.79
N LEU C 312 -42.10 25.37 66.34
CA LEU C 312 -43.11 24.36 66.03
C LEU C 312 -44.29 24.94 65.25
N TYR C 313 -44.57 24.34 64.09
CA TYR C 313 -45.66 24.76 63.22
C TYR C 313 -46.97 24.84 64.00
N ASP C 314 -47.67 25.97 63.84
CA ASP C 314 -48.87 26.25 64.62
C ASP C 314 -49.94 26.93 63.77
N CYS C 315 -50.25 26.35 62.62
CA CYS C 315 -51.28 26.91 61.73
C CYS C 315 -52.63 27.03 62.44
N PHE C 316 -52.92 26.04 63.29
CA PHE C 316 -54.08 26.06 64.19
C PHE C 316 -53.66 25.46 65.53
N PRO C 317 -54.41 25.77 66.60
CA PRO C 317 -54.05 25.29 67.94
C PRO C 317 -53.77 23.80 68.03
N ILE C 318 -54.61 22.99 67.38
CA ILE C 318 -54.45 21.54 67.39
C ILE C 318 -53.11 21.09 66.80
N CYS C 319 -52.57 21.87 65.86
CA CYS C 319 -51.28 21.56 65.26
C CYS C 319 -50.14 21.69 66.27
N LEU C 320 -50.16 22.77 67.05
CA LEU C 320 -49.14 23.00 68.07
C LEU C 320 -49.30 22.03 69.23
N ILE C 321 -50.55 21.77 69.62
CA ILE C 321 -50.85 20.82 70.68
C ILE C 321 -50.32 19.43 70.33
N GLN C 322 -50.54 19.00 69.08
CA GLN C 322 -50.03 17.72 68.62
C GLN C 322 -48.49 17.74 68.47
N ALA C 323 -47.94 18.91 68.12
CA ALA C 323 -46.50 19.05 67.94
C ALA C 323 -45.71 18.82 69.24
N VAL C 324 -46.14 19.47 70.32
CA VAL C 324 -45.43 19.34 71.61
C VAL C 324 -45.45 17.90 72.13
N GLU C 325 -46.55 17.19 71.86
CA GLU C 325 -46.65 15.77 72.15
C GLU C 325 -45.70 14.97 71.27
N ALA C 326 -45.75 15.24 69.97
CA ALA C 326 -44.97 14.49 68.98
C ALA C 326 -43.46 14.57 69.20
N VAL C 327 -42.95 15.74 69.56
CA VAL C 327 -41.50 15.94 69.78
C VAL C 327 -41.08 15.56 71.21
N GLY C 328 -42.04 15.26 72.07
CA GLY C 328 -41.74 14.72 73.40
C GLY C 328 -41.59 15.74 74.51
N LEU C 329 -42.12 16.94 74.32
CA LEU C 329 -42.15 17.94 75.39
C LEU C 329 -43.17 17.57 76.47
N CYS C 330 -44.16 16.75 76.09
CA CYS C 330 -45.11 16.20 77.04
C CYS C 330 -45.67 14.88 76.51
N PRO C 331 -46.33 14.08 77.38
CA PRO C 331 -46.90 12.80 76.93
C PRO C 331 -48.04 12.94 75.93
N GLU C 332 -48.33 11.87 75.19
CA GLU C 332 -49.46 11.81 74.28
C GLU C 332 -50.75 12.16 75.03
N GLY C 333 -51.59 12.99 74.39
CA GLY C 333 -52.84 13.45 74.99
C GLY C 333 -52.73 14.56 76.03
N LYS C 334 -51.52 14.98 76.38
CA LYS C 334 -51.31 15.99 77.43
C LYS C 334 -50.93 17.38 76.89
N GLY C 335 -51.03 17.57 75.58
CA GLY C 335 -50.65 18.83 74.96
C GLY C 335 -51.52 20.00 75.38
N GLY C 336 -52.83 19.75 75.50
CA GLY C 336 -53.76 20.76 75.98
C GLY C 336 -53.42 21.23 77.39
N GLU C 337 -53.06 20.29 78.25
CA GLU C 337 -52.67 20.59 79.62
C GLU C 337 -51.31 21.27 79.69
N PHE C 338 -50.45 20.96 78.73
CA PHE C 338 -49.17 21.65 78.57
C PHE C 338 -49.40 23.14 78.31
N MET C 339 -50.39 23.46 77.47
CA MET C 339 -50.75 24.85 77.20
C MET C 339 -51.33 25.52 78.43
N GLU C 340 -52.20 24.81 79.14
CA GLU C 340 -52.86 25.37 80.34
C GLU C 340 -51.88 25.67 81.46
N THR C 341 -50.95 24.76 81.69
CA THR C 341 -49.87 24.98 82.65
C THR C 341 -49.10 26.28 82.37
N ALA C 342 -48.74 26.50 81.11
CA ALA C 342 -48.00 27.70 80.72
C ALA C 342 -48.88 28.95 80.82
N TYR C 343 -50.14 28.80 80.45
CA TYR C 343 -51.12 29.89 80.54
C TYR C 343 -51.34 30.33 81.99
N ASN C 344 -51.49 29.37 82.90
CA ASN C 344 -51.68 29.65 84.33
C ASN C 344 -50.44 30.28 84.96
N GLU C 345 -49.26 29.76 84.62
CA GLU C 345 -48.00 30.34 85.09
C GLU C 345 -47.82 31.77 84.55
N MET C 346 -48.31 32.02 83.35
CA MET C 346 -48.28 33.35 82.75
C MET C 346 -49.18 34.31 83.56
N LEU C 347 -50.38 33.87 83.91
CA LEU C 347 -51.31 34.67 84.71
C LEU C 347 -50.74 34.96 86.11
N ASN C 348 -50.12 33.96 86.73
CA ASN C 348 -49.51 34.10 88.06
C ASN C 348 -48.15 34.80 88.04
N ASN C 349 -47.69 35.22 86.87
CA ASN C 349 -46.45 35.98 86.73
C ASN C 349 -46.72 37.40 86.23
N GLY C 350 -47.87 37.96 86.62
CA GLY C 350 -48.25 39.31 86.22
C GLY C 350 -48.54 39.47 84.73
N GLY C 351 -49.07 38.42 84.12
CA GLY C 351 -49.36 38.42 82.68
C GLY C 351 -48.16 38.27 81.77
N VAL C 352 -46.99 38.00 82.35
CA VAL C 352 -45.75 37.87 81.59
C VAL C 352 -45.47 36.39 81.29
N LEU C 353 -45.30 36.08 80.02
CA LEU C 353 -44.90 34.73 79.60
C LEU C 353 -43.38 34.66 79.50
N ASP C 354 -42.76 34.00 80.48
CA ASP C 354 -41.31 33.81 80.50
C ASP C 354 -40.92 32.78 79.45
N PRO C 355 -40.07 33.18 78.48
CA PRO C 355 -39.64 32.22 77.44
C PRO C 355 -38.94 30.97 77.97
N SER C 356 -38.22 31.08 79.08
CA SER C 356 -37.53 29.93 79.67
C SER C 356 -38.49 28.81 80.12
N LYS C 357 -39.70 29.18 80.51
CA LYS C 357 -40.73 28.21 80.90
C LYS C 357 -41.56 27.71 79.72
N PHE C 358 -41.41 28.35 78.56
CA PHE C 358 -42.15 27.99 77.35
C PHE C 358 -41.30 28.37 76.14
N PRO C 359 -40.20 27.63 75.90
CA PRO C 359 -39.21 28.02 74.89
C PRO C 359 -39.64 27.62 73.48
N ILE C 360 -40.79 28.13 73.06
CA ILE C 360 -41.45 27.69 71.85
C ILE C 360 -41.98 28.90 71.08
N ASN C 361 -41.65 28.97 69.79
CA ASN C 361 -42.17 30.01 68.91
C ASN C 361 -42.11 31.39 69.55
N THR C 362 -40.91 31.78 69.99
CA THR C 362 -40.72 33.06 70.65
C THR C 362 -40.99 34.25 69.73
N HIS C 363 -41.08 33.99 68.43
CA HIS C 363 -41.47 35.00 67.43
C HIS C 363 -42.98 35.24 67.35
N GLY C 364 -43.77 34.25 67.72
CA GLY C 364 -45.23 34.36 67.66
C GLY C 364 -45.88 33.35 66.73
N GLY C 365 -45.08 32.68 65.91
CA GLY C 365 -45.56 31.60 65.05
C GLY C 365 -46.53 32.06 63.97
N LEU C 366 -47.16 31.09 63.31
CA LEU C 366 -48.15 31.37 62.29
C LEU C 366 -49.36 32.12 62.86
N GLN C 367 -49.65 31.87 64.14
CA GLN C 367 -50.78 32.50 64.82
C GLN C 367 -50.65 34.02 64.92
N CYS C 368 -49.46 34.48 65.30
CA CYS C 368 -49.27 35.88 65.68
C CYS C 368 -48.05 36.60 65.06
N PHE C 369 -47.09 35.86 64.49
CA PHE C 369 -46.03 36.48 63.71
C PHE C 369 -46.49 36.70 62.26
N GLY C 370 -46.96 35.63 61.63
CA GLY C 370 -47.48 35.69 60.26
C GLY C 370 -47.31 34.39 59.51
N ALA C 371 -48.13 34.18 58.47
CA ALA C 371 -48.17 32.92 57.75
C ALA C 371 -48.34 33.11 56.24
N PRO C 372 -47.24 33.35 55.51
CA PRO C 372 -47.30 33.42 54.05
C PRO C 372 -47.35 32.04 53.38
N TRP C 373 -48.47 31.34 53.54
CA TRP C 373 -48.72 30.06 52.90
C TRP C 373 -47.63 29.01 53.24
N GLU C 374 -46.74 28.67 52.29
CA GLU C 374 -45.71 27.66 52.53
C GLU C 374 -44.40 28.23 53.10
N VAL C 375 -44.38 29.52 53.41
CA VAL C 375 -43.19 30.19 53.91
C VAL C 375 -42.88 29.99 55.40
N PRO C 376 -43.90 30.05 56.28
CA PRO C 376 -43.60 30.37 57.68
C PRO C 376 -42.77 29.38 58.49
N ALA C 377 -42.60 28.13 58.00
CA ALA C 377 -41.65 27.22 58.64
C ALA C 377 -40.23 27.82 58.60
N MET C 378 -39.97 28.69 57.64
CA MET C 378 -38.74 29.46 57.58
C MET C 378 -38.52 30.31 58.82
N TYR C 379 -39.61 30.82 59.41
CA TYR C 379 -39.50 31.69 60.59
C TYR C 379 -39.17 30.89 61.85
N ASN C 380 -39.53 29.62 61.88
CA ASN C 380 -39.05 28.71 62.92
C ASN C 380 -37.53 28.57 62.83
N ILE C 381 -37.00 28.53 61.62
CA ILE C 381 -35.56 28.44 61.39
C ILE C 381 -34.87 29.75 61.76
N THR C 382 -35.41 30.88 61.31
CA THR C 382 -34.77 32.19 61.55
C THR C 382 -34.83 32.57 63.04
N GLU C 383 -35.94 32.26 63.70
CA GLU C 383 -36.07 32.51 65.14
C GLU C 383 -35.15 31.59 65.94
N ALA C 384 -34.99 30.35 65.50
CA ALA C 384 -34.04 29.42 66.11
C ALA C 384 -32.62 29.98 66.02
N ILE C 385 -32.25 30.46 64.84
CA ILE C 385 -30.90 31.02 64.62
C ILE C 385 -30.68 32.26 65.47
N ALA C 386 -31.70 33.11 65.58
CA ALA C 386 -31.64 34.29 66.44
C ALA C 386 -31.35 33.88 67.89
N GLN C 387 -32.08 32.88 68.38
CA GLN C 387 -31.86 32.37 69.74
C GLN C 387 -30.48 31.76 69.93
N LEU C 388 -30.06 30.94 68.97
CA LEU C 388 -28.75 30.26 69.03
C LEU C 388 -27.58 31.25 68.98
N SER C 389 -27.77 32.37 68.28
CA SER C 389 -26.71 33.37 68.13
C SER C 389 -26.79 34.48 69.19
N GLU C 390 -27.75 34.38 70.10
CA GLU C 390 -27.99 35.39 71.12
C GLU C 390 -28.32 36.75 70.49
N GLU C 391 -29.21 36.74 69.52
CA GLU C 391 -29.62 37.95 68.81
C GLU C 391 -31.14 38.04 68.72
N ALA C 392 -31.83 37.53 69.74
CA ALA C 392 -33.29 37.52 69.78
C ALA C 392 -33.89 38.65 70.64
N GLY C 393 -33.03 39.56 71.10
CA GLY C 393 -33.48 40.77 71.81
C GLY C 393 -34.21 40.51 73.12
N ASP C 394 -35.43 41.03 73.23
CA ASP C 394 -36.25 40.86 74.43
C ASP C 394 -36.85 39.47 74.55
N ARG C 395 -36.78 38.70 73.45
CA ARG C 395 -37.28 37.35 73.40
C ARG C 395 -36.22 36.33 73.81
N GLN C 396 -35.00 36.81 74.04
CA GLN C 396 -33.82 35.96 74.20
C GLN C 396 -33.93 34.98 75.36
N LEU C 397 -33.62 33.71 75.08
CA LEU C 397 -33.57 32.67 76.10
C LEU C 397 -32.23 32.71 76.83
N THR C 398 -32.28 32.54 78.15
CA THR C 398 -31.09 32.49 78.98
C THR C 398 -31.17 31.23 79.86
N PRO C 399 -30.11 30.40 79.88
CA PRO C 399 -28.87 30.54 79.10
C PRO C 399 -29.09 30.35 77.60
N VAL C 400 -28.13 30.78 76.79
CA VAL C 400 -28.24 30.70 75.33
C VAL C 400 -28.38 29.24 74.92
N PRO C 401 -29.44 28.89 74.17
CA PRO C 401 -29.57 27.50 73.71
C PRO C 401 -28.45 27.12 72.75
N LYS C 402 -27.93 25.90 72.91
CA LYS C 402 -26.91 25.37 72.00
C LYS C 402 -27.54 24.59 70.85
N ARG C 403 -28.78 24.14 71.05
CA ARG C 403 -29.44 23.26 70.10
C ARG C 403 -30.93 23.63 69.96
N ALA C 404 -31.43 23.55 68.73
CA ALA C 404 -32.82 23.89 68.44
C ALA C 404 -33.46 22.82 67.55
N LEU C 405 -34.77 22.65 67.70
CA LEU C 405 -35.54 21.77 66.83
C LEU C 405 -36.58 22.61 66.11
N VAL C 406 -36.68 22.44 64.79
CA VAL C 406 -37.68 23.14 63.99
C VAL C 406 -38.60 22.14 63.29
N TYR C 407 -39.86 22.53 63.13
CA TYR C 407 -40.89 21.63 62.62
C TYR C 407 -41.80 22.37 61.65
N GLY C 408 -41.97 21.80 60.46
CA GLY C 408 -42.86 22.31 59.43
C GLY C 408 -43.94 21.29 59.14
N ASN C 409 -45.15 21.77 58.89
CA ASN C 409 -46.29 20.91 58.64
C ASN C 409 -47.03 21.38 57.38
N GLY C 410 -47.43 20.43 56.55
CA GLY C 410 -48.12 20.75 55.30
C GLY C 410 -49.46 20.07 55.16
N GLY C 411 -50.36 20.71 54.42
CA GLY C 411 -51.70 20.20 54.19
C GLY C 411 -52.51 20.20 55.47
N ILE C 412 -53.16 19.08 55.75
CA ILE C 412 -53.88 18.89 57.01
C ILE C 412 -53.26 17.68 57.72
N PHE C 413 -52.17 17.93 58.46
CA PHE C 413 -51.33 16.87 59.01
C PHE C 413 -50.91 15.87 57.93
N SER C 414 -50.62 16.40 56.74
CA SER C 414 -50.33 15.59 55.56
C SER C 414 -48.83 15.43 55.34
N ALA C 415 -48.05 16.41 55.81
CA ALA C 415 -46.60 16.40 55.65
C ALA C 415 -45.93 16.91 56.92
N SER C 416 -44.96 16.14 57.42
CA SER C 416 -44.16 16.56 58.56
C SER C 416 -42.71 16.63 58.13
N SER C 417 -42.04 17.71 58.50
CA SER C 417 -40.61 17.84 58.27
C SER C 417 -39.97 18.41 59.53
N VAL C 418 -39.00 17.71 60.07
CA VAL C 418 -38.35 18.10 61.31
C VAL C 418 -36.86 18.18 61.09
N ALA C 419 -36.24 19.24 61.61
CA ALA C 419 -34.80 19.40 61.56
C ALA C 419 -34.28 19.82 62.92
N ILE C 420 -33.03 19.43 63.21
CA ILE C 420 -32.37 19.83 64.43
C ILE C 420 -31.15 20.65 64.07
N LEU C 421 -31.04 21.84 64.67
CA LEU C 421 -29.93 22.75 64.41
C LEU C 421 -29.10 22.89 65.67
N ILE C 422 -27.78 22.82 65.52
CA ILE C 422 -26.85 22.92 66.64
C ILE C 422 -25.73 23.88 66.31
N SER C 423 -25.27 24.63 67.30
CA SER C 423 -24.23 25.65 67.11
C SER C 423 -22.88 25.03 66.82
N ASP C 424 -22.54 23.97 67.55
CA ASP C 424 -21.27 23.26 67.36
C ASP C 424 -21.40 21.78 67.69
N LEU C 425 -20.41 21.00 67.25
CA LEU C 425 -20.31 19.58 67.59
C LEU C 425 -19.92 19.42 69.06
N SER D 19 -22.46 1.62 46.60
CA SER D 19 -23.03 1.72 47.98
C SER D 19 -24.10 0.67 48.24
N GLN D 20 -25.04 0.55 47.32
CA GLN D 20 -26.21 -0.32 47.46
C GLN D 20 -26.98 -0.27 46.14
N VAL D 21 -27.29 -1.44 45.60
CA VAL D 21 -27.89 -1.55 44.28
C VAL D 21 -29.40 -1.32 44.35
N VAL D 22 -29.89 -0.38 43.52
CA VAL D 22 -31.30 -0.02 43.48
C VAL D 22 -31.85 -0.27 42.08
N ARG D 23 -33.02 -0.89 42.00
CA ARG D 23 -33.62 -1.28 40.73
C ARG D 23 -35.00 -0.66 40.52
N ILE D 24 -35.37 -0.47 39.26
CA ILE D 24 -36.77 -0.23 38.90
C ILE D 24 -37.44 -1.60 38.89
N VAL D 25 -38.23 -1.90 39.92
CA VAL D 25 -38.76 -3.24 40.11
C VAL D 25 -40.18 -3.43 39.58
N GLY D 26 -40.83 -2.33 39.22
CA GLY D 26 -42.18 -2.38 38.69
C GLY D 26 -42.46 -1.23 37.74
N VAL D 27 -43.16 -1.54 36.66
CA VAL D 27 -43.57 -0.54 35.67
C VAL D 27 -45.04 -0.75 35.34
N GLY D 28 -45.79 0.34 35.31
CA GLY D 28 -47.20 0.30 34.93
C GLY D 28 -47.60 1.59 34.27
N ARG D 29 -48.44 1.49 33.25
CA ARG D 29 -48.95 2.69 32.59
C ARG D 29 -50.32 2.48 31.96
N THR D 30 -51.00 3.59 31.73
CA THR D 30 -52.26 3.60 31.00
C THR D 30 -51.94 3.57 29.51
N GLY D 31 -52.99 3.57 28.69
CA GLY D 31 -52.85 3.83 27.28
C GLY D 31 -52.49 5.30 27.07
N ILE D 32 -52.40 5.72 25.81
CA ILE D 32 -52.08 7.10 25.49
C ILE D 32 -53.00 7.60 24.38
N GLY D 33 -53.44 8.85 24.49
CA GLY D 33 -54.32 9.47 23.51
C GLY D 33 -55.35 10.36 24.15
N LYS D 34 -56.57 10.33 23.62
CA LYS D 34 -57.69 11.06 24.19
C LYS D 34 -58.53 10.07 24.99
N LEU D 35 -58.26 9.99 26.29
CA LEU D 35 -58.77 8.91 27.13
C LEU D 35 -60.06 9.23 27.90
N HIS D 36 -60.42 10.51 27.97
CA HIS D 36 -61.62 10.96 28.70
C HIS D 36 -61.66 10.43 30.14
N LYS D 37 -60.53 10.56 30.85
CA LYS D 37 -60.44 10.19 32.26
C LYS D 37 -59.78 11.34 33.02
N SER D 38 -60.06 11.42 34.31
CA SER D 38 -59.43 12.41 35.17
C SER D 38 -57.96 12.04 35.40
N VAL D 39 -57.17 13.03 35.78
CA VAL D 39 -55.74 12.82 36.05
C VAL D 39 -55.58 11.84 37.23
N ASP D 40 -56.45 11.95 38.23
CA ASP D 40 -56.44 11.05 39.38
C ASP D 40 -56.73 9.60 39.01
N GLU D 41 -57.69 9.39 38.11
CA GLU D 41 -58.00 8.03 37.62
C GLU D 41 -56.82 7.42 36.88
N LEU D 42 -56.19 8.21 36.01
CA LEU D 42 -55.04 7.75 35.25
C LEU D 42 -53.87 7.39 36.17
N ALA D 43 -53.59 8.27 37.13
CA ALA D 43 -52.53 8.04 38.10
C ALA D 43 -52.78 6.77 38.91
N ALA D 44 -54.01 6.62 39.40
CA ALA D 44 -54.40 5.45 40.18
C ALA D 44 -54.28 4.15 39.39
N SER D 45 -54.73 4.18 38.13
CA SER D 45 -54.66 3.00 37.26
C SER D 45 -53.21 2.60 36.99
N ALA D 46 -52.37 3.59 36.69
CA ALA D 46 -50.95 3.35 36.41
C ALA D 46 -50.25 2.74 37.62
N LEU D 47 -50.57 3.24 38.82
CA LEU D 47 -49.97 2.73 40.04
C LEU D 47 -50.36 1.27 40.31
N LYS D 48 -51.62 0.94 40.10
CA LYS D 48 -52.08 -0.44 40.28
C LYS D 48 -51.37 -1.40 39.33
N CYS D 49 -51.22 -1.01 38.07
CA CYS D 49 -50.50 -1.80 37.08
CA CYS D 49 -50.49 -1.84 37.11
C CYS D 49 -49.07 -2.04 37.56
N ALA D 50 -48.42 -0.98 38.01
CA ALA D 50 -47.03 -1.02 38.47
C ALA D 50 -46.84 -1.96 39.66
N LEU D 51 -47.79 -1.95 40.60
CA LEU D 51 -47.73 -2.82 41.77
C LEU D 51 -47.89 -4.29 41.40
N VAL D 52 -48.82 -4.57 40.48
CA VAL D 52 -48.99 -5.91 39.94
C VAL D 52 -47.72 -6.36 39.21
N ASP D 53 -47.15 -5.44 38.42
CA ASP D 53 -45.90 -5.72 37.70
C ASP D 53 -44.72 -6.00 38.63
N ALA D 54 -44.74 -5.38 39.82
CA ALA D 54 -43.68 -5.56 40.81
C ALA D 54 -43.95 -6.74 41.75
N ASN D 55 -45.12 -7.36 41.64
CA ASN D 55 -45.59 -8.37 42.58
C ASN D 55 -45.63 -7.79 44.00
N MET D 56 -46.28 -6.63 44.12
CA MET D 56 -46.37 -5.90 45.38
C MET D 56 -47.79 -5.43 45.65
N LYS D 57 -48.02 -5.04 46.89
CA LYS D 57 -49.28 -4.43 47.32
C LYS D 57 -49.03 -3.02 47.78
N GLN D 58 -50.11 -2.24 47.88
CA GLN D 58 -50.05 -0.87 48.42
C GLN D 58 -49.23 -0.80 49.71
N CYS D 59 -49.53 -1.69 50.64
CA CYS D 59 -48.88 -1.71 51.96
C CYS D 59 -47.37 -1.87 51.88
N ASP D 60 -46.86 -2.39 50.76
CA ASP D 60 -45.42 -2.57 50.57
C ASP D 60 -44.73 -1.27 50.13
N LEU D 61 -45.49 -0.24 49.79
CA LEU D 61 -44.92 1.05 49.43
C LEU D 61 -44.60 1.89 50.65
N GLN D 62 -43.41 2.50 50.67
CA GLN D 62 -43.01 3.37 51.77
C GLN D 62 -42.80 4.82 51.35
N ALA D 63 -42.99 5.13 50.08
CA ALA D 63 -42.88 6.50 49.59
C ALA D 63 -43.53 6.69 48.23
N LEU D 64 -43.90 7.93 47.93
CA LEU D 64 -44.51 8.28 46.65
C LEU D 64 -44.05 9.66 46.21
N ILE D 65 -43.52 9.74 44.99
CA ILE D 65 -43.12 11.00 44.40
C ILE D 65 -43.90 11.23 43.11
N ALA D 66 -44.38 12.45 42.91
CA ALA D 66 -45.13 12.79 41.70
C ALA D 66 -44.74 14.15 41.13
N VAL D 67 -45.17 14.38 39.89
CA VAL D 67 -44.94 15.64 39.20
C VAL D 67 -46.28 16.32 38.94
N PRO D 68 -46.30 17.66 38.86
CA PRO D 68 -47.57 18.37 38.67
C PRO D 68 -48.23 18.11 37.31
N SER D 69 -49.54 18.35 37.26
CA SER D 69 -50.35 18.21 36.06
C SER D 69 -50.79 19.57 35.54
N LEU D 70 -50.80 19.73 34.22
CA LEU D 70 -51.30 20.97 33.60
C LEU D 70 -52.82 20.94 33.45
N ALA D 71 -53.38 19.79 33.11
CA ALA D 71 -54.82 19.64 32.94
C ALA D 71 -55.57 19.88 34.25
N SER D 72 -55.04 19.33 35.34
CA SER D 72 -55.63 19.47 36.67
C SER D 72 -54.58 19.91 37.69
N PRO D 73 -54.21 21.20 37.67
CA PRO D 73 -53.21 21.66 38.64
C PRO D 73 -53.74 21.49 40.06
N GLN D 74 -52.91 20.96 40.94
CA GLN D 74 -53.36 20.56 42.27
C GLN D 74 -52.27 20.80 43.32
N PHE D 75 -52.67 21.49 44.38
CA PHE D 75 -51.86 21.70 45.57
C PHE D 75 -51.41 20.36 46.15
N MET D 76 -50.12 20.24 46.46
CA MET D 76 -49.55 19.00 46.97
C MET D 76 -50.02 17.79 46.15
N GLN D 77 -49.72 17.84 44.85
CA GLN D 77 -50.25 16.87 43.89
C GLN D 77 -50.07 15.41 44.35
N ALA D 78 -48.85 15.08 44.77
CA ALA D 78 -48.52 13.71 45.21
C ALA D 78 -49.41 13.26 46.36
N HIS D 79 -49.60 14.13 47.34
CA HIS D 79 -50.49 13.85 48.46
C HIS D 79 -51.93 13.67 48.00
N HIS D 80 -52.38 14.53 47.09
CA HIS D 80 -53.73 14.45 46.54
C HIS D 80 -53.97 13.11 45.86
N ILE D 81 -53.05 12.73 44.98
CA ILE D 81 -53.13 11.46 44.27
C ILE D 81 -53.14 10.29 45.25
N ALA D 82 -52.23 10.33 46.20
CA ALA D 82 -52.09 9.25 47.20
C ALA D 82 -53.35 9.08 48.04
N THR D 83 -54.01 10.19 48.35
CA THR D 83 -55.21 10.18 49.18
C THR D 83 -56.39 9.61 48.41
N VAL D 84 -56.61 10.11 47.19
CA VAL D 84 -57.73 9.67 46.34
C VAL D 84 -57.57 8.20 45.96
N ALA D 85 -56.34 7.76 45.71
CA ALA D 85 -56.05 6.37 45.37
C ALA D 85 -56.22 5.40 46.56
N GLY D 86 -56.36 5.95 47.76
CA GLY D 86 -56.68 5.13 48.94
C GLY D 86 -55.48 4.49 49.61
N LEU D 87 -54.33 5.15 49.54
CA LEU D 87 -53.11 4.63 50.21
C LEU D 87 -53.15 4.82 51.72
N PHE D 88 -53.96 5.78 52.18
CA PHE D 88 -54.06 6.07 53.61
C PHE D 88 -55.34 5.47 54.19
N PRO D 89 -55.29 5.08 55.48
CA PRO D 89 -54.17 5.17 56.40
C PRO D 89 -53.11 4.09 56.19
N THR D 90 -51.85 4.43 56.41
CA THR D 90 -50.74 3.48 56.33
C THR D 90 -50.32 3.07 57.74
N LYS D 91 -49.68 1.90 57.84
CA LYS D 91 -49.27 1.38 59.15
C LYS D 91 -47.95 1.98 59.59
N GLY D 92 -46.96 1.95 58.70
CA GLY D 92 -45.61 2.45 59.01
C GLY D 92 -45.39 3.89 58.55
N LYS D 93 -44.15 4.20 58.21
CA LYS D 93 -43.81 5.52 57.67
C LYS D 93 -44.05 5.55 56.16
N PHE D 94 -44.56 6.68 55.69
CA PHE D 94 -44.82 6.90 54.28
C PHE D 94 -44.43 8.33 53.93
N ILE D 95 -43.45 8.48 53.03
CA ILE D 95 -42.96 9.80 52.64
C ILE D 95 -43.50 10.18 51.26
N VAL D 96 -44.22 11.30 51.19
CA VAL D 96 -44.83 11.76 49.95
C VAL D 96 -44.22 13.11 49.56
N ARG D 97 -44.13 13.35 48.25
CA ARG D 97 -43.39 14.49 47.73
C ARG D 97 -43.79 14.80 46.29
N THR D 98 -44.00 16.08 45.99
CA THR D 98 -44.22 16.52 44.61
C THR D 98 -43.02 17.37 44.18
N VAL D 99 -42.52 17.10 42.97
CA VAL D 99 -41.36 17.81 42.45
C VAL D 99 -41.65 18.35 41.06
N ASP D 100 -41.15 19.54 40.77
CA ASP D 100 -41.37 20.18 39.47
C ASP D 100 -40.04 20.60 38.84
N THR D 101 -39.60 19.83 37.85
CA THR D 101 -38.52 20.25 36.96
C THR D 101 -38.98 20.10 35.50
N GLY D 102 -40.26 20.39 35.26
CA GLY D 102 -40.84 20.23 33.93
C GLY D 102 -40.79 18.78 33.47
N GLY D 103 -40.52 18.59 32.18
CA GLY D 103 -40.39 17.26 31.59
C GLY D 103 -39.18 16.47 32.03
N ALA D 104 -38.27 17.09 32.78
CA ALA D 104 -37.17 16.37 33.42
C ALA D 104 -37.66 15.60 34.66
N GLY D 105 -38.80 16.03 35.19
CA GLY D 105 -39.38 15.52 36.42
C GLY D 105 -39.28 14.04 36.73
N PRO D 106 -39.78 13.19 35.81
CA PRO D 106 -39.79 11.74 36.09
C PRO D 106 -38.40 11.16 36.37
N ILE D 107 -37.37 11.68 35.73
CA ILE D 107 -36.00 11.23 35.97
C ILE D 107 -35.43 11.91 37.21
N THR D 108 -35.78 13.19 37.42
CA THR D 108 -35.44 13.86 38.68
C THR D 108 -36.00 13.05 39.85
N ALA D 109 -37.29 12.70 39.76
CA ALA D 109 -37.95 11.90 40.80
C ALA D 109 -37.29 10.55 40.99
N LEU D 110 -36.82 9.96 39.89
CA LEU D 110 -36.11 8.68 39.94
C LEU D 110 -34.83 8.80 40.78
N GLY D 111 -34.10 9.89 40.60
CA GLY D 111 -32.90 10.15 41.39
C GLY D 111 -33.19 10.31 42.87
N MET D 112 -34.28 11.02 43.18
CA MET D 112 -34.72 11.18 44.54
C MET D 112 -35.14 9.85 45.17
N ALA D 113 -35.81 9.01 44.39
CA ALA D 113 -36.22 7.68 44.87
C ALA D 113 -35.01 6.85 45.26
N VAL D 114 -34.00 6.85 44.40
CA VAL D 114 -32.73 6.17 44.69
C VAL D 114 -32.16 6.69 46.00
N ASP D 115 -32.14 8.02 46.14
CA ASP D 115 -31.63 8.66 47.35
C ASP D 115 -32.38 8.26 48.62
N LEU D 116 -33.70 8.16 48.53
CA LEU D 116 -34.50 7.72 49.68
C LEU D 116 -34.18 6.30 50.10
N VAL D 117 -33.88 5.45 49.13
CA VAL D 117 -33.52 4.05 49.40
C VAL D 117 -32.13 3.97 50.04
N ARG D 118 -31.16 4.66 49.45
CA ARG D 118 -29.78 4.62 49.94
C ARG D 118 -29.61 5.18 51.35
N THR D 119 -30.34 6.25 51.67
CA THR D 119 -30.33 6.84 53.02
C THR D 119 -31.27 6.12 53.99
N ARG D 120 -31.97 5.10 53.51
CA ARG D 120 -32.88 4.28 54.32
C ARG D 120 -34.07 5.06 54.89
N CYS D 121 -34.50 6.09 54.18
CA CYS D 121 -35.74 6.80 54.51
C CYS D 121 -36.95 6.00 54.03
N ALA D 122 -36.77 5.24 52.95
CA ALA D 122 -37.83 4.40 52.40
C ALA D 122 -37.25 3.26 51.60
N GLU D 123 -37.68 2.03 51.90
CA GLU D 123 -37.19 0.84 51.21
C GLU D 123 -37.76 0.70 49.81
N THR D 124 -38.98 1.20 49.60
CA THR D 124 -39.63 1.19 48.28
C THR D 124 -40.29 2.53 48.00
N VAL D 125 -40.22 2.96 46.73
CA VAL D 125 -40.71 4.27 46.32
C VAL D 125 -41.50 4.16 45.02
N ALA D 126 -42.71 4.72 44.99
CA ALA D 126 -43.47 4.84 43.75
C ALA D 126 -43.22 6.21 43.12
N VAL D 127 -42.95 6.23 41.82
CA VAL D 127 -42.77 7.46 41.08
C VAL D 127 -43.88 7.55 40.05
N ILE D 128 -44.70 8.59 40.12
CA ILE D 128 -45.88 8.71 39.26
C ILE D 128 -45.91 10.03 38.50
N ALA D 129 -46.23 9.96 37.22
CA ALA D 129 -46.52 11.13 36.40
C ALA D 129 -47.82 10.88 35.64
N ALA D 130 -48.72 11.85 35.66
CA ALA D 130 -50.02 11.72 35.02
C ALA D 130 -50.52 13.06 34.51
N ASP D 131 -51.11 13.07 33.31
CA ASP D 131 -51.74 14.28 32.79
C ASP D 131 -52.75 13.97 31.69
N ALA D 132 -53.54 14.97 31.32
CA ALA D 132 -54.61 14.82 30.35
C ALA D 132 -54.73 16.06 29.47
N VAL D 133 -53.62 16.44 28.82
CA VAL D 133 -53.58 17.69 28.06
C VAL D 133 -54.24 17.62 26.68
N LEU D 134 -54.60 16.43 26.22
CA LEU D 134 -55.38 16.32 24.99
C LEU D 134 -56.88 16.48 25.30
N SER D 135 -57.35 15.83 26.36
CA SER D 135 -58.75 15.93 26.77
C SER D 135 -59.14 17.30 27.32
N MET D 136 -58.17 18.07 27.78
CA MET D 136 -58.46 19.37 28.40
C MET D 136 -58.94 20.43 27.40
N GLY D 137 -58.66 20.22 26.11
CA GLY D 137 -59.11 21.14 25.07
C GLY D 137 -58.01 22.10 24.65
N SER D 138 -57.98 22.41 23.36
CA SER D 138 -56.89 23.20 22.79
C SER D 138 -56.82 24.63 23.36
N GLY D 139 -57.98 25.22 23.65
CA GLY D 139 -58.04 26.58 24.20
C GLY D 139 -57.43 26.68 25.59
N ALA D 140 -57.83 25.77 26.46
CA ALA D 140 -57.32 25.73 27.83
C ALA D 140 -55.83 25.38 27.86
N PHE D 141 -55.43 24.41 27.03
CA PHE D 141 -54.02 24.01 26.96
C PHE D 141 -53.13 25.19 26.54
N ALA D 142 -53.51 25.82 25.43
CA ALA D 142 -52.75 26.96 24.90
C ALA D 142 -52.59 28.06 25.94
N GLU D 143 -53.68 28.38 26.63
CA GLU D 143 -53.66 29.43 27.65
C GLU D 143 -52.74 29.10 28.82
N ARG D 144 -52.83 27.87 29.32
CA ARG D 144 -52.02 27.46 30.47
C ARG D 144 -50.55 27.23 30.11
N SER D 145 -50.30 26.64 28.95
CA SER D 145 -48.93 26.43 28.48
C SER D 145 -48.23 27.76 28.20
N ASN D 146 -48.97 28.72 27.65
CA ASN D 146 -48.42 30.07 27.43
C ASN D 146 -48.22 30.84 28.73
N ALA D 147 -49.18 30.70 29.65
CA ALA D 147 -49.08 31.34 30.97
C ALA D 147 -47.87 30.83 31.75
N SER D 148 -47.42 29.61 31.45
CA SER D 148 -46.21 29.06 32.04
C SER D 148 -44.95 29.89 31.75
N LEU D 149 -44.97 30.65 30.66
CA LEU D 149 -43.83 31.50 30.31
C LEU D 149 -44.13 33.00 30.44
N ARG D 150 -44.67 33.42 31.59
CA ARG D 150 -44.83 34.84 31.90
C ARG D 150 -43.45 35.50 32.01
N ARG D 151 -43.35 36.78 31.66
CA ARG D 151 -42.09 37.55 31.78
C ARG D 151 -40.98 37.14 30.79
N SER D 152 -41.27 36.24 29.86
CA SER D 152 -40.30 35.75 28.88
C SER D 152 -40.21 36.67 27.66
N GLY D 153 -41.32 37.31 27.30
CA GLY D 153 -41.38 38.16 26.11
C GLY D 153 -41.58 37.38 24.84
N LEU D 154 -41.84 36.08 24.96
CA LEU D 154 -42.01 35.21 23.80
C LEU D 154 -43.42 35.34 23.24
N PRO D 155 -43.54 35.42 21.90
CA PRO D 155 -44.86 35.42 21.29
C PRO D 155 -45.53 34.04 21.37
N GLU D 156 -46.85 34.01 21.25
CA GLU D 156 -47.62 32.78 21.38
C GLU D 156 -47.59 31.96 20.10
N PRO D 157 -47.57 30.61 20.19
CA PRO D 157 -47.38 29.83 21.42
C PRO D 157 -45.95 29.93 21.94
N CYS D 158 -45.80 30.17 23.23
CA CYS D 158 -44.52 30.60 23.79
C CYS D 158 -43.44 29.51 23.80
N ILE D 159 -43.81 28.30 24.21
CA ILE D 159 -42.83 27.22 24.31
C ILE D 159 -42.20 26.88 22.95
N PRO D 160 -43.02 26.68 21.89
CA PRO D 160 -42.46 26.49 20.56
C PRO D 160 -41.56 27.64 20.11
N HIS D 161 -41.99 28.88 20.36
CA HIS D 161 -41.20 30.06 20.00
C HIS D 161 -39.88 30.12 20.76
N GLY D 162 -39.89 29.67 22.01
CA GLY D 162 -38.69 29.63 22.82
C GLY D 162 -37.66 28.67 22.23
N TYR D 163 -38.10 27.47 21.90
CA TYR D 163 -37.24 26.47 21.28
C TYR D 163 -36.83 26.87 19.86
N ASP D 164 -37.74 27.54 19.17
CA ASP D 164 -37.46 28.05 17.82
C ASP D 164 -36.30 29.04 17.85
N ARG D 165 -36.24 29.88 18.89
CA ARG D 165 -35.16 30.84 19.03
C ARG D 165 -33.79 30.14 19.20
N TYR D 166 -33.77 29.02 19.91
CA TYR D 166 -32.54 28.22 20.05
C TYR D 166 -32.19 27.50 18.75
N ALA D 167 -33.20 27.05 18.02
CA ALA D 167 -32.99 26.40 16.73
C ALA D 167 -32.33 27.35 15.74
N GLN D 168 -32.84 28.59 15.66
CA GLN D 168 -32.26 29.62 14.79
C GLN D 168 -30.82 29.95 15.16
N TRP D 169 -30.52 29.93 16.45
CA TRP D 169 -29.17 30.16 16.94
C TRP D 169 -28.23 29.03 16.52
N TYR D 170 -28.73 27.80 16.55
CA TYR D 170 -27.97 26.64 16.06
C TYR D 170 -27.69 26.74 14.57
N MET D 171 -28.66 27.23 13.81
CA MET D 171 -28.50 27.40 12.36
C MET D 171 -27.42 28.42 12.05
N SER D 172 -27.45 29.55 12.75
CA SER D 172 -26.46 30.62 12.57
C SER D 172 -25.08 30.21 13.07
N ARG D 173 -25.04 29.60 14.25
CA ARG D 173 -23.78 29.24 14.90
C ARG D 173 -23.07 28.07 14.22
N TYR D 174 -23.79 26.96 14.04
CA TYR D 174 -23.19 25.70 13.58
C TYR D 174 -23.52 25.34 12.13
N GLY D 175 -24.36 26.14 11.47
CA GLY D 175 -24.76 25.86 10.10
C GLY D 175 -25.79 24.74 9.99
N LEU D 176 -26.57 24.53 11.05
CA LEU D 176 -27.67 23.57 11.02
C LEU D 176 -28.65 23.97 9.93
N LYS D 177 -29.11 22.99 9.15
CA LYS D 177 -30.00 23.24 8.02
C LYS D 177 -31.46 23.06 8.43
N ARG D 178 -32.35 23.85 7.84
CA ARG D 178 -33.78 23.76 8.11
C ARG D 178 -34.32 22.36 7.89
N GLU D 179 -33.85 21.69 6.84
CA GLU D 179 -34.35 20.36 6.50
C GLU D 179 -33.91 19.31 7.51
N GLN D 180 -32.81 19.56 8.20
CA GLN D 180 -32.30 18.63 9.22
C GLN D 180 -33.15 18.64 10.49
N LEU D 181 -33.70 19.80 10.83
CA LEU D 181 -34.71 19.88 11.90
C LEU D 181 -35.93 19.05 11.51
N ALA D 182 -36.42 19.25 10.30
CA ALA D 182 -37.62 18.56 9.80
C ALA D 182 -37.45 17.05 9.67
N MET D 183 -36.20 16.57 9.58
CA MET D 183 -35.93 15.14 9.52
C MET D 183 -36.21 14.41 10.84
N VAL D 184 -36.21 15.15 11.95
CA VAL D 184 -36.45 14.54 13.27
C VAL D 184 -37.83 13.86 13.35
N PRO D 185 -38.92 14.61 13.08
CA PRO D 185 -40.24 13.96 13.12
C PRO D 185 -40.42 12.85 12.08
N VAL D 186 -39.70 12.94 10.96
CA VAL D 186 -39.72 11.86 9.96
C VAL D 186 -39.19 10.59 10.58
N LEU D 187 -38.00 10.68 11.18
CA LEU D 187 -37.38 9.52 11.82
C LEU D 187 -38.21 8.99 12.99
N MET D 188 -38.78 9.90 13.78
CA MET D 188 -39.66 9.51 14.89
C MET D 188 -40.95 8.85 14.42
N SER D 189 -41.49 9.33 13.30
CA SER D 189 -42.71 8.75 12.73
C SER D 189 -42.47 7.36 12.18
N LYS D 190 -41.26 7.12 11.68
CA LYS D 190 -40.86 5.78 11.23
C LYS D 190 -40.80 4.80 12.40
N MET D 191 -40.34 5.28 13.55
CA MET D 191 -40.33 4.48 14.77
C MET D 191 -41.75 4.26 15.30
N ALA D 192 -42.53 5.34 15.35
CA ALA D 192 -43.88 5.31 15.92
C ALA D 192 -44.81 4.32 15.25
N GLU D 193 -44.70 4.19 13.93
CA GLU D 193 -45.63 3.33 13.17
C GLU D 193 -45.41 1.84 13.45
N ARG D 194 -44.28 1.50 14.08
CA ARG D 194 -44.03 0.13 14.55
C ARG D 194 -44.52 -0.10 16.00
N HIS D 195 -44.91 0.97 16.69
CA HIS D 195 -45.48 0.87 18.04
C HIS D 195 -47.02 0.93 17.95
N PRO D 196 -47.71 -0.15 18.35
CA PRO D 196 -49.18 -0.23 18.24
C PRO D 196 -49.97 0.93 18.87
N GLU D 197 -49.46 1.46 19.98
CA GLU D 197 -50.14 2.52 20.73
C GLU D 197 -49.70 3.94 20.41
N ALA D 198 -48.64 4.10 19.63
CA ALA D 198 -48.18 5.44 19.26
C ALA D 198 -49.28 6.20 18.51
N MET D 199 -49.44 7.47 18.83
CA MET D 199 -50.52 8.27 18.25
C MET D 199 -50.34 8.54 16.77
N CYS D 200 -49.08 8.60 16.32
CA CYS D 200 -48.76 8.66 14.89
C CYS D 200 -48.60 7.23 14.39
N GLN D 201 -49.47 6.83 13.47
CA GLN D 201 -49.39 5.48 12.92
C GLN D 201 -49.00 5.40 11.44
N LYS D 202 -48.78 6.56 10.83
CA LYS D 202 -48.32 6.63 9.43
C LYS D 202 -47.13 7.58 9.34
N ALA D 203 -46.02 7.10 8.79
CA ALA D 203 -44.79 7.89 8.74
C ALA D 203 -44.92 9.11 7.85
N TYR D 204 -44.25 10.19 8.24
CA TYR D 204 -44.24 11.43 7.46
C TYR D 204 -43.17 11.37 6.39
N THR D 205 -43.35 12.19 5.35
CA THR D 205 -42.26 12.49 4.41
C THR D 205 -41.66 13.83 4.82
N LEU D 206 -40.45 14.11 4.36
CA LEU D 206 -39.77 15.36 4.69
C LEU D 206 -40.56 16.58 4.19
N ASP D 207 -41.09 16.49 2.97
CA ASP D 207 -41.91 17.57 2.39
C ASP D 207 -43.19 17.78 3.19
N GLU D 208 -43.78 16.70 3.65
CA GLU D 208 -45.02 16.76 4.43
C GLU D 208 -44.79 17.54 5.74
N VAL D 209 -43.66 17.30 6.39
CA VAL D 209 -43.25 18.05 7.58
C VAL D 209 -43.00 19.52 7.24
N LEU D 210 -42.25 19.76 6.16
CA LEU D 210 -41.89 21.12 5.74
C LEU D 210 -43.10 21.93 5.27
N HIS D 211 -44.11 21.26 4.71
CA HIS D 211 -45.31 21.93 4.21
C HIS D 211 -46.47 21.94 5.22
N SER D 212 -46.23 21.45 6.44
CA SER D 212 -47.25 21.49 7.49
C SER D 212 -47.36 22.90 8.07
N ARG D 213 -48.44 23.14 8.81
CA ARG D 213 -48.74 24.46 9.35
C ARG D 213 -47.58 25.05 10.15
N CYS D 214 -47.26 26.31 9.87
CA CYS D 214 -46.18 27.00 10.55
C CYS D 214 -46.60 27.42 11.97
N VAL D 215 -45.79 27.08 12.97
CA VAL D 215 -46.04 27.46 14.35
C VAL D 215 -45.06 28.57 14.77
N ALA D 216 -43.81 28.41 14.38
CA ALA D 216 -42.78 29.42 14.58
C ALA D 216 -41.86 29.41 13.34
N PRO D 217 -41.08 30.48 13.14
CA PRO D 217 -40.29 30.64 11.89
C PRO D 217 -39.62 29.38 11.32
N VAL D 218 -38.99 28.58 12.18
CA VAL D 218 -38.34 27.35 11.74
C VAL D 218 -38.93 26.10 12.43
N THR D 219 -40.19 26.21 12.83
CA THR D 219 -40.87 25.12 13.54
C THR D 219 -42.30 24.98 13.03
N ASN D 220 -42.61 23.84 12.43
CA ASN D 220 -43.94 23.56 11.92
C ASN D 220 -44.71 22.59 12.82
N LEU D 221 -46.00 22.41 12.52
CA LEU D 221 -46.90 21.59 13.34
C LEU D 221 -46.40 20.18 13.57
N LEU D 222 -45.95 19.51 12.51
CA LEU D 222 -45.49 18.12 12.62
C LEU D 222 -44.13 17.99 13.33
N GLU D 223 -43.51 19.12 13.66
CA GLU D 223 -42.29 19.15 14.48
C GLU D 223 -42.58 19.43 15.97
N CYS D 224 -43.83 19.69 16.31
CA CYS D 224 -44.22 19.99 17.70
C CYS D 224 -44.54 18.72 18.49
N ALA D 225 -44.28 18.76 19.80
CA ALA D 225 -44.63 17.66 20.69
C ALA D 225 -46.14 17.39 20.61
N ARG D 226 -46.49 16.11 20.53
CA ARG D 226 -47.88 15.70 20.28
C ARG D 226 -48.69 15.61 21.58
N ARG D 227 -49.68 16.50 21.73
CA ARG D 227 -50.55 16.50 22.91
C ARG D 227 -51.24 15.14 23.14
N ALA D 228 -51.15 14.65 24.38
CA ALA D 228 -51.75 13.36 24.73
C ALA D 228 -52.16 13.32 26.20
N ASP D 229 -53.08 12.40 26.52
CA ASP D 229 -53.36 12.02 27.90
C ASP D 229 -52.55 10.77 28.19
N GLY D 230 -52.12 10.61 29.43
CA GLY D 230 -51.42 9.39 29.82
C GLY D 230 -50.84 9.47 31.22
N ALA D 231 -50.61 8.31 31.82
CA ALA D 231 -49.97 8.22 33.12
C ALA D 231 -49.05 7.01 33.16
N VAL D 232 -47.96 7.16 33.91
CA VAL D 232 -46.98 6.08 34.10
C VAL D 232 -46.59 6.07 35.57
N ALA D 233 -46.40 4.87 36.11
CA ALA D 233 -45.95 4.70 37.48
C ALA D 233 -44.77 3.72 37.52
N LEU D 234 -43.75 4.08 38.28
CA LEU D 234 -42.56 3.24 38.46
C LEU D 234 -42.44 2.86 39.93
N ILE D 235 -42.02 1.63 40.21
CA ILE D 235 -41.71 1.20 41.57
C ILE D 235 -40.20 1.01 41.68
N VAL D 236 -39.58 1.71 42.63
CA VAL D 236 -38.15 1.66 42.86
C VAL D 236 -37.88 0.99 44.20
N SER D 237 -36.87 0.11 44.22
CA SER D 237 -36.53 -0.64 45.42
C SER D 237 -35.08 -1.09 45.40
N GLY D 238 -34.51 -1.27 46.58
CA GLY D 238 -33.21 -1.89 46.72
C GLY D 238 -33.28 -3.32 46.22
N GLU D 239 -32.23 -3.75 45.53
CA GLU D 239 -32.16 -5.10 44.95
C GLU D 239 -32.37 -6.19 46.01
N ALA D 240 -31.61 -6.08 47.11
CA ALA D 240 -31.64 -7.08 48.17
C ALA D 240 -33.01 -7.15 48.85
N HIS D 241 -33.56 -5.99 49.18
CA HIS D 241 -34.89 -5.92 49.81
C HIS D 241 -35.95 -6.58 48.94
N TYR D 242 -35.89 -6.32 47.63
CA TYR D 242 -36.88 -6.84 46.70
C TYR D 242 -36.81 -8.36 46.55
N ALA D 243 -35.60 -8.88 46.44
CA ALA D 243 -35.37 -10.32 46.30
C ALA D 243 -35.85 -11.09 47.53
N GLU D 244 -35.61 -10.53 48.72
CA GLU D 244 -36.04 -11.16 49.97
C GLU D 244 -37.55 -11.33 50.08
N HIS D 245 -38.30 -10.30 49.68
CA HIS D 245 -39.74 -10.24 49.96
C HIS D 245 -40.65 -10.50 48.77
N PHE D 246 -40.23 -10.11 47.56
CA PHE D 246 -41.15 -10.09 46.40
C PHE D 246 -40.69 -10.86 45.17
N ALA D 247 -39.50 -11.47 45.20
CA ALA D 247 -39.04 -12.29 44.08
C ALA D 247 -39.36 -13.75 44.33
N GLY D 257 -33.70 -9.26 35.06
CA GLY D 257 -32.56 -8.35 34.96
C GLY D 257 -32.93 -7.10 34.19
N GLY D 258 -33.10 -7.25 32.89
CA GLY D 258 -33.47 -6.13 32.02
C GLY D 258 -34.88 -5.63 32.23
N SER D 259 -35.78 -6.50 32.67
CA SER D 259 -37.16 -6.12 32.94
C SER D 259 -37.29 -5.32 34.25
N LYS D 260 -36.29 -5.48 35.12
CA LYS D 260 -36.23 -4.74 36.38
C LYS D 260 -34.83 -4.14 36.55
N PRO D 261 -34.48 -3.17 35.69
CA PRO D 261 -33.09 -2.75 35.56
C PRO D 261 -32.52 -1.98 36.75
N ILE D 262 -31.21 -2.10 36.92
CA ILE D 262 -30.49 -1.34 37.93
C ILE D 262 -30.43 0.12 37.48
N ILE D 263 -30.71 1.02 38.40
CA ILE D 263 -30.51 2.44 38.16
C ILE D 263 -29.04 2.69 38.47
N ALA D 264 -28.22 2.69 37.41
CA ALA D 264 -26.77 2.79 37.58
C ALA D 264 -26.35 4.18 38.04
N SER D 265 -27.01 5.19 37.51
CA SER D 265 -26.77 6.57 37.93
C SER D 265 -27.90 7.50 37.51
N VAL D 266 -27.99 8.64 38.21
CA VAL D 266 -28.88 9.72 37.84
C VAL D 266 -28.15 11.03 38.11
N ALA D 267 -28.21 11.97 37.17
CA ALA D 267 -27.57 13.27 37.33
C ALA D 267 -28.41 14.37 36.71
N GLU D 268 -28.31 15.57 37.26
CA GLU D 268 -29.10 16.71 36.81
C GLU D 268 -28.26 17.97 36.62
N ALA D 269 -28.82 18.89 35.84
CA ALA D 269 -28.27 20.22 35.66
C ALA D 269 -29.38 21.11 35.13
N SER D 270 -29.21 22.43 35.25
CA SER D 270 -30.30 23.36 34.93
C SER D 270 -29.84 24.58 34.16
N GLY D 271 -30.81 25.35 33.67
CA GLY D 271 -30.56 26.57 32.92
C GLY D 271 -31.76 27.50 33.03
N PRO D 272 -31.69 28.66 32.34
CA PRO D 272 -32.78 29.64 32.41
C PRO D 272 -34.10 29.10 31.85
N LEU D 273 -35.21 29.61 32.39
CA LEU D 273 -36.53 29.12 32.01
C LEU D 273 -36.90 29.52 30.58
N PHE D 274 -36.36 30.66 30.13
CA PHE D 274 -36.58 31.14 28.77
C PHE D 274 -35.32 31.84 28.26
N PRO D 275 -35.15 31.91 26.93
CA PRO D 275 -33.91 32.48 26.37
C PRO D 275 -33.80 34.00 26.57
N PRO D 276 -32.59 34.55 26.37
CA PRO D 276 -32.40 36.01 26.33
C PRO D 276 -33.21 36.65 25.20
N SER D 279 -30.72 37.25 21.53
CA SER D 279 -30.21 36.10 20.80
C SER D 279 -28.69 36.11 20.67
N ASP D 280 -28.11 37.31 20.66
CA ASP D 280 -26.66 37.46 20.70
C ASP D 280 -26.10 37.10 22.08
N ASP D 281 -26.96 37.14 23.09
CA ASP D 281 -26.58 36.75 24.45
C ASP D 281 -26.82 35.26 24.73
N ILE D 282 -27.05 34.47 23.69
CA ILE D 282 -27.24 33.03 23.86
C ILE D 282 -25.84 32.45 23.80
N VAL D 283 -25.47 31.73 24.85
CA VAL D 283 -24.14 31.12 24.97
C VAL D 283 -24.26 29.61 25.13
N PRO D 284 -23.20 28.86 24.75
CA PRO D 284 -23.27 27.39 24.85
C PRO D 284 -23.36 26.83 26.27
N ASP D 285 -22.94 27.60 27.29
CA ASP D 285 -23.00 27.12 28.67
C ASP D 285 -24.42 27.21 29.28
N ILE D 286 -25.36 27.78 28.52
CA ILE D 286 -26.78 27.73 28.88
C ILE D 286 -27.29 26.29 28.87
N PHE D 287 -26.84 25.50 27.89
CA PHE D 287 -27.28 24.12 27.73
C PHE D 287 -26.66 23.23 28.81
N SER D 288 -27.49 22.41 29.43
CA SER D 288 -27.11 21.66 30.62
C SER D 288 -27.08 20.14 30.44
N CYS D 289 -27.57 19.64 29.31
CA CYS D 289 -27.66 18.20 29.07
C CYS D 289 -26.29 17.52 29.06
N ARG D 290 -25.30 18.19 28.50
CA ARG D 290 -23.95 17.65 28.42
C ARG D 290 -23.33 17.42 29.79
N HIS D 291 -23.52 18.37 30.69
CA HIS D 291 -23.00 18.27 32.06
C HIS D 291 -23.69 17.13 32.79
N ALA D 292 -25.01 17.05 32.65
CA ALA D 292 -25.81 16.00 33.27
C ALA D 292 -25.41 14.63 32.74
N ALA D 293 -25.26 14.53 31.42
CA ALA D 293 -24.85 13.28 30.78
C ALA D 293 -23.45 12.84 31.26
N ARG D 294 -22.50 13.78 31.26
CA ARG D 294 -21.14 13.49 31.72
C ARG D 294 -21.12 12.99 33.16
N ASP D 295 -21.87 13.64 34.04
CA ASP D 295 -21.94 13.23 35.45
C ASP D 295 -22.58 11.85 35.64
N ALA D 296 -23.56 11.53 34.79
CA ALA D 296 -24.21 10.22 34.85
C ALA D 296 -23.26 9.10 34.40
N PHE D 297 -22.47 9.37 33.36
CA PHE D 297 -21.48 8.41 32.87
C PHE D 297 -20.40 8.13 33.91
N LEU D 298 -19.82 9.20 34.48
CA LEU D 298 -18.80 9.08 35.53
C LEU D 298 -19.32 8.34 36.75
N SER D 299 -20.51 8.71 37.19
CA SER D 299 -21.14 8.05 38.32
C SER D 299 -21.34 6.57 38.10
N ALA D 300 -21.76 6.19 36.89
CA ALA D 300 -21.98 4.78 36.55
C ALA D 300 -20.70 4.06 36.10
N ASN D 301 -19.62 4.82 35.91
CA ASN D 301 -18.36 4.29 35.38
C ASN D 301 -18.56 3.63 34.02
N LEU D 302 -19.17 4.39 33.11
CA LEU D 302 -19.48 3.91 31.77
C LEU D 302 -19.22 5.01 30.76
N ASN D 303 -19.24 4.64 29.48
CA ASN D 303 -19.09 5.60 28.40
C ASN D 303 -20.19 5.39 27.37
N VAL D 304 -20.32 6.33 26.43
CA VAL D 304 -21.39 6.29 25.46
C VAL D 304 -21.39 5.00 24.62
N GLY D 305 -20.20 4.49 24.30
CA GLY D 305 -20.05 3.26 23.53
C GLY D 305 -20.60 2.01 24.22
N ASP D 306 -20.73 2.07 25.54
CA ASP D 306 -21.35 0.99 26.32
C ASP D 306 -22.89 1.02 26.26
N ILE D 307 -23.46 2.12 25.79
CA ILE D 307 -24.91 2.31 25.76
C ILE D 307 -25.45 1.98 24.38
N HIS D 308 -26.44 1.09 24.32
CA HIS D 308 -27.01 0.69 23.03
C HIS D 308 -28.52 0.93 22.89
N PHE D 309 -29.12 1.65 23.84
CA PHE D 309 -30.42 2.27 23.62
C PHE D 309 -30.48 3.64 24.27
N PHE D 310 -31.07 4.59 23.56
CA PHE D 310 -31.19 5.95 24.03
C PHE D 310 -32.63 6.42 23.98
N GLY D 311 -33.18 6.79 25.14
CA GLY D 311 -34.49 7.44 25.22
C GLY D 311 -34.27 8.92 25.45
N LEU D 312 -34.29 9.69 24.38
CA LEU D 312 -33.89 11.10 24.42
C LEU D 312 -35.06 12.04 24.19
N TYR D 313 -35.25 12.96 25.14
CA TYR D 313 -36.32 13.95 25.07
C TYR D 313 -36.30 14.71 23.74
N ASP D 314 -37.46 14.80 23.09
CA ASP D 314 -37.56 15.35 21.75
C ASP D 314 -38.83 16.19 21.58
N CYS D 315 -39.05 17.13 22.50
CA CYS D 315 -40.24 17.99 22.43
C CYS D 315 -40.27 18.78 21.12
N PHE D 316 -39.09 19.19 20.65
CA PHE D 316 -38.91 19.79 19.33
C PHE D 316 -37.61 19.27 18.72
N PRO D 317 -37.46 19.33 17.38
CA PRO D 317 -36.27 18.80 16.72
C PRO D 317 -34.94 19.25 17.32
N ILE D 318 -34.85 20.53 17.64
CA ILE D 318 -33.63 21.10 18.23
C ILE D 318 -33.25 20.44 19.56
N CYS D 319 -34.26 19.98 20.31
CA CYS D 319 -34.00 19.29 21.57
C CYS D 319 -33.29 17.95 21.35
N LEU D 320 -33.75 17.19 20.37
CA LEU D 320 -33.15 15.89 20.07
C LEU D 320 -31.78 16.07 19.42
N ILE D 321 -31.68 17.06 18.54
CA ILE D 321 -30.41 17.38 17.89
C ILE D 321 -29.34 17.74 18.92
N GLN D 322 -29.71 18.55 19.91
CA GLN D 322 -28.80 18.91 21.00
C GLN D 322 -28.52 17.73 21.93
N ALA D 323 -29.51 16.85 22.09
CA ALA D 323 -29.38 15.68 22.96
C ALA D 323 -28.31 14.71 22.47
N VAL D 324 -28.35 14.35 21.18
CA VAL D 324 -27.39 13.40 20.62
C VAL D 324 -25.95 13.92 20.71
N GLU D 325 -25.79 15.23 20.57
CA GLU D 325 -24.50 15.88 20.77
C GLU D 325 -24.10 15.81 22.24
N ALA D 326 -25.03 16.18 23.12
CA ALA D 326 -24.76 16.26 24.56
C ALA D 326 -24.33 14.94 25.19
N VAL D 327 -24.96 13.84 24.76
CA VAL D 327 -24.64 12.50 25.30
C VAL D 327 -23.47 11.83 24.58
N GLY D 328 -22.98 12.45 23.50
CA GLY D 328 -21.77 11.99 22.83
C GLY D 328 -21.97 10.99 21.70
N LEU D 329 -23.18 10.91 21.15
CA LEU D 329 -23.43 10.08 19.96
C LEU D 329 -22.79 10.71 18.72
N CYS D 330 -22.59 12.02 18.77
CA CYS D 330 -21.86 12.72 17.70
C CYS D 330 -21.21 13.99 18.28
N PRO D 331 -20.27 14.59 17.54
CA PRO D 331 -19.62 15.81 18.01
C PRO D 331 -20.56 17.01 18.11
N GLU D 332 -20.14 18.01 18.90
CA GLU D 332 -20.85 19.28 19.00
C GLU D 332 -21.06 19.88 17.60
N GLY D 333 -22.27 20.39 17.36
CA GLY D 333 -22.63 20.95 16.05
C GLY D 333 -22.93 19.98 14.93
N LYS D 334 -22.80 18.68 15.18
CA LYS D 334 -22.99 17.66 14.14
C LYS D 334 -24.31 16.88 14.28
N GLY D 335 -25.19 17.34 15.17
CA GLY D 335 -26.46 16.65 15.41
C GLY D 335 -27.40 16.65 14.22
N GLY D 336 -27.44 17.77 13.50
CA GLY D 336 -28.23 17.87 12.27
C GLY D 336 -27.78 16.87 11.22
N GLU D 337 -26.46 16.73 11.08
CA GLU D 337 -25.86 15.79 10.13
C GLU D 337 -26.07 14.35 10.58
N PHE D 338 -26.12 14.14 11.89
CA PHE D 338 -26.45 12.84 12.46
C PHE D 338 -27.85 12.41 12.04
N MET D 339 -28.79 13.36 12.02
CA MET D 339 -30.15 13.08 11.56
C MET D 339 -30.18 12.77 10.06
N GLU D 340 -29.43 13.56 9.30
CA GLU D 340 -29.41 13.41 7.83
C GLU D 340 -28.81 12.08 7.39
N THR D 341 -27.71 11.68 8.04
CA THR D 341 -27.12 10.37 7.81
C THR D 341 -28.14 9.23 7.99
N ALA D 342 -28.91 9.28 9.07
CA ALA D 342 -29.92 8.26 9.35
C ALA D 342 -31.08 8.34 8.37
N TYR D 343 -31.48 9.55 8.02
CA TYR D 343 -32.54 9.79 7.05
C TYR D 343 -32.17 9.24 5.66
N ASN D 344 -30.94 9.50 5.23
CA ASN D 344 -30.46 9.01 3.93
C ASN D 344 -30.32 7.49 3.89
N GLU D 345 -29.81 6.90 4.97
CA GLU D 345 -29.71 5.45 5.08
C GLU D 345 -31.10 4.82 5.10
N MET D 346 -32.07 5.53 5.68
CA MET D 346 -33.46 5.08 5.68
C MET D 346 -34.03 5.05 4.26
N LEU D 347 -33.76 6.12 3.48
CA LEU D 347 -34.21 6.19 2.09
C LEU D 347 -33.57 5.11 1.22
N ASN D 348 -32.27 4.87 1.43
CA ASN D 348 -31.53 3.84 0.68
C ASN D 348 -31.77 2.42 1.19
N ASN D 349 -32.63 2.26 2.20
CA ASN D 349 -33.01 0.94 2.72
C ASN D 349 -34.50 0.66 2.46
N GLY D 350 -35.02 1.18 1.35
CA GLY D 350 -36.42 0.99 0.98
C GLY D 350 -37.40 1.67 1.92
N GLY D 351 -37.01 2.82 2.46
CA GLY D 351 -37.86 3.56 3.41
C GLY D 351 -37.94 2.99 4.81
N VAL D 352 -37.12 1.97 5.10
CA VAL D 352 -37.13 1.29 6.39
C VAL D 352 -36.03 1.87 7.28
N LEU D 353 -36.41 2.33 8.46
CA LEU D 353 -35.45 2.83 9.45
C LEU D 353 -35.07 1.67 10.37
N ASP D 354 -33.87 1.14 10.19
CA ASP D 354 -33.34 0.05 11.00
C ASP D 354 -32.97 0.60 12.38
N PRO D 355 -33.61 0.08 13.45
CA PRO D 355 -33.29 0.55 14.80
C PRO D 355 -31.83 0.39 15.20
N SER D 356 -31.14 -0.63 14.70
CA SER D 356 -29.72 -0.84 15.02
C SER D 356 -28.82 0.30 14.55
N LYS D 357 -29.21 0.97 13.47
CA LYS D 357 -28.46 2.11 12.95
C LYS D 357 -28.89 3.44 13.59
N PHE D 358 -30.00 3.41 14.33
CA PHE D 358 -30.53 4.60 14.99
C PHE D 358 -31.29 4.18 16.25
N PRO D 359 -30.54 3.73 17.28
CA PRO D 359 -31.15 3.10 18.44
C PRO D 359 -31.68 4.13 19.44
N ILE D 360 -32.60 4.96 18.97
CA ILE D 360 -33.06 6.13 19.69
C ILE D 360 -34.57 6.26 19.59
N ASN D 361 -35.24 6.41 20.73
CA ASN D 361 -36.69 6.64 20.76
C ASN D 361 -37.45 5.70 19.84
N THR D 362 -37.24 4.41 20.00
CA THR D 362 -37.87 3.41 19.15
C THR D 362 -39.39 3.39 19.30
N HIS D 363 -39.90 4.05 20.33
CA HIS D 363 -41.35 4.23 20.56
C HIS D 363 -41.96 5.37 19.74
N GLY D 364 -41.14 6.35 19.35
CA GLY D 364 -41.62 7.50 18.58
C GLY D 364 -41.46 8.83 19.27
N GLY D 365 -41.14 8.78 20.57
CA GLY D 365 -40.85 9.99 21.35
C GLY D 365 -42.03 10.93 21.51
N LEU D 366 -41.76 12.13 22.02
CA LEU D 366 -42.77 13.17 22.17
C LEU D 366 -43.38 13.57 20.81
N GLN D 367 -42.57 13.47 19.76
CA GLN D 367 -42.99 13.85 18.41
C GLN D 367 -44.13 12.98 17.89
N CYS D 368 -44.01 11.67 18.08
CA CYS D 368 -44.90 10.73 17.40
C CYS D 368 -45.50 9.62 18.27
N PHE D 369 -44.98 9.41 19.49
CA PHE D 369 -45.64 8.52 20.45
C PHE D 369 -46.70 9.32 21.22
N GLY D 370 -46.29 10.42 21.83
CA GLY D 370 -47.19 11.29 22.59
C GLY D 370 -46.49 12.04 23.71
N ALA D 371 -47.08 13.15 24.14
CA ALA D 371 -46.46 14.05 25.11
C ALA D 371 -47.46 14.62 26.11
N PRO D 372 -47.77 13.87 27.18
CA PRO D 372 -48.62 14.41 28.25
C PRO D 372 -47.86 15.34 29.21
N TRP D 373 -47.49 16.52 28.72
CA TRP D 373 -46.85 17.56 29.54
C TRP D 373 -45.55 17.06 30.24
N GLU D 374 -45.57 16.84 31.55
CA GLU D 374 -44.36 16.39 32.27
C GLU D 374 -44.21 14.87 32.34
N VAL D 375 -45.08 14.13 31.65
CA VAL D 375 -45.07 12.68 31.69
C VAL D 375 -44.03 11.99 30.78
N PRO D 376 -43.85 12.48 29.53
CA PRO D 376 -43.31 11.60 28.50
C PRO D 376 -41.86 11.11 28.67
N ALA D 377 -41.08 11.72 29.55
CA ALA D 377 -39.78 11.17 29.90
C ALA D 377 -39.92 9.76 30.47
N MET D 378 -41.09 9.48 31.06
CA MET D 378 -41.44 8.13 31.50
C MET D 378 -41.42 7.11 30.36
N TYR D 379 -41.78 7.54 29.17
CA TYR D 379 -41.83 6.64 28.02
C TYR D 379 -40.43 6.29 27.50
N ASN D 380 -39.47 7.19 27.72
CA ASN D 380 -38.06 6.86 27.49
C ASN D 380 -37.62 5.73 28.41
N ILE D 381 -38.10 5.76 29.65
CA ILE D 381 -37.80 4.71 30.62
C ILE D 381 -38.51 3.39 30.27
N THR D 382 -39.79 3.45 29.92
CA THR D 382 -40.56 2.24 29.63
C THR D 382 -40.10 1.57 28.33
N GLU D 383 -39.77 2.39 27.33
CA GLU D 383 -39.24 1.86 26.07
C GLU D 383 -37.84 1.27 26.26
N ALA D 384 -37.02 1.91 27.11
CA ALA D 384 -35.72 1.35 27.48
C ALA D 384 -35.86 -0.03 28.11
N ILE D 385 -36.79 -0.14 29.06
CA ILE D 385 -37.04 -1.41 29.75
C ILE D 385 -37.54 -2.49 28.79
N ALA D 386 -38.42 -2.10 27.86
CA ALA D 386 -38.89 -3.01 26.83
C ALA D 386 -37.73 -3.57 26.00
N GLN D 387 -36.83 -2.68 25.58
CA GLN D 387 -35.65 -3.08 24.83
C GLN D 387 -34.71 -3.98 25.65
N LEU D 388 -34.44 -3.60 26.89
CA LEU D 388 -33.54 -4.34 27.77
C LEU D 388 -34.08 -5.74 28.11
N SER D 389 -35.41 -5.88 28.15
CA SER D 389 -36.05 -7.15 28.49
C SER D 389 -36.41 -7.98 27.26
N GLU D 390 -36.08 -7.47 26.08
CA GLU D 390 -36.40 -8.12 24.81
C GLU D 390 -37.91 -8.29 24.65
N GLU D 391 -38.65 -7.22 24.92
CA GLU D 391 -40.10 -7.22 24.83
C GLU D 391 -40.61 -6.01 24.04
N ALA D 392 -39.81 -5.58 23.07
CA ALA D 392 -40.14 -4.40 22.26
C ALA D 392 -40.73 -4.76 20.90
N GLY D 393 -41.01 -6.04 20.68
CA GLY D 393 -41.72 -6.50 19.48
C GLY D 393 -41.00 -6.26 18.18
N ASP D 394 -41.67 -5.56 17.26
CA ASP D 394 -41.09 -5.23 15.94
C ASP D 394 -40.05 -4.13 16.02
N ARG D 395 -39.99 -3.45 17.16
CA ARG D 395 -39.04 -2.36 17.40
C ARG D 395 -37.74 -2.89 18.01
N GLN D 396 -37.71 -4.19 18.30
CA GLN D 396 -36.65 -4.78 19.12
C GLN D 396 -35.26 -4.64 18.50
N LEU D 397 -34.31 -4.18 19.32
CA LEU D 397 -32.90 -4.09 18.93
C LEU D 397 -32.24 -5.46 19.06
N THR D 398 -31.40 -5.79 18.08
CA THR D 398 -30.62 -7.02 18.10
C THR D 398 -29.15 -6.68 17.81
N PRO D 399 -28.21 -7.14 18.66
CA PRO D 399 -28.43 -7.92 19.88
C PRO D 399 -29.14 -7.12 20.98
N VAL D 400 -29.68 -7.82 21.96
CA VAL D 400 -30.41 -7.18 23.06
C VAL D 400 -29.48 -6.23 23.81
N PRO D 401 -29.86 -4.94 23.93
CA PRO D 401 -29.01 -4.02 24.69
C PRO D 401 -28.94 -4.40 26.16
N LYS D 402 -27.75 -4.29 26.73
CA LYS D 402 -27.55 -4.54 28.16
C LYS D 402 -27.69 -3.26 28.98
N ARG D 403 -27.52 -2.11 28.32
CA ARG D 403 -27.47 -0.83 29.00
C ARG D 403 -28.21 0.24 28.19
N ALA D 404 -28.91 1.13 28.89
CA ALA D 404 -29.68 2.18 28.26
C ALA D 404 -29.46 3.52 28.97
N LEU D 405 -29.55 4.61 28.21
CA LEU D 405 -29.50 5.95 28.76
C LEU D 405 -30.81 6.66 28.46
N VAL D 406 -31.39 7.28 29.48
CA VAL D 406 -32.64 8.03 29.31
C VAL D 406 -32.42 9.49 29.71
N TYR D 407 -33.14 10.38 29.02
CA TYR D 407 -32.94 11.82 29.17
C TYR D 407 -34.27 12.55 29.16
N GLY D 408 -34.48 13.37 30.19
CA GLY D 408 -35.66 14.20 30.32
C GLY D 408 -35.25 15.66 30.32
N ASN D 409 -36.08 16.49 29.69
CA ASN D 409 -35.80 17.92 29.57
C ASN D 409 -37.03 18.72 29.98
N GLY D 410 -36.80 19.79 30.74
CA GLY D 410 -37.88 20.64 31.22
C GLY D 410 -37.74 22.09 30.81
N GLY D 411 -38.88 22.77 30.67
CA GLY D 411 -38.92 24.17 30.31
C GLY D 411 -38.43 24.37 28.89
N ILE D 412 -37.53 25.33 28.70
CA ILE D 412 -36.88 25.55 27.42
C ILE D 412 -35.38 25.38 27.63
N PHE D 413 -34.92 24.12 27.56
CA PHE D 413 -33.56 23.76 27.96
C PHE D 413 -33.24 24.28 29.35
N SER D 414 -34.22 24.21 30.25
CA SER D 414 -34.11 24.78 31.59
C SER D 414 -33.75 23.73 32.62
N ALA D 415 -34.09 22.47 32.35
CA ALA D 415 -33.80 21.37 33.26
C ALA D 415 -33.38 20.13 32.47
N SER D 416 -32.26 19.53 32.88
CA SER D 416 -31.79 18.28 32.29
C SER D 416 -31.73 17.23 33.38
N SER D 417 -32.25 16.05 33.08
CA SER D 417 -32.11 14.92 33.97
C SER D 417 -31.75 13.69 33.15
N VAL D 418 -30.65 13.05 33.51
CA VAL D 418 -30.15 11.90 32.76
C VAL D 418 -29.98 10.73 33.70
N ALA D 419 -30.41 9.55 33.27
CA ALA D 419 -30.21 8.33 34.04
C ALA D 419 -29.70 7.23 33.13
N ILE D 420 -28.93 6.31 33.70
CA ILE D 420 -28.43 5.15 32.97
C ILE D 420 -29.01 3.90 33.63
N LEU D 421 -29.61 3.05 32.81
CA LEU D 421 -30.21 1.81 33.29
C LEU D 421 -29.43 0.62 32.72
N ILE D 422 -29.14 -0.35 33.57
CA ILE D 422 -28.41 -1.54 33.16
C ILE D 422 -29.10 -2.79 33.69
N SER D 423 -29.07 -3.87 32.91
CA SER D 423 -29.74 -5.11 33.26
C SER D 423 -29.05 -5.82 34.43
N ASP D 424 -27.71 -5.86 34.41
CA ASP D 424 -26.93 -6.47 35.48
C ASP D 424 -25.57 -5.77 35.66
N LEU D 425 -24.93 -6.06 36.79
CA LEU D 425 -23.57 -5.57 37.07
C LEU D 425 -22.50 -6.23 36.19
N SER E 19 17.48 -36.82 -45.86
CA SER E 19 18.76 -36.04 -45.81
C SER E 19 18.58 -34.59 -46.31
N GLN E 20 17.92 -34.45 -47.47
CA GLN E 20 17.74 -33.16 -48.20
C GLN E 20 18.77 -33.03 -49.33
N VAL E 21 18.29 -32.76 -50.53
CA VAL E 21 19.14 -32.76 -51.73
C VAL E 21 19.89 -31.42 -51.86
N VAL E 22 21.21 -31.50 -51.98
CA VAL E 22 22.07 -30.33 -52.10
C VAL E 22 22.83 -30.39 -53.42
N ARG E 23 22.87 -29.26 -54.13
CA ARG E 23 23.48 -29.19 -55.46
C ARG E 23 24.61 -28.15 -55.52
N ILE E 24 25.57 -28.38 -56.41
CA ILE E 24 26.49 -27.33 -56.83
C ILE E 24 25.73 -26.48 -57.85
N VAL E 25 25.28 -25.31 -57.44
CA VAL E 25 24.37 -24.50 -58.27
C VAL E 25 25.08 -23.43 -59.10
N GLY E 26 26.35 -23.19 -58.80
CA GLY E 26 27.14 -22.20 -59.53
C GLY E 26 28.60 -22.56 -59.57
N VAL E 27 29.23 -22.34 -60.72
CA VAL E 27 30.65 -22.56 -60.92
C VAL E 27 31.25 -21.34 -61.60
N GLY E 28 32.38 -20.89 -61.09
CA GLY E 28 33.12 -19.79 -61.72
C GLY E 28 34.60 -19.94 -61.48
N ARG E 29 35.41 -19.60 -62.48
CA ARG E 29 36.85 -19.64 -62.33
C ARG E 29 37.57 -18.64 -63.22
N THR E 30 38.81 -18.34 -62.85
CA THR E 30 39.69 -17.52 -63.66
C THR E 30 40.34 -18.42 -64.70
N GLY E 31 41.19 -17.83 -65.55
CA GLY E 31 42.07 -18.60 -66.40
C GLY E 31 43.15 -19.26 -65.54
N ILE E 32 44.08 -19.94 -66.19
CA ILE E 32 45.17 -20.61 -65.49
C ILE E 32 46.50 -20.34 -66.20
N GLY E 33 47.54 -20.13 -65.41
CA GLY E 33 48.88 -19.88 -65.94
C GLY E 33 49.63 -18.86 -65.12
N LYS E 34 50.38 -17.99 -65.80
CA LYS E 34 51.08 -16.89 -65.15
C LYS E 34 50.26 -15.62 -65.38
N LEU E 35 49.40 -15.30 -64.40
CA LEU E 35 48.35 -14.30 -64.59
C LEU E 35 48.69 -12.89 -64.09
N HIS E 36 49.76 -12.78 -63.30
CA HIS E 36 50.20 -11.50 -62.72
C HIS E 36 49.07 -10.76 -62.00
N LYS E 37 48.34 -11.49 -61.17
CA LYS E 37 47.28 -10.92 -60.33
C LYS E 37 47.47 -11.39 -58.90
N SER E 38 46.96 -10.61 -57.95
CA SER E 38 47.00 -11.01 -56.55
C SER E 38 46.01 -12.14 -56.30
N VAL E 39 46.24 -12.88 -55.22
CA VAL E 39 45.37 -13.99 -54.84
C VAL E 39 43.95 -13.47 -54.56
N ASP E 40 43.86 -12.30 -53.94
CA ASP E 40 42.57 -11.66 -53.65
C ASP E 40 41.80 -11.30 -54.92
N GLU E 41 42.49 -10.78 -55.92
CA GLU E 41 41.86 -10.45 -57.21
C GLU E 41 41.32 -11.70 -57.90
N LEU E 42 42.11 -12.78 -57.88
CA LEU E 42 41.71 -14.03 -58.50
C LEU E 42 40.50 -14.64 -57.79
N ALA E 43 40.53 -14.63 -56.46
CA ALA E 43 39.42 -15.13 -55.65
C ALA E 43 38.14 -14.35 -55.91
N ALA E 44 38.27 -13.02 -55.91
CA ALA E 44 37.13 -12.13 -56.15
C ALA E 44 36.52 -12.34 -57.54
N SER E 45 37.37 -12.46 -58.55
CA SER E 45 36.91 -12.68 -59.92
C SER E 45 36.16 -14.01 -60.05
N ALA E 46 36.73 -15.06 -59.47
CA ALA E 46 36.14 -16.39 -59.52
C ALA E 46 34.77 -16.41 -58.86
N LEU E 47 34.65 -15.72 -57.73
CA LEU E 47 33.38 -15.64 -57.00
C LEU E 47 32.29 -14.92 -57.80
N LYS E 48 32.65 -13.82 -58.44
CA LYS E 48 31.71 -13.07 -59.28
C LYS E 48 31.19 -13.93 -60.43
N CYS E 49 32.09 -14.65 -61.09
CA CYS E 49 31.67 -15.55 -62.16
C CYS E 49 30.70 -16.59 -61.63
N ALA E 50 31.02 -17.18 -60.49
CA ALA E 50 30.20 -18.23 -59.89
C ALA E 50 28.79 -17.73 -59.54
N LEU E 51 28.69 -16.50 -59.04
CA LEU E 51 27.40 -15.90 -58.71
C LEU E 51 26.56 -15.65 -59.96
N VAL E 52 27.19 -15.15 -61.01
CA VAL E 52 26.52 -14.97 -62.30
C VAL E 52 26.05 -16.34 -62.84
N ASP E 53 26.92 -17.34 -62.73
CA ASP E 53 26.61 -18.70 -63.17
C ASP E 53 25.45 -19.32 -62.40
N ALA E 54 25.29 -18.92 -61.14
CA ALA E 54 24.22 -19.41 -60.29
C ALA E 54 22.94 -18.56 -60.39
N ASN E 55 23.01 -17.46 -61.13
CA ASN E 55 21.93 -16.47 -61.16
C ASN E 55 21.64 -15.95 -59.75
N MET E 56 22.72 -15.53 -59.07
CA MET E 56 22.64 -15.04 -57.70
C MET E 56 23.40 -13.75 -57.54
N LYS E 57 23.14 -13.08 -56.42
CA LYS E 57 23.88 -11.88 -56.03
C LYS E 57 24.57 -12.14 -54.69
N GLN E 58 25.56 -11.30 -54.36
CA GLN E 58 26.29 -11.39 -53.09
C GLN E 58 25.35 -11.60 -51.91
N CYS E 59 24.31 -10.77 -51.84
CA CYS E 59 23.33 -10.79 -50.74
C CYS E 59 22.64 -12.15 -50.56
N ASP E 60 22.63 -12.97 -51.60
CA ASP E 60 22.03 -14.31 -51.53
C ASP E 60 22.97 -15.34 -50.89
N LEU E 61 24.22 -14.97 -50.66
CA LEU E 61 25.22 -15.84 -50.04
C LEU E 61 25.07 -15.79 -48.51
N GLN E 62 25.03 -16.96 -47.87
CA GLN E 62 24.95 -17.02 -46.39
C GLN E 62 26.18 -17.65 -45.73
N ALA E 63 27.16 -18.07 -46.54
CA ALA E 63 28.39 -18.62 -46.00
C ALA E 63 29.52 -18.64 -47.02
N LEU E 64 30.75 -18.66 -46.54
CA LEU E 64 31.93 -18.72 -47.40
C LEU E 64 33.03 -19.56 -46.75
N ILE E 65 33.51 -20.55 -47.48
CA ILE E 65 34.59 -21.41 -47.03
C ILE E 65 35.75 -21.29 -48.02
N ALA E 66 36.96 -21.17 -47.51
CA ALA E 66 38.15 -21.08 -48.35
C ALA E 66 39.31 -21.92 -47.83
N VAL E 67 40.31 -22.09 -48.69
CA VAL E 67 41.53 -22.82 -48.35
C VAL E 67 42.72 -21.86 -48.41
N PRO E 68 43.77 -22.13 -47.62
CA PRO E 68 44.91 -21.20 -47.59
C PRO E 68 45.69 -21.12 -48.91
N SER E 69 46.40 -20.01 -49.08
CA SER E 69 47.25 -19.77 -50.24
C SER E 69 48.74 -19.85 -49.84
N LEU E 70 49.55 -20.42 -50.72
CA LEU E 70 51.00 -20.45 -50.51
C LEU E 70 51.67 -19.16 -50.97
N ALA E 71 51.20 -18.60 -52.08
CA ALA E 71 51.76 -17.36 -52.62
C ALA E 71 51.55 -16.18 -51.67
N SER E 72 50.35 -16.09 -51.09
CA SER E 72 50.01 -15.03 -50.15
C SER E 72 49.38 -15.63 -48.90
N PRO E 73 50.21 -16.20 -48.00
CA PRO E 73 49.65 -16.76 -46.78
C PRO E 73 48.95 -15.65 -45.97
N GLN E 74 47.74 -15.94 -45.50
CA GLN E 74 46.85 -14.92 -44.91
C GLN E 74 46.15 -15.49 -43.69
N PHE E 75 46.32 -14.81 -42.55
CA PHE E 75 45.55 -15.05 -41.34
C PHE E 75 44.06 -14.97 -41.67
N MET E 76 43.28 -15.96 -41.23
CA MET E 76 41.84 -16.03 -41.51
C MET E 76 41.55 -15.73 -42.98
N GLN E 77 42.13 -16.57 -43.84
CA GLN E 77 42.12 -16.33 -45.28
C GLN E 77 40.73 -16.05 -45.83
N ALA E 78 39.76 -16.89 -45.47
CA ALA E 78 38.38 -16.74 -45.92
C ALA E 78 37.79 -15.38 -45.56
N HIS E 79 38.03 -14.95 -44.32
CA HIS E 79 37.57 -13.63 -43.86
C HIS E 79 38.24 -12.51 -44.66
N HIS E 80 39.55 -12.64 -44.88
CA HIS E 80 40.32 -11.66 -45.63
C HIS E 80 39.75 -11.50 -47.04
N ILE E 81 39.57 -12.62 -47.74
CA ILE E 81 39.01 -12.62 -49.08
C ILE E 81 37.62 -12.00 -49.10
N ALA E 82 36.77 -12.42 -48.16
CA ALA E 82 35.40 -11.91 -48.08
C ALA E 82 35.33 -10.41 -47.84
N THR E 83 36.28 -9.89 -47.06
CA THR E 83 36.31 -8.47 -46.73
C THR E 83 36.75 -7.64 -47.93
N VAL E 84 37.85 -8.05 -48.56
CA VAL E 84 38.40 -7.34 -49.71
C VAL E 84 37.44 -7.38 -50.90
N ALA E 85 36.75 -8.50 -51.08
CA ALA E 85 35.76 -8.65 -52.14
C ALA E 85 34.48 -7.83 -51.92
N GLY E 86 34.31 -7.28 -50.71
CA GLY E 86 33.22 -6.37 -50.43
C GLY E 86 31.91 -7.03 -50.07
N LEU E 87 31.97 -8.21 -49.44
CA LEU E 87 30.77 -8.92 -49.02
C LEU E 87 30.13 -8.27 -47.79
N PHE E 88 30.92 -7.53 -47.02
CA PHE E 88 30.44 -6.88 -45.80
C PHE E 88 30.19 -5.39 -46.04
N PRO E 89 29.19 -4.82 -45.34
CA PRO E 89 28.33 -5.46 -44.33
C PRO E 89 27.21 -6.29 -44.95
N THR E 90 26.85 -7.38 -44.29
CA THR E 90 25.73 -8.24 -44.71
C THR E 90 24.50 -7.95 -43.85
N LYS E 91 23.33 -8.29 -44.38
CA LYS E 91 22.08 -8.01 -43.68
C LYS E 91 21.76 -9.11 -42.67
N GLY E 92 21.82 -10.36 -43.11
CA GLY E 92 21.51 -11.51 -42.26
C GLY E 92 22.74 -12.14 -41.62
N LYS E 93 22.66 -13.44 -41.38
CA LYS E 93 23.80 -14.20 -40.86
C LYS E 93 24.72 -14.61 -42.00
N PHE E 94 26.02 -14.55 -41.75
CA PHE E 94 27.03 -14.96 -42.71
C PHE E 94 28.13 -15.72 -41.98
N ILE E 95 28.33 -16.99 -42.33
CA ILE E 95 29.33 -17.84 -41.67
C ILE E 95 30.54 -18.00 -42.57
N VAL E 96 31.71 -17.59 -42.06
CA VAL E 96 32.95 -17.66 -42.82
C VAL E 96 33.94 -18.60 -42.12
N ARG E 97 34.76 -19.28 -42.92
CA ARG E 97 35.58 -20.36 -42.42
C ARG E 97 36.72 -20.68 -43.38
N THR E 98 37.93 -20.85 -42.84
CA THR E 98 39.07 -21.32 -43.63
C THR E 98 39.44 -22.73 -43.15
N VAL E 99 39.67 -23.64 -44.09
CA VAL E 99 40.02 -25.02 -43.79
C VAL E 99 41.28 -25.44 -44.53
N ASP E 100 42.13 -26.22 -43.87
CA ASP E 100 43.37 -26.70 -44.48
C ASP E 100 43.49 -28.22 -44.38
N THR E 101 43.25 -28.90 -45.51
CA THR E 101 43.59 -30.31 -45.67
C THR E 101 44.42 -30.47 -46.94
N GLY E 102 45.28 -29.50 -47.21
CA GLY E 102 46.09 -29.50 -48.44
C GLY E 102 45.22 -29.49 -49.68
N GLY E 103 45.64 -30.24 -50.70
CA GLY E 103 44.91 -30.34 -51.96
C GLY E 103 43.59 -31.09 -51.87
N ALA E 104 43.31 -31.70 -50.72
CA ALA E 104 41.99 -32.28 -50.45
C ALA E 104 40.96 -31.19 -50.13
N GLY E 105 41.47 -30.03 -49.72
CA GLY E 105 40.65 -28.90 -49.26
C GLY E 105 39.35 -28.59 -49.95
N PRO E 106 39.39 -28.37 -51.27
CA PRO E 106 38.16 -27.99 -51.99
C PRO E 106 37.02 -29.00 -51.84
N ILE E 107 37.35 -30.28 -51.75
CA ILE E 107 36.33 -31.32 -51.58
C ILE E 107 35.96 -31.44 -50.10
N THR E 108 36.94 -31.28 -49.21
CA THR E 108 36.65 -31.17 -47.78
C THR E 108 35.66 -30.03 -47.54
N ALA E 109 35.95 -28.86 -48.11
CA ALA E 109 35.08 -27.68 -47.99
C ALA E 109 33.70 -27.95 -48.57
N LEU E 110 33.64 -28.72 -49.65
CA LEU E 110 32.38 -29.10 -50.28
C LEU E 110 31.51 -29.90 -49.30
N GLY E 111 32.12 -30.84 -48.58
CA GLY E 111 31.42 -31.62 -47.57
C GLY E 111 30.89 -30.76 -46.44
N MET E 112 31.70 -29.80 -46.00
CA MET E 112 31.28 -28.85 -44.96
C MET E 112 30.12 -27.97 -45.43
N ALA E 113 30.16 -27.56 -46.69
CA ALA E 113 29.08 -26.74 -47.27
C ALA E 113 27.77 -27.51 -47.25
N VAL E 114 27.81 -28.77 -47.66
CA VAL E 114 26.64 -29.65 -47.60
C VAL E 114 26.12 -29.70 -46.16
N ASP E 115 27.04 -29.88 -45.22
CA ASP E 115 26.68 -29.95 -43.81
C ASP E 115 26.02 -28.68 -43.28
N LEU E 116 26.52 -27.52 -43.70
CA LEU E 116 25.92 -26.24 -43.29
C LEU E 116 24.50 -26.10 -43.82
N VAL E 117 24.24 -26.61 -45.03
CA VAL E 117 22.90 -26.58 -45.62
C VAL E 117 21.95 -27.53 -44.89
N ARG E 118 22.39 -28.77 -44.66
CA ARG E 118 21.55 -29.78 -44.02
C ARG E 118 21.16 -29.43 -42.57
N THR E 119 22.10 -28.83 -41.83
CA THR E 119 21.84 -28.39 -40.46
C THR E 119 21.16 -27.01 -40.39
N ARG E 120 20.94 -26.40 -41.56
CA ARG E 120 20.26 -25.11 -41.69
C ARG E 120 21.02 -23.95 -41.03
N CYS E 121 22.34 -24.06 -40.99
CA CYS E 121 23.19 -22.94 -40.57
C CYS E 121 23.32 -21.93 -41.71
N ALA E 122 23.26 -22.41 -42.95
CA ALA E 122 23.33 -21.53 -44.12
C ALA E 122 22.65 -22.20 -45.31
N GLU E 123 21.75 -21.47 -45.96
CA GLU E 123 21.00 -21.98 -47.11
C GLU E 123 21.87 -22.04 -48.37
N THR E 124 22.84 -21.13 -48.47
CA THR E 124 23.78 -21.10 -49.61
C THR E 124 25.21 -20.87 -49.12
N VAL E 125 26.16 -21.54 -49.76
CA VAL E 125 27.56 -21.53 -49.35
C VAL E 125 28.48 -21.35 -50.56
N ALA E 126 29.41 -20.40 -50.48
CA ALA E 126 30.44 -20.26 -51.50
C ALA E 126 31.69 -20.99 -51.03
N VAL E 127 32.28 -21.77 -51.93
CA VAL E 127 33.53 -22.49 -51.66
C VAL E 127 34.58 -21.95 -52.61
N ILE E 128 35.66 -21.38 -52.08
CA ILE E 128 36.67 -20.70 -52.90
C ILE E 128 38.06 -21.23 -52.63
N ALA E 129 38.81 -21.47 -53.71
CA ALA E 129 40.24 -21.76 -53.63
C ALA E 129 40.96 -20.88 -54.64
N ALA E 130 42.04 -20.23 -54.20
CA ALA E 130 42.80 -19.32 -55.05
C ALA E 130 44.28 -19.34 -54.68
N ASP E 131 45.15 -19.31 -55.69
CA ASP E 131 46.59 -19.19 -55.45
C ASP E 131 47.34 -18.70 -56.68
N ALA E 132 48.60 -18.34 -56.49
CA ALA E 132 49.42 -17.76 -57.55
C ALA E 132 50.87 -18.24 -57.44
N VAL E 133 51.05 -19.56 -57.43
CA VAL E 133 52.37 -20.14 -57.18
C VAL E 133 53.31 -20.13 -58.40
N LEU E 134 52.80 -19.78 -59.58
CA LEU E 134 53.67 -19.56 -60.73
C LEU E 134 54.23 -18.15 -60.72
N SER E 135 53.38 -17.16 -60.45
CA SER E 135 53.79 -15.76 -60.40
C SER E 135 54.69 -15.42 -59.20
N MET E 136 54.65 -16.25 -58.15
CA MET E 136 55.41 -15.96 -56.93
C MET E 136 56.93 -16.14 -57.11
N GLY E 137 57.34 -16.89 -58.13
CA GLY E 137 58.75 -17.10 -58.41
C GLY E 137 59.27 -18.42 -57.86
N SER E 138 60.17 -19.05 -58.60
CA SER E 138 60.66 -20.40 -58.30
C SER E 138 61.34 -20.48 -56.94
N GLY E 139 62.11 -19.45 -56.60
CA GLY E 139 62.86 -19.42 -55.35
C GLY E 139 61.96 -19.39 -54.12
N ALA E 140 60.97 -18.50 -54.15
CA ALA E 140 60.02 -18.38 -53.04
C ALA E 140 59.14 -19.62 -52.92
N PHE E 141 58.68 -20.15 -54.06
CA PHE E 141 57.87 -21.37 -54.07
C PHE E 141 58.61 -22.54 -53.45
N ALA E 142 59.81 -22.80 -53.93
CA ALA E 142 60.64 -23.89 -53.43
C ALA E 142 60.85 -23.79 -51.92
N GLU E 143 61.16 -22.59 -51.44
CA GLU E 143 61.42 -22.36 -50.02
C GLU E 143 60.17 -22.64 -49.16
N ARG E 144 59.03 -22.13 -49.59
CA ARG E 144 57.78 -22.28 -48.83
C ARG E 144 57.21 -23.70 -48.92
N SER E 145 57.27 -24.30 -50.11
CA SER E 145 56.83 -25.69 -50.28
C SER E 145 57.68 -26.67 -49.49
N ASN E 146 58.99 -26.41 -49.43
CA ASN E 146 59.90 -27.23 -48.62
C ASN E 146 59.69 -27.00 -47.12
N ALA E 147 59.48 -25.75 -46.74
CA ALA E 147 59.22 -25.39 -45.34
C ALA E 147 57.95 -26.06 -44.81
N SER E 148 57.02 -26.35 -45.72
CA SER E 148 55.81 -27.10 -45.37
C SER E 148 56.09 -28.48 -44.79
N LEU E 149 57.25 -29.06 -45.09
CA LEU E 149 57.62 -30.37 -44.55
C LEU E 149 58.79 -30.32 -43.57
N ARG E 150 58.70 -29.44 -42.58
CA ARG E 150 59.67 -29.44 -41.48
C ARG E 150 59.56 -30.74 -40.68
N ARG E 151 60.67 -31.21 -40.12
CA ARG E 151 60.69 -32.42 -39.26
C ARG E 151 60.46 -33.74 -40.01
N SER E 152 60.38 -33.71 -41.35
CA SER E 152 60.14 -34.91 -42.16
C SER E 152 61.44 -35.66 -42.46
N GLY E 153 62.55 -34.93 -42.55
CA GLY E 153 63.84 -35.53 -42.90
C GLY E 153 64.02 -35.74 -44.40
N LEU E 154 63.08 -35.22 -45.18
CA LEU E 154 63.10 -35.38 -46.62
C LEU E 154 64.06 -34.39 -47.26
N PRO E 155 64.87 -34.84 -48.23
CA PRO E 155 65.73 -33.92 -48.97
C PRO E 155 64.92 -33.05 -49.93
N GLU E 156 65.49 -31.92 -50.32
CA GLU E 156 64.79 -30.95 -51.16
C GLU E 156 64.86 -31.35 -52.64
N PRO E 157 63.78 -31.09 -53.41
CA PRO E 157 62.47 -30.61 -52.98
C PRO E 157 61.71 -31.69 -52.21
N CYS E 158 61.15 -31.33 -51.06
CA CYS E 158 60.65 -32.31 -50.10
C CYS E 158 59.40 -33.08 -50.55
N ILE E 159 58.43 -32.36 -51.12
CA ILE E 159 57.16 -32.99 -51.52
C ILE E 159 57.37 -34.06 -52.61
N PRO E 160 58.12 -33.72 -53.69
CA PRO E 160 58.46 -34.74 -54.68
C PRO E 160 59.21 -35.93 -54.09
N HIS E 161 60.17 -35.67 -53.20
CA HIS E 161 60.93 -36.74 -52.55
C HIS E 161 60.06 -37.62 -51.66
N GLY E 162 59.06 -37.01 -51.03
CA GLY E 162 58.12 -37.75 -50.19
C GLY E 162 57.30 -38.72 -51.01
N TYR E 163 56.75 -38.24 -52.12
CA TYR E 163 55.99 -39.10 -53.03
C TYR E 163 56.88 -40.11 -53.75
N ASP E 164 58.11 -39.71 -54.04
CA ASP E 164 59.10 -40.60 -54.63
C ASP E 164 59.37 -41.81 -53.73
N ARG E 165 59.43 -41.59 -52.43
CA ARG E 165 59.64 -42.67 -51.47
C ARG E 165 58.50 -43.70 -51.50
N TYR E 166 57.27 -43.22 -51.68
CA TYR E 166 56.11 -44.12 -51.82
C TYR E 166 56.11 -44.85 -53.18
N ALA E 167 56.58 -44.15 -54.23
CA ALA E 167 56.68 -44.75 -55.55
C ALA E 167 57.66 -45.93 -55.54
N GLN E 168 58.83 -45.72 -54.92
CA GLN E 168 59.83 -46.77 -54.79
C GLN E 168 59.32 -47.97 -53.99
N TRP E 169 58.50 -47.70 -52.98
CA TRP E 169 57.88 -48.77 -52.18
C TRP E 169 56.89 -49.57 -53.02
N TYR E 170 56.14 -48.88 -53.89
CA TYR E 170 55.23 -49.56 -54.82
C TYR E 170 55.97 -50.44 -55.80
N MET E 171 57.13 -49.97 -56.26
CA MET E 171 57.97 -50.73 -57.20
C MET E 171 58.48 -52.01 -56.55
N SER E 172 58.98 -51.90 -55.32
CA SER E 172 59.48 -53.05 -54.56
C SER E 172 58.35 -54.01 -54.16
N ARG E 173 57.25 -53.46 -53.65
CA ARG E 173 56.13 -54.25 -53.14
C ARG E 173 55.34 -54.95 -54.24
N TYR E 174 54.89 -54.18 -55.23
CA TYR E 174 53.95 -54.67 -56.25
C TYR E 174 54.57 -54.91 -57.62
N GLY E 175 55.85 -54.58 -57.77
CA GLY E 175 56.54 -54.73 -59.06
C GLY E 175 56.17 -53.65 -60.07
N LEU E 176 55.75 -52.49 -59.58
CA LEU E 176 55.47 -51.34 -60.45
C LEU E 176 56.75 -50.98 -61.22
N LYS E 177 56.60 -50.73 -62.52
CA LYS E 177 57.75 -50.43 -63.37
C LYS E 177 57.96 -48.92 -63.50
N ARG E 178 59.23 -48.52 -63.62
CA ARG E 178 59.58 -47.11 -63.79
C ARG E 178 58.85 -46.45 -64.96
N GLU E 179 58.74 -47.18 -66.07
CA GLU E 179 58.14 -46.66 -67.30
C GLU E 179 56.62 -46.45 -67.11
N GLN E 180 56.01 -47.19 -66.19
CA GLN E 180 54.57 -47.05 -65.91
C GLN E 180 54.22 -45.76 -65.14
N LEU E 181 55.13 -45.34 -64.27
CA LEU E 181 55.04 -44.01 -63.64
C LEU E 181 55.09 -42.93 -64.71
N ALA E 182 56.09 -43.02 -65.58
CA ALA E 182 56.30 -42.04 -66.66
C ALA E 182 55.15 -41.98 -67.68
N MET E 183 54.36 -43.03 -67.78
CA MET E 183 53.21 -43.05 -68.68
C MET E 183 52.07 -42.13 -68.23
N VAL E 184 52.03 -41.80 -66.94
CA VAL E 184 50.98 -40.94 -66.39
C VAL E 184 50.98 -39.56 -67.06
N PRO E 185 52.11 -38.83 -67.02
CA PRO E 185 52.12 -37.52 -67.69
C PRO E 185 51.92 -37.57 -69.21
N VAL E 186 52.29 -38.69 -69.83
CA VAL E 186 52.02 -38.89 -71.25
C VAL E 186 50.52 -38.89 -71.49
N LEU E 187 49.80 -39.71 -70.73
CA LEU E 187 48.35 -39.81 -70.87
C LEU E 187 47.66 -38.48 -70.52
N MET E 188 48.15 -37.81 -69.47
CA MET E 188 47.61 -36.51 -69.08
C MET E 188 47.88 -35.42 -70.12
N SER E 189 49.05 -35.49 -70.77
CA SER E 189 49.40 -34.52 -71.81
C SER E 189 48.55 -34.72 -73.08
N LYS E 190 48.15 -35.96 -73.33
CA LYS E 190 47.22 -36.27 -74.42
C LYS E 190 45.85 -35.65 -74.17
N MET E 191 45.42 -35.67 -72.91
CA MET E 191 44.16 -35.04 -72.52
C MET E 191 44.28 -33.52 -72.57
N ALA E 192 45.37 -33.00 -72.02
CA ALA E 192 45.59 -31.55 -71.90
C ALA E 192 45.57 -30.82 -73.24
N GLU E 193 46.15 -31.44 -74.27
CA GLU E 193 46.25 -30.77 -75.57
C GLU E 193 44.90 -30.58 -76.27
N ARG E 194 43.86 -31.26 -75.78
CA ARG E 194 42.49 -31.04 -76.25
C ARG E 194 41.74 -29.97 -75.44
N HIS E 195 42.33 -29.53 -74.33
CA HIS E 195 41.77 -28.45 -73.52
C HIS E 195 42.47 -27.13 -73.88
N PRO E 196 41.73 -26.15 -74.43
CA PRO E 196 42.31 -24.87 -74.87
C PRO E 196 43.16 -24.12 -73.83
N GLU E 197 42.78 -24.21 -72.56
CA GLU E 197 43.44 -23.47 -71.48
C GLU E 197 44.50 -24.26 -70.72
N ALA E 198 44.62 -25.56 -70.97
CA ALA E 198 45.63 -26.38 -70.29
C ALA E 198 47.02 -25.84 -70.61
N MET E 199 47.89 -25.80 -69.59
CA MET E 199 49.22 -25.22 -69.75
C MET E 199 50.14 -26.05 -70.64
N CYS E 200 49.91 -27.36 -70.65
CA CYS E 200 50.58 -28.24 -71.60
C CYS E 200 49.72 -28.34 -72.85
N GLN E 201 50.23 -27.85 -73.98
CA GLN E 201 49.50 -27.86 -75.25
C GLN E 201 50.07 -28.84 -76.28
N LYS E 202 51.17 -29.51 -75.95
CA LYS E 202 51.78 -30.50 -76.83
C LYS E 202 52.07 -31.77 -76.03
N ALA E 203 51.56 -32.90 -76.51
CA ALA E 203 51.69 -34.16 -75.78
C ALA E 203 53.13 -34.64 -75.69
N TYR E 204 53.47 -35.27 -74.57
CA TYR E 204 54.80 -35.81 -74.34
C TYR E 204 54.91 -37.20 -74.95
N THR E 205 56.15 -37.62 -75.24
CA THR E 205 56.45 -39.02 -75.50
C THR E 205 57.00 -39.63 -74.22
N LEU E 206 56.97 -40.95 -74.13
CA LEU E 206 57.47 -41.64 -72.94
C LEU E 206 58.96 -41.36 -72.71
N ASP E 207 59.75 -41.37 -73.78
CA ASP E 207 61.18 -41.07 -73.69
C ASP E 207 61.42 -39.64 -73.23
N GLU E 208 60.60 -38.71 -73.72
CA GLU E 208 60.72 -37.30 -73.36
C GLU E 208 60.52 -37.11 -71.85
N VAL E 209 59.55 -37.82 -71.28
CA VAL E 209 59.32 -37.83 -69.84
C VAL E 209 60.50 -38.46 -69.10
N LEU E 210 60.96 -39.62 -69.59
CA LEU E 210 62.07 -40.34 -68.96
C LEU E 210 63.40 -39.61 -69.05
N HIS E 211 63.58 -38.82 -70.11
CA HIS E 211 64.83 -38.08 -70.31
C HIS E 211 64.76 -36.62 -69.79
N SER E 212 63.65 -36.25 -69.16
CA SER E 212 63.53 -34.91 -68.57
C SER E 212 64.31 -34.82 -67.26
N ARG E 213 64.52 -33.60 -66.79
CA ARG E 213 65.35 -33.34 -65.61
C ARG E 213 64.92 -34.15 -64.39
N CYS E 214 65.88 -34.78 -63.74
CA CYS E 214 65.61 -35.60 -62.57
C CYS E 214 65.35 -34.72 -61.33
N VAL E 215 64.25 -34.98 -60.64
CA VAL E 215 63.89 -34.26 -59.41
C VAL E 215 64.12 -35.16 -58.20
N ALA E 216 63.71 -36.41 -58.31
CA ALA E 216 63.97 -37.44 -57.30
C ALA E 216 64.24 -38.75 -58.03
N PRO E 217 64.85 -39.74 -57.34
CA PRO E 217 65.32 -40.97 -58.01
C PRO E 217 64.41 -41.59 -59.08
N VAL E 218 63.10 -41.65 -58.81
CA VAL E 218 62.15 -42.19 -59.78
C VAL E 218 61.08 -41.16 -60.19
N THR E 219 61.44 -39.88 -60.09
CA THR E 219 60.52 -38.79 -60.42
C THR E 219 61.25 -37.69 -61.18
N ASN E 220 60.84 -37.45 -62.42
CA ASN E 220 61.43 -36.42 -63.26
C ASN E 220 60.52 -35.19 -63.37
N LEU E 221 61.05 -34.14 -63.98
CA LEU E 221 60.36 -32.84 -64.09
C LEU E 221 58.98 -32.95 -64.71
N LEU E 222 58.86 -33.66 -65.82
CA LEU E 222 57.58 -33.77 -66.52
C LEU E 222 56.57 -34.67 -65.79
N GLU E 223 57.00 -35.31 -64.70
CA GLU E 223 56.11 -36.06 -63.82
C GLU E 223 55.65 -35.25 -62.60
N CYS E 224 56.16 -34.02 -62.44
CA CYS E 224 55.80 -33.17 -61.31
C CYS E 224 54.56 -32.33 -61.60
N ALA E 225 53.78 -32.04 -60.56
CA ALA E 225 52.63 -31.14 -60.67
C ALA E 225 53.06 -29.78 -61.23
N ARG E 226 52.30 -29.29 -62.20
CA ARG E 226 52.68 -28.09 -62.94
C ARG E 226 52.24 -26.80 -62.23
N ARG E 227 53.22 -26.03 -61.77
CA ARG E 227 52.96 -24.75 -61.09
C ARG E 227 52.10 -23.81 -61.93
N ALA E 228 51.05 -23.29 -61.32
CA ALA E 228 50.13 -22.37 -62.00
C ALA E 228 49.49 -21.38 -61.03
N ASP E 229 49.01 -20.27 -61.58
CA ASP E 229 48.11 -19.37 -60.85
C ASP E 229 46.69 -19.75 -61.26
N GLY E 230 45.73 -19.58 -60.35
CA GLY E 230 44.34 -19.82 -60.68
C GLY E 230 43.43 -19.77 -59.48
N ALA E 231 42.15 -19.51 -59.72
CA ALA E 231 41.15 -19.53 -58.67
C ALA E 231 39.86 -20.11 -59.20
N VAL E 232 39.13 -20.81 -58.32
CA VAL E 232 37.84 -21.39 -58.64
C VAL E 232 36.89 -21.13 -57.47
N ALA E 233 35.63 -20.84 -57.79
CA ALA E 233 34.60 -20.65 -56.78
C ALA E 233 33.38 -21.51 -57.11
N LEU E 234 32.84 -22.17 -56.09
CA LEU E 234 31.63 -22.99 -56.23
C LEU E 234 30.53 -22.42 -55.34
N ILE E 235 29.30 -22.44 -55.84
CA ILE E 235 28.13 -22.08 -55.03
C ILE E 235 27.33 -23.34 -54.74
N VAL E 236 27.11 -23.60 -53.45
CA VAL E 236 26.38 -24.79 -53.00
C VAL E 236 25.07 -24.35 -52.37
N SER E 237 24.00 -25.08 -52.68
CA SER E 237 22.66 -24.74 -52.19
C SER E 237 21.77 -25.96 -52.17
N GLY E 238 20.77 -25.94 -51.29
CA GLY E 238 19.72 -26.94 -51.29
C GLY E 238 18.92 -26.82 -52.59
N GLU E 239 18.55 -27.97 -53.15
CA GLU E 239 17.81 -28.03 -54.41
C GLU E 239 16.52 -27.22 -54.35
N ALA E 240 15.73 -27.45 -53.30
CA ALA E 240 14.43 -26.79 -53.15
C ALA E 240 14.57 -25.29 -52.99
N HIS E 241 15.48 -24.86 -52.13
CA HIS E 241 15.73 -23.43 -51.92
C HIS E 241 16.12 -22.73 -53.21
N TYR E 242 16.97 -23.37 -54.01
CA TYR E 242 17.47 -22.78 -55.25
C TYR E 242 16.37 -22.63 -56.30
N ALA E 243 15.55 -23.67 -56.45
CA ALA E 243 14.44 -23.67 -57.41
C ALA E 243 13.41 -22.60 -57.08
N GLU E 244 13.12 -22.42 -55.80
CA GLU E 244 12.16 -21.40 -55.35
C GLU E 244 12.58 -19.97 -55.72
N HIS E 245 13.85 -19.65 -55.53
CA HIS E 245 14.32 -18.26 -55.59
C HIS E 245 15.12 -17.90 -56.85
N PHE E 246 15.88 -18.85 -57.40
CA PHE E 246 16.87 -18.52 -58.43
C PHE E 246 16.77 -19.33 -59.71
N GLY E 257 20.47 -30.03 -64.77
CA GLY E 257 20.77 -31.24 -64.01
C GLY E 257 22.27 -31.46 -63.86
N GLY E 258 22.91 -31.83 -64.95
CA GLY E 258 24.35 -32.06 -64.97
C GLY E 258 25.19 -30.80 -64.80
N SER E 259 24.65 -29.66 -65.23
CA SER E 259 25.35 -28.38 -65.08
C SER E 259 25.31 -27.87 -63.64
N LYS E 260 24.33 -28.36 -62.87
CA LYS E 260 24.21 -28.03 -61.45
C LYS E 260 24.01 -29.32 -60.65
N PRO E 261 25.05 -30.17 -60.59
CA PRO E 261 24.88 -31.54 -60.11
C PRO E 261 24.60 -31.68 -58.62
N ILE E 262 23.90 -32.76 -58.28
CA ILE E 262 23.66 -33.13 -56.89
C ILE E 262 24.96 -33.64 -56.29
N ILE E 263 25.27 -33.17 -55.09
CA ILE E 263 26.38 -33.71 -54.33
C ILE E 263 25.83 -34.95 -53.63
N ALA E 264 26.04 -36.11 -54.24
CA ALA E 264 25.46 -37.37 -53.74
C ALA E 264 26.09 -37.80 -52.44
N SER E 265 27.40 -37.62 -52.32
CA SER E 265 28.11 -37.91 -51.08
C SER E 265 29.48 -37.25 -51.05
N VAL E 266 30.00 -37.08 -49.84
CA VAL E 266 31.37 -36.62 -49.61
C VAL E 266 31.91 -37.41 -48.42
N ALA E 267 33.13 -37.92 -48.55
CA ALA E 267 33.77 -38.66 -47.46
C ALA E 267 35.25 -38.36 -47.40
N GLU E 268 35.83 -38.45 -46.20
CA GLU E 268 37.23 -38.14 -45.99
C GLU E 268 37.95 -39.20 -45.16
N ALA E 269 39.27 -39.19 -45.27
CA ALA E 269 40.13 -40.00 -44.43
C ALA E 269 41.53 -39.40 -44.49
N SER E 270 42.38 -39.75 -43.53
CA SER E 270 43.68 -39.08 -43.40
C SER E 270 44.82 -40.05 -43.10
N GLY E 271 46.04 -39.52 -43.18
CA GLY E 271 47.25 -40.27 -42.92
C GLY E 271 48.37 -39.33 -42.50
N PRO E 272 49.58 -39.88 -42.26
CA PRO E 272 50.70 -39.07 -41.82
C PRO E 272 51.12 -38.02 -42.84
N LEU E 273 51.65 -36.90 -42.37
CA LEU E 273 52.02 -35.77 -43.24
C LEU E 273 53.22 -36.12 -44.13
N PHE E 274 54.10 -36.98 -43.63
CA PHE E 274 55.26 -37.44 -44.38
C PHE E 274 55.55 -38.91 -44.05
N PRO E 275 56.25 -39.63 -44.95
CA PRO E 275 56.49 -41.06 -44.73
C PRO E 275 57.47 -41.36 -43.59
N PRO E 276 57.52 -42.62 -43.13
CA PRO E 276 58.55 -43.06 -42.19
C PRO E 276 59.94 -42.95 -42.79
N ILE E 282 56.77 -48.51 -44.02
CA ILE E 282 55.61 -48.13 -44.83
C ILE E 282 54.65 -49.32 -44.94
N VAL E 283 53.40 -49.08 -44.57
CA VAL E 283 52.38 -50.12 -44.54
C VAL E 283 51.16 -49.68 -45.40
N PRO E 284 50.39 -50.64 -45.95
CA PRO E 284 49.27 -50.26 -46.83
C PRO E 284 48.12 -49.50 -46.16
N ASP E 285 47.99 -49.60 -44.84
CA ASP E 285 46.91 -48.89 -44.12
C ASP E 285 47.22 -47.39 -43.92
N ILE E 286 48.43 -46.96 -44.31
CA ILE E 286 48.76 -45.53 -44.37
C ILE E 286 47.89 -44.82 -45.40
N PHE E 287 47.64 -45.48 -46.54
CA PHE E 287 46.87 -44.89 -47.63
C PHE E 287 45.38 -44.84 -47.26
N SER E 288 44.76 -43.69 -47.50
CA SER E 288 43.42 -43.39 -47.01
C SER E 288 42.36 -43.22 -48.11
N CYS E 289 42.79 -43.16 -49.36
CA CYS E 289 41.86 -42.91 -50.47
C CYS E 289 40.80 -44.01 -50.61
N ARG E 290 41.21 -45.26 -50.38
CA ARG E 290 40.32 -46.41 -50.51
C ARG E 290 39.17 -46.34 -49.51
N HIS E 291 39.48 -45.97 -48.27
CA HIS E 291 38.46 -45.87 -47.23
CA HIS E 291 38.47 -45.84 -47.21
C HIS E 291 37.50 -44.71 -47.55
N ALA E 292 38.06 -43.58 -47.98
CA ALA E 292 37.26 -42.42 -48.36
C ALA E 292 36.35 -42.74 -49.54
N ALA E 293 36.92 -43.41 -50.55
CA ALA E 293 36.15 -43.80 -51.73
C ALA E 293 35.02 -44.77 -51.36
N ARG E 294 35.34 -45.79 -50.57
CA ARG E 294 34.34 -46.76 -50.14
C ARG E 294 33.20 -46.10 -49.37
N ASP E 295 33.51 -45.18 -48.47
CA ASP E 295 32.49 -44.47 -47.70
C ASP E 295 31.61 -43.58 -48.58
N ALA E 296 32.21 -42.98 -49.61
CA ALA E 296 31.46 -42.14 -50.54
C ALA E 296 30.47 -42.96 -51.38
N PHE E 297 30.91 -44.14 -51.81
CA PHE E 297 30.05 -45.06 -52.57
C PHE E 297 28.87 -45.55 -51.75
N LEU E 298 29.14 -46.03 -50.54
CA LEU E 298 28.09 -46.49 -49.62
C LEU E 298 27.09 -45.38 -49.29
N SER E 299 27.61 -44.21 -48.97
CA SER E 299 26.77 -43.05 -48.68
C SER E 299 25.85 -42.70 -49.84
N ALA E 300 26.38 -42.76 -51.06
CA ALA E 300 25.60 -42.43 -52.25
C ALA E 300 24.78 -43.63 -52.77
N ASN E 301 25.02 -44.82 -52.22
CA ASN E 301 24.41 -46.07 -52.66
C ASN E 301 24.71 -46.32 -54.14
N LEU E 302 26.00 -46.29 -54.47
CA LEU E 302 26.46 -46.48 -55.83
C LEU E 302 27.72 -47.34 -55.83
N ASN E 303 28.11 -47.79 -57.01
CA ASN E 303 29.35 -48.54 -57.19
C ASN E 303 30.17 -47.95 -58.33
N VAL E 304 31.42 -48.39 -58.47
CA VAL E 304 32.35 -47.84 -59.46
C VAL E 304 31.80 -47.91 -60.86
N GLY E 305 31.11 -49.00 -61.18
CA GLY E 305 30.54 -49.22 -62.51
C GLY E 305 29.47 -48.20 -62.89
N ASP E 306 28.87 -47.56 -61.90
CA ASP E 306 27.89 -46.51 -62.13
C ASP E 306 28.54 -45.17 -62.47
N ILE E 307 29.85 -45.05 -62.23
CA ILE E 307 30.59 -43.81 -62.44
C ILE E 307 31.28 -43.84 -63.78
N HIS E 308 31.04 -42.83 -64.62
CA HIS E 308 31.64 -42.78 -65.95
C HIS E 308 32.51 -41.54 -66.21
N PHE E 309 32.78 -40.75 -65.18
CA PHE E 309 33.88 -39.79 -65.24
C PHE E 309 34.60 -39.73 -63.89
N PHE E 310 35.92 -39.67 -63.94
CA PHE E 310 36.74 -39.61 -62.74
C PHE E 310 37.70 -38.43 -62.79
N GLY E 311 37.57 -37.54 -61.81
CA GLY E 311 38.54 -36.46 -61.63
C GLY E 311 39.44 -36.83 -60.47
N LEU E 312 40.61 -37.40 -60.78
CA LEU E 312 41.48 -37.99 -59.77
C LEU E 312 42.78 -37.22 -59.58
N TYR E 313 43.03 -36.82 -58.35
CA TYR E 313 44.25 -36.08 -57.99
C TYR E 313 45.50 -36.79 -58.50
N ASP E 314 46.37 -36.04 -59.17
CA ASP E 314 47.53 -36.61 -59.84
C ASP E 314 48.76 -35.70 -59.70
N CYS E 315 49.06 -35.28 -58.46
CA CYS E 315 50.22 -34.42 -58.22
C CYS E 315 51.52 -35.07 -58.69
N PHE E 316 51.61 -36.38 -58.53
CA PHE E 316 52.68 -37.20 -59.09
C PHE E 316 52.10 -38.51 -59.59
N PRO E 317 52.80 -39.21 -60.51
CA PRO E 317 52.27 -40.44 -61.09
C PRO E 317 51.77 -41.46 -60.07
N ILE E 318 52.52 -41.64 -58.99
CA ILE E 318 52.15 -42.60 -57.95
C ILE E 318 50.81 -42.28 -57.30
N CYS E 319 50.46 -40.98 -57.26
CA CYS E 319 49.18 -40.55 -56.70
C CYS E 319 48.00 -41.03 -57.56
N LEU E 320 48.12 -40.89 -58.88
CA LEU E 320 47.07 -41.32 -59.78
C LEU E 320 47.01 -42.84 -59.86
N ILE E 321 48.17 -43.49 -59.86
CA ILE E 321 48.26 -44.95 -59.87
C ILE E 321 47.57 -45.54 -58.64
N GLN E 322 47.81 -44.95 -57.48
CA GLN E 322 47.14 -45.39 -56.28
C GLN E 322 45.64 -45.03 -56.27
N ALA E 323 45.28 -43.91 -56.91
CA ALA E 323 43.89 -43.46 -56.97
C ALA E 323 42.99 -44.43 -57.73
N VAL E 324 43.43 -44.85 -58.91
CA VAL E 324 42.63 -45.78 -59.74
C VAL E 324 42.40 -47.12 -59.03
N GLU E 325 43.39 -47.55 -58.28
CA GLU E 325 43.26 -48.74 -57.43
C GLU E 325 42.27 -48.48 -56.29
N ALA E 326 42.46 -47.36 -55.60
CA ALA E 326 41.65 -47.01 -54.43
C ALA E 326 40.15 -46.89 -54.71
N VAL E 327 39.80 -46.29 -55.86
CA VAL E 327 38.39 -46.12 -56.24
C VAL E 327 37.80 -47.34 -56.96
N GLY E 328 38.65 -48.33 -57.27
CA GLY E 328 38.18 -49.61 -57.79
C GLY E 328 38.12 -49.74 -59.30
N LEU E 329 38.82 -48.86 -60.02
CA LEU E 329 38.92 -48.98 -61.48
C LEU E 329 39.79 -50.16 -61.87
N CYS E 330 40.68 -50.58 -60.97
CA CYS E 330 41.48 -51.78 -61.15
C CYS E 330 41.87 -52.36 -59.79
N PRO E 331 42.35 -53.62 -59.76
CA PRO E 331 42.74 -54.23 -58.49
C PRO E 331 43.97 -53.59 -57.85
N GLU E 332 44.14 -53.81 -56.55
CA GLU E 332 45.32 -53.36 -55.81
C GLU E 332 46.60 -53.85 -56.50
N GLY E 333 47.59 -52.97 -56.62
CA GLY E 333 48.84 -53.28 -57.29
C GLY E 333 48.82 -53.30 -58.82
N LYS E 334 47.66 -53.07 -59.43
CA LYS E 334 47.52 -53.14 -60.89
C LYS E 334 47.39 -51.78 -61.57
N GLY E 335 47.61 -50.70 -60.80
CA GLY E 335 47.47 -49.35 -61.33
C GLY E 335 48.47 -49.00 -62.41
N GLY E 336 49.71 -49.46 -62.24
CA GLY E 336 50.75 -49.28 -63.25
C GLY E 336 50.39 -49.94 -64.58
N GLU E 337 49.83 -51.14 -64.48
CA GLU E 337 49.39 -51.89 -65.66
C GLU E 337 48.16 -51.26 -66.29
N PHE E 338 47.32 -50.64 -65.45
CA PHE E 338 46.17 -49.88 -65.93
C PHE E 338 46.63 -48.73 -66.83
N MET E 339 47.71 -48.07 -66.44
CA MET E 339 48.29 -46.99 -67.24
C MET E 339 48.87 -47.54 -68.55
N GLU E 340 49.58 -48.66 -68.46
CA GLU E 340 50.23 -49.25 -69.64
C GLU E 340 49.23 -49.73 -70.68
N THR E 341 48.16 -50.37 -70.22
CA THR E 341 47.05 -50.76 -71.10
C THR E 341 46.51 -49.57 -71.91
N ALA E 342 46.27 -48.45 -71.24
CA ALA E 342 45.75 -47.24 -71.89
C ALA E 342 46.79 -46.63 -72.82
N TYR E 343 48.04 -46.64 -72.39
CA TYR E 343 49.16 -46.13 -73.19
C TYR E 343 49.35 -46.93 -74.48
N ASN E 344 49.29 -48.26 -74.37
CA ASN E 344 49.41 -49.13 -75.55
C ASN E 344 48.23 -49.00 -76.52
N GLU E 345 47.01 -48.90 -75.98
CA GLU E 345 45.82 -48.67 -76.79
C GLU E 345 45.88 -47.30 -77.48
N MET E 346 46.50 -46.33 -76.81
CA MET E 346 46.71 -45.01 -77.40
C MET E 346 47.68 -45.09 -78.59
N LEU E 347 48.77 -45.84 -78.42
CA LEU E 347 49.74 -46.03 -79.51
C LEU E 347 49.14 -46.77 -80.70
N ASN E 348 48.34 -47.79 -80.43
CA ASN E 348 47.67 -48.58 -81.47
C ASN E 348 46.42 -47.90 -82.06
N ASN E 349 46.11 -46.68 -81.59
CA ASN E 349 45.01 -45.89 -82.13
C ASN E 349 45.52 -44.62 -82.81
N GLY E 350 46.71 -44.71 -83.41
CA GLY E 350 47.31 -43.57 -84.11
C GLY E 350 47.72 -42.43 -83.20
N GLY E 351 48.14 -42.77 -81.98
CA GLY E 351 48.53 -41.76 -80.99
C GLY E 351 47.38 -41.01 -80.34
N VAL E 352 46.14 -41.45 -80.59
CA VAL E 352 44.96 -40.78 -80.06
C VAL E 352 44.48 -41.50 -78.81
N LEU E 353 44.36 -40.75 -77.71
CA LEU E 353 43.81 -41.28 -76.46
C LEU E 353 42.30 -41.03 -76.43
N ASP E 354 41.52 -42.09 -76.66
CA ASP E 354 40.06 -42.00 -76.63
C ASP E 354 39.59 -41.86 -75.18
N PRO E 355 38.88 -40.76 -74.86
CA PRO E 355 38.40 -40.58 -73.49
C PRO E 355 37.48 -41.69 -72.97
N SER E 356 36.70 -42.32 -73.85
CA SER E 356 35.82 -43.41 -73.46
C SER E 356 36.56 -44.62 -72.88
N LYS E 357 37.79 -44.84 -73.34
CA LYS E 357 38.63 -45.94 -72.83
C LYS E 357 39.46 -45.54 -71.61
N PHE E 358 39.50 -44.24 -71.32
CA PHE E 358 40.25 -43.71 -70.18
C PHE E 358 39.55 -42.43 -69.68
N PRO E 359 38.38 -42.59 -69.06
CA PRO E 359 37.53 -41.44 -68.71
C PRO E 359 38.00 -40.75 -67.43
N ILE E 360 39.24 -40.28 -67.44
CA ILE E 360 39.91 -39.79 -66.25
C ILE E 360 40.66 -38.50 -66.58
N ASN E 361 40.43 -37.46 -65.79
CA ASN E 361 41.17 -36.19 -65.92
C ASN E 361 41.26 -35.74 -67.37
N THR E 362 40.11 -35.62 -68.02
CA THR E 362 40.06 -35.23 -69.42
C THR E 362 40.57 -33.80 -69.65
N HIS E 363 40.72 -33.04 -68.57
CA HIS E 363 41.32 -31.71 -68.61
C HIS E 363 42.84 -31.71 -68.63
N GLY E 364 43.46 -32.76 -68.11
CA GLY E 364 44.93 -32.86 -68.06
C GLY E 364 45.49 -32.96 -66.65
N GLY E 365 44.65 -32.69 -65.66
CA GLY E 365 45.03 -32.84 -64.25
C GLY E 365 46.12 -31.90 -63.80
N LEU E 366 46.65 -32.16 -62.60
CA LEU E 366 47.75 -31.38 -62.05
C LEU E 366 49.00 -31.49 -62.91
N GLN E 367 49.17 -32.63 -63.57
CA GLN E 367 50.33 -32.87 -64.43
C GLN E 367 50.40 -31.92 -65.62
N CYS E 368 49.27 -31.70 -66.29
CA CYS E 368 49.27 -31.02 -67.59
C CYS E 368 48.23 -29.91 -67.77
N PHE E 369 47.22 -29.84 -66.91
CA PHE E 369 46.30 -28.68 -66.90
C PHE E 369 46.91 -27.57 -66.06
N GLY E 370 47.25 -27.90 -64.81
CA GLY E 370 47.87 -26.93 -63.90
C GLY E 370 47.56 -27.22 -62.44
N ALA E 371 48.42 -26.73 -61.54
CA ALA E 371 48.32 -27.04 -60.12
C ALA E 371 48.63 -25.84 -59.24
N PRO E 372 47.63 -24.98 -58.99
CA PRO E 372 47.82 -23.88 -58.04
C PRO E 372 47.70 -24.32 -56.57
N TRP E 373 48.69 -25.07 -56.11
CA TRP E 373 48.79 -25.50 -54.70
C TRP E 373 47.54 -26.27 -54.23
N GLU E 374 46.69 -25.66 -53.39
CA GLU E 374 45.49 -26.37 -52.87
C GLU E 374 44.25 -26.20 -53.76
N VAL E 375 44.40 -25.56 -54.92
CA VAL E 375 43.28 -25.29 -55.83
C VAL E 375 42.83 -26.47 -56.71
N PRO E 376 43.79 -27.23 -57.27
CA PRO E 376 43.45 -28.00 -58.47
C PRO E 376 42.42 -29.12 -58.35
N ALA E 377 42.10 -29.56 -57.13
CA ALA E 377 40.97 -30.48 -56.93
C ALA E 377 39.68 -29.85 -57.43
N MET E 378 39.62 -28.53 -57.43
CA MET E 378 38.52 -27.78 -58.04
C MET E 378 38.34 -28.09 -59.52
N TYR E 379 39.44 -28.34 -60.22
CA TYR E 379 39.39 -28.61 -61.66
C TYR E 379 38.85 -30.01 -61.97
N ASN E 380 39.01 -30.93 -61.03
CA ASN E 380 38.32 -32.22 -61.09
C ASN E 380 36.82 -32.02 -61.04
N ILE E 381 36.37 -31.08 -60.20
CA ILE E 381 34.96 -30.75 -60.08
C ILE E 381 34.44 -30.04 -61.33
N THR E 382 35.18 -29.05 -61.82
CA THR E 382 34.73 -28.26 -62.98
C THR E 382 34.72 -29.09 -64.26
N GLU E 383 35.73 -29.95 -64.42
CA GLU E 383 35.79 -30.85 -65.56
C GLU E 383 34.69 -31.91 -65.50
N ALA E 384 34.38 -32.39 -64.29
CA ALA E 384 33.26 -33.31 -64.09
C ALA E 384 31.95 -32.66 -64.52
N ILE E 385 31.73 -31.42 -64.09
CA ILE E 385 30.52 -30.68 -64.44
C ILE E 385 30.41 -30.43 -65.95
N ALA E 386 31.55 -30.10 -66.57
CA ALA E 386 31.60 -29.94 -68.03
C ALA E 386 31.16 -31.22 -68.74
N GLN E 387 31.68 -32.36 -68.29
CA GLN E 387 31.31 -33.66 -68.85
C GLN E 387 29.83 -33.99 -68.62
N LEU E 388 29.36 -33.77 -67.38
CA LEU E 388 27.97 -34.07 -67.01
C LEU E 388 26.96 -33.20 -67.77
N SER E 389 27.36 -31.98 -68.10
CA SER E 389 26.48 -31.03 -68.79
C SER E 389 26.66 -31.08 -70.32
N GLU E 390 27.53 -31.96 -70.80
CA GLU E 390 27.83 -32.08 -72.23
C GLU E 390 28.40 -30.77 -72.79
N GLU E 391 29.36 -30.19 -72.06
CA GLU E 391 29.98 -28.93 -72.45
C GLU E 391 31.50 -29.04 -72.37
N ALA E 392 32.03 -30.23 -72.65
CA ALA E 392 33.48 -30.48 -72.57
C ALA E 392 34.15 -30.45 -73.93
N GLY E 393 33.42 -30.07 -74.98
CA GLY E 393 33.98 -29.84 -76.31
C GLY E 393 34.57 -31.07 -76.96
N ASP E 394 35.84 -31.00 -77.35
CA ASP E 394 36.54 -32.11 -77.99
C ASP E 394 36.92 -33.21 -77.00
N ARG E 395 36.81 -32.92 -75.71
CA ARG E 395 37.12 -33.86 -74.64
C ARG E 395 35.88 -34.66 -74.24
N GLN E 396 34.74 -34.34 -74.84
CA GLN E 396 33.44 -34.83 -74.38
C GLN E 396 33.32 -36.35 -74.45
N LEU E 397 32.85 -36.94 -73.35
CA LEU E 397 32.57 -38.37 -73.28
C LEU E 397 31.20 -38.67 -73.90
N THR E 398 31.14 -39.76 -74.65
CA THR E 398 29.89 -40.23 -75.26
C THR E 398 29.72 -41.72 -74.92
N PRO E 399 28.55 -42.11 -74.38
CA PRO E 399 27.41 -41.26 -74.04
C PRO E 399 27.71 -40.33 -72.87
N VAL E 400 26.88 -39.31 -72.69
CA VAL E 400 27.08 -38.31 -71.65
C VAL E 400 27.02 -39.00 -70.28
N PRO E 401 28.07 -38.83 -69.45
CA PRO E 401 28.03 -39.44 -68.12
C PRO E 401 26.93 -38.83 -67.25
N LYS E 402 26.24 -39.67 -66.50
CA LYS E 402 25.22 -39.22 -65.56
C LYS E 402 25.81 -38.99 -64.17
N ARG E 403 26.94 -39.62 -63.90
CA ARG E 403 27.55 -39.61 -62.57
C ARG E 403 29.06 -39.50 -62.66
N ALA E 404 29.64 -38.74 -61.72
CA ALA E 404 31.08 -38.50 -61.69
C ALA E 404 31.62 -38.65 -60.27
N LEU E 405 32.87 -39.08 -60.16
CA LEU E 405 33.56 -39.15 -58.88
C LEU E 405 34.77 -38.23 -58.94
N VAL E 406 34.94 -37.41 -57.91
CA VAL E 406 36.08 -36.51 -57.82
C VAL E 406 36.88 -36.79 -56.56
N TYR E 407 38.20 -36.62 -56.66
CA TYR E 407 39.12 -36.99 -55.59
C TYR E 407 40.21 -35.94 -55.42
N GLY E 408 40.36 -35.48 -54.17
CA GLY E 408 41.39 -34.52 -53.80
C GLY E 408 42.32 -35.14 -52.79
N ASN E 409 43.60 -34.83 -52.90
CA ASN E 409 44.62 -35.38 -52.02
C ASN E 409 45.51 -34.28 -51.47
N GLY E 410 45.82 -34.36 -50.19
CA GLY E 410 46.64 -33.35 -49.52
C GLY E 410 47.88 -33.90 -48.85
N GLY E 411 48.91 -33.07 -48.76
CA GLY E 411 50.17 -33.46 -48.15
C GLY E 411 50.87 -34.52 -48.98
N ILE E 412 51.33 -35.58 -48.31
CA ILE E 412 51.92 -36.72 -48.99
C ILE E 412 51.07 -37.95 -48.63
N PHE E 413 50.00 -38.15 -49.38
CA PHE E 413 48.97 -39.13 -49.03
C PHE E 413 48.49 -38.95 -47.59
N SER E 414 48.35 -37.69 -47.19
CA SER E 414 48.03 -37.33 -45.80
C SER E 414 46.54 -37.02 -45.63
N ALA E 415 45.88 -36.60 -46.71
CA ALA E 415 44.46 -36.28 -46.67
C ALA E 415 43.79 -36.76 -47.95
N SER E 416 42.68 -37.47 -47.79
CA SER E 416 41.87 -37.91 -48.92
C SER E 416 40.48 -37.32 -48.76
N SER E 417 39.96 -36.76 -49.85
CA SER E 417 38.58 -36.30 -49.88
C SER E 417 37.96 -36.73 -51.19
N VAL E 418 36.84 -37.45 -51.11
CA VAL E 418 36.18 -38.00 -52.27
C VAL E 418 34.74 -37.55 -52.28
N ALA E 419 34.25 -37.13 -53.44
CA ALA E 419 32.85 -36.77 -53.61
C ALA E 419 32.30 -37.41 -54.87
N ILE E 420 31.00 -37.68 -54.87
CA ILE E 420 30.32 -38.22 -56.03
C ILE E 420 29.26 -37.20 -56.46
N LEU E 421 29.28 -36.84 -57.74
CA LEU E 421 28.35 -35.88 -58.30
C LEU E 421 27.45 -36.57 -59.31
N ILE E 422 26.15 -36.31 -59.23
CA ILE E 422 25.18 -36.93 -60.12
C ILE E 422 24.23 -35.86 -60.67
N SER E 423 23.83 -36.03 -61.93
CA SER E 423 22.96 -35.05 -62.60
C SER E 423 21.55 -35.04 -62.03
N ASP E 424 21.00 -36.24 -61.78
CA ASP E 424 19.66 -36.37 -61.20
C ASP E 424 19.54 -37.63 -60.33
N LEU E 425 18.48 -37.67 -59.52
CA LEU E 425 18.15 -38.84 -58.72
C LEU E 425 17.62 -39.96 -59.62
N SER F 19 18.47 -34.65 -31.62
CA SER F 19 18.93 -35.72 -32.56
C SER F 19 19.76 -36.80 -31.87
N GLN F 20 20.74 -36.36 -31.09
CA GLN F 20 21.70 -37.24 -30.44
C GLN F 20 22.58 -36.38 -29.53
N VAL F 21 22.70 -36.78 -28.28
CA VAL F 21 23.39 -36.00 -27.26
C VAL F 21 24.90 -36.18 -27.35
N VAL F 22 25.62 -35.08 -27.46
CA VAL F 22 27.08 -35.08 -27.58
C VAL F 22 27.69 -34.31 -26.41
N ARG F 23 28.73 -34.87 -25.80
CA ARG F 23 29.35 -34.30 -24.61
C ARG F 23 30.84 -34.03 -24.82
N ILE F 24 31.35 -33.03 -24.10
CA ILE F 24 32.79 -32.88 -23.92
C ILE F 24 33.17 -33.90 -22.84
N VAL F 25 33.79 -35.00 -23.25
CA VAL F 25 34.05 -36.11 -22.33
C VAL F 25 35.45 -36.09 -21.71
N GLY F 26 36.33 -35.26 -22.24
CA GLY F 26 37.69 -35.15 -21.72
C GLY F 26 38.27 -33.75 -21.92
N VAL F 27 38.99 -33.28 -20.91
CA VAL F 27 39.66 -31.99 -20.97
C VAL F 27 41.09 -32.17 -20.46
N GLY F 28 42.05 -31.58 -21.19
CA GLY F 28 43.44 -31.59 -20.79
C GLY F 28 44.15 -30.35 -21.28
N ARG F 29 45.06 -29.83 -20.47
CA ARG F 29 45.85 -28.68 -20.88
C ARG F 29 47.21 -28.61 -20.20
N THR F 30 48.11 -27.86 -20.81
CA THR F 30 49.41 -27.57 -20.23
C THR F 30 49.23 -26.41 -19.26
N GLY F 31 50.34 -26.03 -18.63
CA GLY F 31 50.38 -24.76 -17.90
C GLY F 31 50.32 -23.61 -18.88
N ILE F 32 50.43 -22.40 -18.36
CA ILE F 32 50.42 -21.20 -19.22
C ILE F 32 51.51 -20.23 -18.77
N GLY F 33 52.16 -19.59 -19.74
CA GLY F 33 53.24 -18.63 -19.48
C GLY F 33 54.35 -18.73 -20.50
N LYS F 34 55.59 -18.59 -20.02
CA LYS F 34 56.77 -18.75 -20.86
C LYS F 34 57.32 -20.14 -20.57
N LEU F 35 56.93 -21.11 -21.39
CA LEU F 35 57.15 -22.53 -21.09
C LEU F 35 58.39 -23.14 -21.74
N HIS F 36 58.98 -22.44 -22.72
CA HIS F 36 60.16 -22.93 -23.45
C HIS F 36 59.97 -24.35 -23.99
N LYS F 37 58.83 -24.58 -24.63
CA LYS F 37 58.54 -25.84 -25.30
C LYS F 37 58.03 -25.55 -26.71
N SER F 38 58.21 -26.51 -27.61
CA SER F 38 57.70 -26.38 -28.96
C SER F 38 56.18 -26.51 -28.95
N VAL F 39 55.55 -25.99 -30.00
CA VAL F 39 54.10 -26.07 -30.15
C VAL F 39 53.65 -27.53 -30.20
N ASP F 40 54.43 -28.37 -30.87
CA ASP F 40 54.14 -29.80 -30.97
C ASP F 40 54.19 -30.51 -29.63
N GLU F 41 55.16 -30.16 -28.79
CA GLU F 41 55.27 -30.74 -27.44
C GLU F 41 54.07 -30.34 -26.58
N LEU F 42 53.67 -29.08 -26.66
CA LEU F 42 52.52 -28.58 -25.89
C LEU F 42 51.23 -29.27 -26.34
N ALA F 43 51.03 -29.37 -27.66
CA ALA F 43 49.86 -30.03 -28.20
C ALA F 43 49.80 -31.48 -27.76
N ALA F 44 50.93 -32.18 -27.87
CA ALA F 44 51.00 -33.60 -27.50
C ALA F 44 50.72 -33.82 -26.01
N SER F 45 51.28 -32.95 -25.16
CA SER F 45 51.06 -33.04 -23.71
C SER F 45 49.60 -32.81 -23.35
N ALA F 46 48.99 -31.80 -23.97
CA ALA F 46 47.58 -31.47 -23.72
C ALA F 46 46.67 -32.63 -24.12
N LEU F 47 46.97 -33.26 -25.26
CA LEU F 47 46.17 -34.37 -25.76
C LEU F 47 46.24 -35.57 -24.81
N LYS F 48 47.43 -35.88 -24.29
CA LYS F 48 47.60 -36.99 -23.36
C LYS F 48 46.80 -36.76 -22.07
N CYS F 49 46.86 -35.54 -21.55
CA CYS F 49 46.09 -35.17 -20.36
C CYS F 49 44.59 -35.37 -20.61
N ALA F 50 44.13 -34.91 -21.77
CA ALA F 50 42.72 -35.04 -22.16
C ALA F 50 42.25 -36.49 -22.27
N LEU F 51 43.10 -37.36 -22.83
CA LEU F 51 42.77 -38.78 -22.96
C LEU F 51 42.66 -39.46 -21.60
N VAL F 52 43.60 -39.14 -20.70
CA VAL F 52 43.56 -39.64 -19.33
C VAL F 52 42.29 -39.14 -18.63
N ASP F 53 41.97 -37.85 -18.82
CA ASP F 53 40.76 -37.26 -18.26
C ASP F 53 39.47 -37.90 -18.78
N ALA F 54 39.51 -38.40 -20.02
CA ALA F 54 38.35 -39.06 -20.64
C ALA F 54 38.31 -40.55 -20.36
N ASN F 55 39.35 -41.09 -19.73
CA ASN F 55 39.52 -42.53 -19.57
C ASN F 55 39.56 -43.22 -20.93
N MET F 56 40.41 -42.68 -21.82
CA MET F 56 40.53 -43.18 -23.19
C MET F 56 41.99 -43.37 -23.58
N LYS F 57 42.21 -44.10 -24.68
CA LYS F 57 43.53 -44.25 -25.31
C LYS F 57 43.50 -43.61 -26.70
N GLN F 58 44.68 -43.37 -27.25
CA GLN F 58 44.83 -42.89 -28.63
C GLN F 58 43.93 -43.64 -29.61
N CYS F 59 43.98 -44.97 -29.55
CA CYS F 59 43.23 -45.83 -30.46
C CYS F 59 41.72 -45.59 -30.42
N ASP F 60 41.22 -45.01 -29.34
CA ASP F 60 39.80 -44.70 -29.20
C ASP F 60 39.40 -43.41 -29.93
N LEU F 61 40.38 -42.65 -30.41
CA LEU F 61 40.09 -41.43 -31.17
C LEU F 61 39.84 -41.73 -32.64
N GLN F 62 38.80 -41.14 -33.20
CA GLN F 62 38.47 -41.32 -34.61
C GLN F 62 38.57 -40.03 -35.44
N ALA F 63 38.93 -38.93 -34.79
CA ALA F 63 39.12 -37.66 -35.51
C ALA F 63 39.92 -36.66 -34.68
N LEU F 64 40.54 -35.71 -35.38
CA LEU F 64 41.31 -34.65 -34.73
C LEU F 64 41.16 -33.34 -35.51
N ILE F 65 40.76 -32.29 -34.79
CA ILE F 65 40.64 -30.95 -35.37
C ILE F 65 41.56 -30.01 -34.62
N ALA F 66 42.28 -29.16 -35.35
CA ALA F 66 43.19 -28.20 -34.74
C ALA F 66 43.12 -26.83 -35.40
N VAL F 67 43.68 -25.84 -34.72
CA VAL F 67 43.75 -24.48 -35.21
C VAL F 67 45.22 -24.09 -35.43
N PRO F 68 45.50 -23.16 -36.37
CA PRO F 68 46.89 -22.83 -36.68
C PRO F 68 47.62 -22.13 -35.53
N SER F 69 48.95 -22.20 -35.58
CA SER F 69 49.83 -21.57 -34.60
C SER F 69 50.56 -20.40 -35.24
N LEU F 70 50.71 -19.31 -34.49
CA LEU F 70 51.49 -18.17 -34.95
C LEU F 70 52.98 -18.35 -34.72
N ALA F 71 53.34 -18.94 -33.58
CA ALA F 71 54.75 -19.19 -33.25
C ALA F 71 55.41 -20.16 -34.23
N SER F 72 54.69 -21.23 -34.58
CA SER F 72 55.19 -22.23 -35.52
C SER F 72 54.15 -22.50 -36.60
N PRO F 73 54.02 -21.58 -37.58
CA PRO F 73 53.06 -21.82 -38.64
C PRO F 73 53.41 -23.08 -39.40
N GLN F 74 52.41 -23.91 -39.66
CA GLN F 74 52.67 -25.22 -40.21
C GLN F 74 51.55 -25.63 -41.17
N PHE F 75 51.98 -26.03 -42.37
CA PHE F 75 51.12 -26.61 -43.39
C PHE F 75 50.38 -27.81 -42.82
N MET F 76 49.06 -27.86 -43.02
CA MET F 76 48.22 -28.94 -42.49
C MET F 76 48.54 -29.20 -41.02
N GLN F 77 48.36 -28.17 -40.21
CA GLN F 77 48.77 -28.18 -38.80
C GLN F 77 48.28 -29.42 -38.05
N ALA F 78 47.00 -29.72 -38.17
CA ALA F 78 46.39 -30.84 -37.48
C ALA F 78 47.08 -32.16 -37.83
N HIS F 79 47.36 -32.35 -39.13
CA HIS F 79 48.06 -33.55 -39.59
C HIS F 79 49.48 -33.61 -39.02
N HIS F 80 50.17 -32.46 -39.03
CA HIS F 80 51.52 -32.36 -38.50
C HIS F 80 51.56 -32.77 -37.02
N ILE F 81 50.67 -32.18 -36.23
CA ILE F 81 50.57 -32.49 -34.80
C ILE F 81 50.26 -33.97 -34.58
N ALA F 82 49.29 -34.49 -35.33
CA ALA F 82 48.86 -35.88 -35.19
C ALA F 82 50.00 -36.86 -35.52
N THR F 83 50.83 -36.50 -36.50
CA THR F 83 51.92 -37.35 -36.94
C THR F 83 53.05 -37.38 -35.91
N VAL F 84 53.46 -36.20 -35.46
CA VAL F 84 54.53 -36.08 -34.47
C VAL F 84 54.13 -36.69 -33.12
N ALA F 85 52.87 -36.55 -32.75
CA ALA F 85 52.35 -37.14 -31.51
C ALA F 85 52.23 -38.67 -31.56
N GLY F 86 52.36 -39.25 -32.75
CA GLY F 86 52.41 -40.70 -32.92
C GLY F 86 51.06 -41.39 -32.97
N LEU F 87 50.06 -40.69 -33.51
CA LEU F 87 48.71 -41.26 -33.67
C LEU F 87 48.66 -42.27 -34.81
N PHE F 88 49.59 -42.16 -35.76
CA PHE F 88 49.63 -43.06 -36.91
C PHE F 88 50.71 -44.13 -36.75
N PRO F 89 50.48 -45.33 -37.30
CA PRO F 89 49.32 -45.73 -38.10
C PRO F 89 48.10 -46.07 -37.23
N THR F 90 46.91 -45.78 -37.75
CA THR F 90 45.65 -46.11 -37.08
C THR F 90 45.04 -47.34 -37.73
N LYS F 91 44.18 -48.03 -36.99
CA LYS F 91 43.56 -49.26 -37.48
C LYS F 91 42.35 -48.95 -38.35
N GLY F 92 41.45 -48.12 -37.82
CA GLY F 92 40.20 -47.77 -38.51
C GLY F 92 40.30 -46.46 -39.29
N LYS F 93 39.18 -45.76 -39.41
CA LYS F 93 39.15 -44.46 -40.06
C LYS F 93 39.53 -43.38 -39.07
N PHE F 94 40.29 -42.39 -39.56
CA PHE F 94 40.71 -41.25 -38.76
C PHE F 94 40.62 -39.99 -39.62
N ILE F 95 39.78 -39.04 -39.21
CA ILE F 95 39.57 -37.82 -39.98
C ILE F 95 40.29 -36.66 -39.30
N VAL F 96 41.20 -36.03 -40.02
CA VAL F 96 42.00 -34.91 -39.49
C VAL F 96 41.70 -33.64 -40.28
N ARG F 97 41.76 -32.51 -39.60
CA ARG F 97 41.29 -31.25 -40.16
C ARG F 97 41.87 -30.06 -39.39
N THR F 98 42.34 -29.04 -40.12
CA THR F 98 42.75 -27.78 -39.52
C THR F 98 41.77 -26.69 -39.95
N VAL F 99 41.34 -25.88 -39.00
CA VAL F 99 40.38 -24.81 -39.27
C VAL F 99 40.90 -23.48 -38.73
N ASP F 100 40.65 -22.40 -39.46
CA ASP F 100 41.10 -21.07 -39.05
C ASP F 100 39.93 -20.07 -39.06
N THR F 101 39.44 -19.74 -37.86
CA THR F 101 38.53 -18.61 -37.67
C THR F 101 39.08 -17.73 -36.55
N GLY F 102 40.42 -17.61 -36.50
CA GLY F 102 41.07 -16.83 -35.45
C GLY F 102 40.79 -17.41 -34.08
N GLY F 103 40.61 -16.52 -33.10
CA GLY F 103 40.29 -16.93 -31.74
C GLY F 103 38.91 -17.53 -31.53
N ALA F 104 38.07 -17.50 -32.56
CA ALA F 104 36.80 -18.24 -32.55
C ALA F 104 37.03 -19.74 -32.76
N GLY F 105 38.18 -20.07 -33.34
CA GLY F 105 38.54 -21.43 -33.73
C GLY F 105 38.13 -22.59 -32.84
N PRO F 106 38.53 -22.56 -31.55
CA PRO F 106 38.25 -23.68 -30.67
C PRO F 106 36.77 -24.00 -30.55
N ILE F 107 35.91 -22.98 -30.60
CA ILE F 107 34.47 -23.19 -30.53
C ILE F 107 33.92 -23.55 -31.90
N THR F 108 34.46 -22.96 -32.96
CA THR F 108 34.16 -23.41 -34.32
C THR F 108 34.46 -24.90 -34.46
N ALA F 109 35.66 -25.31 -34.04
CA ALA F 109 36.07 -26.72 -34.08
C ALA F 109 35.15 -27.60 -33.24
N LEU F 110 34.68 -27.07 -32.11
CA LEU F 110 33.74 -27.79 -31.26
C LEU F 110 32.45 -28.11 -32.01
N GLY F 111 31.94 -27.13 -32.76
CA GLY F 111 30.74 -27.32 -33.58
C GLY F 111 30.95 -28.36 -34.66
N MET F 112 32.11 -28.35 -35.29
CA MET F 112 32.46 -29.35 -36.29
C MET F 112 32.56 -30.74 -35.69
N ALA F 113 33.12 -30.84 -34.49
CA ALA F 113 33.24 -32.12 -33.80
C ALA F 113 31.86 -32.72 -33.54
N VAL F 114 30.94 -31.89 -33.05
CA VAL F 114 29.55 -32.30 -32.85
C VAL F 114 28.98 -32.82 -34.16
N ASP F 115 29.21 -32.08 -35.24
CA ASP F 115 28.73 -32.46 -36.56
C ASP F 115 29.27 -33.81 -37.04
N LEU F 116 30.56 -34.06 -36.80
CA LEU F 116 31.16 -35.34 -37.18
C LEU F 116 30.54 -36.51 -36.42
N VAL F 117 30.17 -36.28 -35.16
CA VAL F 117 29.52 -37.30 -34.35
C VAL F 117 28.09 -37.56 -34.85
N ARG F 118 27.32 -36.50 -35.05
CA ARG F 118 25.92 -36.63 -35.47
C ARG F 118 25.75 -37.29 -36.83
N THR F 119 26.65 -36.99 -37.77
CA THR F 119 26.64 -37.60 -39.10
C THR F 119 27.33 -38.96 -39.13
N ARG F 120 27.87 -39.38 -38.00
CA ARG F 120 28.53 -40.68 -37.84
C ARG F 120 29.80 -40.84 -38.69
N CYS F 121 30.47 -39.72 -38.96
CA CYS F 121 31.78 -39.76 -39.60
C CYS F 121 32.85 -40.13 -38.58
N ALA F 122 32.63 -39.78 -37.32
CA ALA F 122 33.56 -40.13 -36.24
C ALA F 122 32.83 -40.15 -34.90
N GLU F 123 33.00 -41.24 -34.16
CA GLU F 123 32.33 -41.41 -32.87
C GLU F 123 33.00 -40.56 -31.78
N THR F 124 34.30 -40.33 -31.91
CA THR F 124 35.05 -39.48 -30.97
C THR F 124 35.98 -38.53 -31.70
N VAL F 125 36.10 -37.30 -31.20
CA VAL F 125 36.86 -36.24 -31.86
C VAL F 125 37.72 -35.51 -30.83
N ALA F 126 39.02 -35.35 -31.14
CA ALA F 126 39.89 -34.52 -30.33
C ALA F 126 39.94 -33.13 -30.96
N VAL F 127 39.80 -32.09 -30.13
CA VAL F 127 39.93 -30.71 -30.57
C VAL F 127 41.13 -30.11 -29.85
N ILE F 128 42.12 -29.64 -30.61
CA ILE F 128 43.38 -29.17 -30.04
C ILE F 128 43.72 -27.75 -30.52
N ALA F 129 44.13 -26.91 -29.57
CA ALA F 129 44.71 -25.61 -29.88
C ALA F 129 46.01 -25.46 -29.08
N ALA F 130 47.07 -25.04 -29.75
CA ALA F 130 48.38 -24.90 -29.11
C ALA F 130 49.17 -23.76 -29.74
N ASP F 131 49.86 -22.98 -28.91
CA ASP F 131 50.75 -21.93 -29.41
C ASP F 131 51.78 -21.51 -28.37
N ALA F 132 52.77 -20.74 -28.81
CA ALA F 132 53.88 -20.32 -27.96
C ALA F 132 54.32 -18.89 -28.30
N VAL F 133 53.37 -17.97 -28.23
CA VAL F 133 53.61 -16.59 -28.68
C VAL F 133 54.37 -15.73 -27.67
N LEU F 134 54.56 -16.22 -26.44
CA LEU F 134 55.41 -15.54 -25.47
C LEU F 134 56.87 -15.94 -25.68
N SER F 135 57.11 -17.24 -25.87
CA SER F 135 58.48 -17.75 -26.09
C SER F 135 59.06 -17.35 -27.46
N MET F 136 58.21 -17.01 -28.42
CA MET F 136 58.68 -16.68 -29.77
C MET F 136 59.43 -15.35 -29.85
N GLY F 137 59.25 -14.47 -28.88
CA GLY F 137 59.94 -13.19 -28.84
C GLY F 137 59.08 -12.05 -29.37
N SER F 138 59.22 -10.87 -28.75
CA SER F 138 58.37 -9.69 -29.02
C SER F 138 58.50 -9.22 -30.48
N GLY F 139 59.70 -9.28 -31.04
CA GLY F 139 59.95 -8.85 -32.41
C GLY F 139 59.25 -9.70 -33.46
N ALA F 140 59.39 -11.03 -33.32
CA ALA F 140 58.76 -11.97 -34.24
C ALA F 140 57.24 -11.93 -34.12
N PHE F 141 56.74 -11.87 -32.87
CA PHE F 141 55.30 -11.79 -32.64
C PHE F 141 54.68 -10.57 -33.30
N ALA F 142 55.27 -9.41 -33.03
CA ALA F 142 54.78 -8.15 -33.59
C ALA F 142 54.73 -8.19 -35.11
N GLU F 143 55.78 -8.72 -35.73
CA GLU F 143 55.88 -8.79 -37.18
C GLU F 143 54.81 -9.71 -37.79
N ARG F 144 54.63 -10.89 -37.19
CA ARG F 144 53.66 -11.86 -37.71
C ARG F 144 52.20 -11.46 -37.40
N SER F 145 51.96 -10.92 -36.21
CA SER F 145 50.62 -10.44 -35.86
C SER F 145 50.21 -9.25 -36.73
N ASN F 146 51.15 -8.37 -37.03
CA ASN F 146 50.88 -7.25 -37.94
C ASN F 146 50.70 -7.69 -39.38
N ALA F 147 51.52 -8.65 -39.82
CA ALA F 147 51.41 -9.21 -41.16
C ALA F 147 50.05 -9.87 -41.40
N SER F 148 49.43 -10.34 -40.33
CA SER F 148 48.07 -10.89 -40.39
C SER F 148 47.02 -9.88 -40.90
N LEU F 149 47.28 -8.59 -40.77
CA LEU F 149 46.36 -7.55 -41.26
C LEU F 149 46.95 -6.74 -42.42
N ARG F 150 47.45 -7.44 -43.45
CA ARG F 150 47.89 -6.73 -44.66
C ARG F 150 46.71 -5.93 -45.15
N ARG F 151 47.08 -4.75 -45.64
CA ARG F 151 46.36 -3.48 -45.60
C ARG F 151 44.99 -3.66 -46.14
N SER F 152 43.95 -3.63 -45.33
CA SER F 152 43.78 -3.04 -43.95
C SER F 152 44.02 -1.54 -43.73
N GLY F 153 45.27 -1.11 -43.84
CA GLY F 153 45.62 0.30 -43.66
C GLY F 153 45.78 0.72 -42.20
N LEU F 154 45.77 -0.27 -41.30
CA LEU F 154 45.89 0.00 -39.87
C LEU F 154 47.35 0.22 -39.49
N PRO F 155 47.62 1.24 -38.65
CA PRO F 155 48.99 1.43 -38.15
C PRO F 155 49.37 0.36 -37.14
N GLU F 156 50.67 0.18 -36.94
CA GLU F 156 51.18 -0.87 -36.06
C GLU F 156 51.13 -0.43 -34.60
N PRO F 157 50.84 -1.36 -33.66
CA PRO F 157 50.40 -2.74 -33.89
C PRO F 157 48.97 -2.77 -34.42
N CYS F 158 48.73 -3.55 -35.48
CA CYS F 158 47.50 -3.45 -36.26
C CYS F 158 46.25 -3.94 -35.54
N ILE F 159 46.34 -5.08 -34.87
CA ILE F 159 45.17 -5.66 -34.20
C ILE F 159 44.63 -4.76 -33.08
N PRO F 160 45.51 -4.27 -32.18
CA PRO F 160 45.06 -3.29 -31.20
C PRO F 160 44.43 -2.04 -31.83
N HIS F 161 45.06 -1.52 -32.88
CA HIS F 161 44.55 -0.32 -33.57
C HIS F 161 43.19 -0.58 -34.22
N GLY F 162 43.00 -1.79 -34.72
CA GLY F 162 41.71 -2.18 -35.30
C GLY F 162 40.60 -2.17 -34.28
N TYR F 163 40.85 -2.78 -33.13
CA TYR F 163 39.87 -2.78 -32.02
C TYR F 163 39.71 -1.40 -31.42
N ASP F 164 40.80 -0.63 -31.38
CA ASP F 164 40.76 0.74 -30.90
C ASP F 164 39.80 1.60 -31.73
N ARG F 165 39.79 1.38 -33.04
CA ARG F 165 38.89 2.10 -33.94
C ARG F 165 37.41 1.81 -33.63
N TYR F 166 37.10 0.57 -33.26
CA TYR F 166 35.74 0.21 -32.83
C TYR F 166 35.40 0.78 -31.46
N ALA F 167 36.39 0.81 -30.57
CA ALA F 167 36.21 1.40 -29.24
C ALA F 167 35.85 2.88 -29.34
N GLN F 168 36.57 3.62 -30.17
CA GLN F 168 36.29 5.04 -30.40
C GLN F 168 34.90 5.28 -30.99
N TRP F 169 34.47 4.37 -31.86
CA TRP F 169 33.13 4.44 -32.44
C TRP F 169 32.06 4.20 -31.39
N TYR F 170 32.32 3.29 -30.45
CA TYR F 170 31.41 3.06 -29.32
C TYR F 170 31.31 4.29 -28.43
N MET F 171 32.44 4.96 -28.22
CA MET F 171 32.47 6.17 -27.39
C MET F 171 31.64 7.29 -28.02
N SER F 172 31.81 7.48 -29.32
CA SER F 172 31.05 8.51 -30.06
C SER F 172 29.57 8.16 -30.18
N ARG F 173 29.29 6.90 -30.52
CA ARG F 173 27.92 6.44 -30.77
C ARG F 173 27.08 6.35 -29.48
N TYR F 174 27.61 5.62 -28.50
CA TYR F 174 26.84 5.27 -27.29
C TYR F 174 27.26 6.03 -26.03
N GLY F 175 28.29 6.87 -26.14
CA GLY F 175 28.79 7.63 -24.99
C GLY F 175 29.61 6.78 -24.02
N LEU F 176 30.21 5.71 -24.51
CA LEU F 176 31.10 4.89 -23.70
C LEU F 176 32.26 5.75 -23.21
N LYS F 177 32.59 5.61 -21.92
CA LYS F 177 33.65 6.42 -21.32
C LYS F 177 34.99 5.70 -21.35
N ARG F 178 36.06 6.47 -21.48
CA ARG F 178 37.43 5.93 -21.50
C ARG F 178 37.72 5.07 -20.27
N GLU F 179 37.26 5.52 -19.11
CA GLU F 179 37.53 4.81 -17.86
C GLU F 179 36.79 3.48 -17.79
N GLN F 180 35.68 3.35 -18.51
CA GLN F 180 34.90 2.11 -18.53
C GLN F 180 35.61 1.00 -19.32
N LEU F 181 36.33 1.37 -20.37
CA LEU F 181 37.21 0.44 -21.08
C LEU F 181 38.30 -0.06 -20.13
N ALA F 182 38.95 0.87 -19.44
CA ALA F 182 40.04 0.55 -18.50
C ALA F 182 39.59 -0.29 -17.29
N MET F 183 38.29 -0.27 -16.97
CA MET F 183 37.77 -1.08 -15.87
C MET F 183 37.77 -2.59 -16.19
N VAL F 184 37.79 -2.94 -17.47
CA VAL F 184 37.76 -4.35 -17.87
C VAL F 184 38.96 -5.13 -17.34
N PRO F 185 40.20 -4.67 -17.63
CA PRO F 185 41.36 -5.37 -17.08
C PRO F 185 41.45 -5.35 -15.55
N VAL F 186 40.88 -4.33 -14.92
CA VAL F 186 40.81 -4.28 -13.46
C VAL F 186 39.98 -5.46 -12.96
N LEU F 187 38.78 -5.61 -13.52
CA LEU F 187 37.87 -6.69 -13.12
C LEU F 187 38.45 -8.06 -13.43
N MET F 188 39.09 -8.18 -14.59
CA MET F 188 39.76 -9.43 -14.97
C MET F 188 40.94 -9.76 -14.08
N SER F 189 41.69 -8.73 -13.65
CA SER F 189 42.83 -8.93 -12.76
C SER F 189 42.39 -9.37 -11.36
N LYS F 190 41.22 -8.92 -10.94
CA LYS F 190 40.63 -9.35 -9.68
C LYS F 190 40.27 -10.84 -9.74
N MET F 191 39.78 -11.29 -10.89
CA MET F 191 39.49 -12.71 -11.10
C MET F 191 40.77 -13.53 -11.18
N ALA F 192 41.74 -13.01 -11.95
CA ALA F 192 42.99 -13.73 -12.21
C ALA F 192 43.79 -14.05 -10.95
N GLU F 193 43.80 -13.12 -10.00
CA GLU F 193 44.61 -13.32 -8.79
C GLU F 193 44.09 -14.44 -7.87
N ARG F 194 42.85 -14.89 -8.11
CA ARG F 194 42.31 -16.07 -7.42
C ARG F 194 42.60 -17.38 -8.16
N HIS F 195 43.10 -17.28 -9.40
CA HIS F 195 43.51 -18.46 -10.16
C HIS F 195 45.02 -18.65 -10.03
N PRO F 196 45.46 -19.78 -9.43
CA PRO F 196 46.89 -20.04 -9.18
C PRO F 196 47.81 -19.92 -10.40
N GLU F 197 47.32 -20.28 -11.58
CA GLU F 197 48.12 -20.30 -12.81
C GLU F 197 47.98 -19.06 -13.68
N ALA F 198 47.05 -18.16 -13.38
CA ALA F 198 46.88 -16.95 -14.16
C ALA F 198 48.17 -16.14 -14.15
N MET F 199 48.53 -15.58 -15.30
CA MET F 199 49.80 -14.84 -15.43
C MET F 199 49.82 -13.53 -14.65
N CYS F 200 48.64 -12.93 -14.49
CA CYS F 200 48.48 -11.79 -13.62
C CYS F 200 48.11 -12.29 -12.23
N GLN F 201 48.99 -12.06 -11.26
CA GLN F 201 48.77 -12.52 -9.89
C GLN F 201 48.50 -11.38 -8.90
N LYS F 202 48.55 -10.14 -9.39
CA LYS F 202 48.26 -8.97 -8.56
C LYS F 202 47.29 -8.06 -9.31
N ALA F 203 46.17 -7.74 -8.67
CA ALA F 203 45.13 -6.95 -9.31
C ALA F 203 45.58 -5.53 -9.63
N TYR F 204 45.08 -5.00 -10.74
CA TYR F 204 45.40 -3.63 -11.16
C TYR F 204 44.46 -2.65 -10.48
N THR F 205 44.91 -1.40 -10.38
CA THR F 205 44.01 -0.28 -10.08
C THR F 205 43.64 0.38 -11.40
N LEU F 206 42.55 1.14 -11.39
CA LEU F 206 42.09 1.85 -12.58
C LEU F 206 43.16 2.83 -13.10
N ASP F 207 43.78 3.57 -12.18
CA ASP F 207 44.84 4.52 -12.56
C ASP F 207 46.05 3.80 -13.16
N GLU F 208 46.39 2.65 -12.61
CA GLU F 208 47.52 1.85 -13.10
C GLU F 208 47.30 1.44 -14.55
N VAL F 209 46.07 1.04 -14.88
CA VAL F 209 45.68 0.73 -16.26
C VAL F 209 45.74 1.97 -17.14
N LEU F 210 45.17 3.06 -16.65
CA LEU F 210 45.13 4.32 -17.42
C LEU F 210 46.52 4.93 -17.63
N HIS F 211 47.43 4.71 -16.69
CA HIS F 211 48.79 5.27 -16.78
C HIS F 211 49.81 4.29 -17.37
N SER F 212 49.35 3.13 -17.83
CA SER F 212 50.25 2.18 -18.49
C SER F 212 50.54 2.63 -19.91
N ARG F 213 51.56 2.00 -20.51
CA ARG F 213 52.05 2.39 -21.83
C ARG F 213 50.95 2.41 -22.89
N CYS F 214 50.90 3.50 -23.66
CA CYS F 214 49.91 3.64 -24.72
CA CYS F 214 49.88 3.63 -24.70
C CYS F 214 50.23 2.77 -25.91
N VAL F 215 49.25 2.00 -26.37
CA VAL F 215 49.40 1.18 -27.56
C VAL F 215 48.61 1.79 -28.73
N ALA F 216 47.40 2.23 -28.45
CA ALA F 216 46.56 2.95 -29.40
C ALA F 216 45.79 4.05 -28.63
N PRO F 217 45.24 5.05 -29.34
CA PRO F 217 44.65 6.22 -28.69
C PRO F 217 43.82 5.96 -27.43
N VAL F 218 42.96 4.95 -27.44
CA VAL F 218 42.14 4.61 -26.27
C VAL F 218 42.42 3.19 -25.76
N THR F 219 43.63 2.69 -26.02
CA THR F 219 44.02 1.35 -25.63
C THR F 219 45.44 1.34 -25.09
N ASN F 220 45.60 0.99 -23.82
CA ASN F 220 46.91 0.92 -23.19
C ASN F 220 47.38 -0.53 -23.01
N LEU F 221 48.63 -0.69 -22.60
CA LEU F 221 49.27 -2.00 -22.47
C LEU F 221 48.49 -2.99 -21.60
N LEU F 222 48.04 -2.55 -20.42
CA LEU F 222 47.32 -3.42 -19.49
C LEU F 222 45.90 -3.75 -19.96
N GLU F 223 45.47 -3.14 -21.07
CA GLU F 223 44.19 -3.47 -21.71
C GLU F 223 44.37 -4.45 -22.88
N CYS F 224 45.61 -4.78 -23.22
CA CYS F 224 45.88 -5.68 -24.33
C CYS F 224 45.88 -7.14 -23.88
N ALA F 225 45.48 -8.03 -24.78
CA ALA F 225 45.55 -9.47 -24.52
C ALA F 225 46.98 -9.89 -24.15
N ARG F 226 47.09 -10.69 -23.10
CA ARG F 226 48.40 -11.03 -22.50
C ARG F 226 49.05 -12.20 -23.23
N ARG F 227 50.16 -11.93 -23.91
CA ARG F 227 50.92 -12.96 -24.63
C ARG F 227 51.31 -14.13 -23.72
N ALA F 228 51.02 -15.35 -24.17
CA ALA F 228 51.33 -16.55 -23.40
C ALA F 228 51.60 -17.74 -24.31
N ASP F 229 52.30 -18.75 -23.76
CA ASP F 229 52.36 -20.06 -24.37
C ASP F 229 51.31 -20.92 -23.69
N GLY F 230 50.75 -21.88 -24.42
CA GLY F 230 49.80 -22.81 -23.84
C GLY F 230 49.11 -23.68 -24.87
N ALA F 231 48.61 -24.83 -24.41
CA ALA F 231 47.84 -25.71 -25.25
C ALA F 231 46.70 -26.34 -24.47
N VAL F 232 45.60 -26.59 -25.15
CA VAL F 232 44.43 -27.24 -24.56
C VAL F 232 43.90 -28.26 -25.56
N ALA F 233 43.44 -29.40 -25.04
CA ALA F 233 42.84 -30.44 -25.85
C ALA F 233 41.49 -30.85 -25.26
N LEU F 234 40.49 -31.00 -26.12
CA LEU F 234 39.16 -31.45 -25.71
C LEU F 234 38.83 -32.75 -26.41
N ILE F 235 38.16 -33.67 -25.71
CA ILE F 235 37.66 -34.89 -26.33
C ILE F 235 36.14 -34.80 -26.40
N VAL F 236 35.60 -34.95 -27.59
CA VAL F 236 34.16 -34.87 -27.83
C VAL F 236 33.64 -36.25 -28.24
N SER F 237 32.49 -36.63 -27.69
CA SER F 237 31.91 -37.94 -27.97
C SER F 237 30.41 -37.93 -27.75
N GLY F 238 29.71 -38.82 -28.45
CA GLY F 238 28.30 -39.06 -28.19
C GLY F 238 28.14 -39.63 -26.79
N GLU F 239 27.09 -39.19 -26.10
CA GLU F 239 26.81 -39.62 -24.73
C GLU F 239 26.71 -41.13 -24.61
N ALA F 240 25.91 -41.74 -25.49
CA ALA F 240 25.65 -43.17 -25.45
C ALA F 240 26.91 -43.98 -25.74
N HIS F 241 27.65 -43.59 -26.77
CA HIS F 241 28.90 -44.27 -27.13
C HIS F 241 29.89 -44.25 -25.96
N TYR F 242 30.00 -43.11 -25.29
CA TYR F 242 30.95 -42.93 -24.20
C TYR F 242 30.61 -43.79 -22.98
N ALA F 243 29.32 -43.81 -22.62
CA ALA F 243 28.84 -44.59 -21.49
C ALA F 243 29.05 -46.10 -21.69
N GLU F 244 28.83 -46.57 -22.92
CA GLU F 244 29.01 -47.98 -23.26
C GLU F 244 30.45 -48.46 -23.07
N HIS F 245 31.42 -47.64 -23.50
CA HIS F 245 32.81 -48.09 -23.61
C HIS F 245 33.76 -47.55 -22.53
N PHE F 246 33.53 -46.33 -22.05
CA PHE F 246 34.52 -45.63 -21.23
C PHE F 246 34.03 -45.12 -19.87
N ALA F 247 32.75 -45.32 -19.55
CA ALA F 247 32.23 -44.93 -18.23
C ALA F 247 32.24 -46.11 -17.25
N GLY F 257 28.39 -35.28 -14.91
CA GLY F 257 27.48 -34.39 -15.61
C GLY F 257 28.15 -33.09 -16.00
N GLY F 258 28.41 -32.24 -15.00
CA GLY F 258 29.06 -30.95 -15.22
C GLY F 258 30.52 -31.06 -15.62
N SER F 259 31.19 -32.13 -15.19
CA SER F 259 32.60 -32.35 -15.56
C SER F 259 32.75 -32.83 -16.99
N LYS F 260 31.67 -33.39 -17.54
CA LYS F 260 31.64 -33.82 -18.93
C LYS F 260 30.37 -33.29 -19.60
N PRO F 261 30.28 -31.96 -19.77
CA PRO F 261 29.02 -31.32 -20.11
C PRO F 261 28.50 -31.60 -21.53
N ILE F 262 27.19 -31.56 -21.67
CA ILE F 262 26.53 -31.67 -22.95
C ILE F 262 26.78 -30.39 -23.74
N ILE F 263 27.15 -30.55 -25.00
CA ILE F 263 27.24 -29.41 -25.91
C ILE F 263 25.82 -29.18 -26.40
N ALA F 264 25.11 -28.26 -25.76
CA ALA F 264 23.69 -28.02 -26.06
C ALA F 264 23.51 -27.39 -27.43
N SER F 265 24.40 -26.46 -27.78
CA SER F 265 24.38 -25.84 -29.11
C SER F 265 25.69 -25.16 -29.42
N VAL F 266 25.93 -24.97 -30.72
CA VAL F 266 27.06 -24.17 -31.21
C VAL F 266 26.55 -23.38 -32.41
N ALA F 267 26.88 -22.09 -32.46
CA ALA F 267 26.47 -21.24 -33.58
C ALA F 267 27.57 -20.24 -33.92
N GLU F 268 27.63 -19.85 -35.19
CA GLU F 268 28.64 -18.93 -35.66
C GLU F 268 28.07 -17.82 -36.52
N ALA F 269 28.84 -16.75 -36.64
CA ALA F 269 28.56 -15.67 -37.57
C ALA F 269 29.86 -14.91 -37.78
N SER F 270 29.92 -14.13 -38.85
CA SER F 270 31.18 -13.50 -39.26
C SER F 270 31.01 -12.05 -39.67
N GLY F 271 32.15 -11.39 -39.84
CA GLY F 271 32.21 -10.00 -40.26
C GLY F 271 33.53 -9.71 -40.94
N PRO F 272 33.74 -8.45 -41.36
CA PRO F 272 34.96 -8.09 -42.07
C PRO F 272 36.22 -8.28 -41.21
N LEU F 273 37.34 -8.58 -41.86
CA LEU F 273 38.59 -8.89 -41.16
C LEU F 273 39.17 -7.64 -40.49
N PHE F 274 38.89 -6.48 -41.07
CA PHE F 274 39.32 -5.20 -40.51
C PHE F 274 38.27 -4.12 -40.77
N PRO F 275 38.25 -3.06 -39.96
CA PRO F 275 37.22 -2.03 -40.10
C PRO F 275 37.36 -1.18 -41.38
N PRO F 276 36.30 -0.44 -41.74
CA PRO F 276 36.38 0.57 -42.80
C PRO F 276 37.39 1.67 -42.48
N PRO F 284 26.23 -1.02 -37.05
CA PRO F 284 26.03 -2.02 -36.02
C PRO F 284 25.87 -3.46 -36.54
N ASP F 285 25.49 -3.63 -37.80
CA ASP F 285 25.31 -4.98 -38.36
C ASP F 285 26.65 -5.64 -38.75
N ILE F 286 27.75 -4.91 -38.62
CA ILE F 286 29.10 -5.50 -38.72
C ILE F 286 29.33 -6.52 -37.62
N PHE F 287 28.85 -6.21 -36.41
CA PHE F 287 29.05 -7.08 -35.24
C PHE F 287 28.18 -8.33 -35.35
N SER F 288 28.79 -9.49 -35.10
CA SER F 288 28.17 -10.77 -35.37
C SER F 288 27.87 -11.61 -34.11
N CYS F 289 28.37 -11.18 -32.96
CA CYS F 289 28.22 -11.96 -31.73
C CYS F 289 26.76 -12.13 -31.33
N ARG F 290 25.96 -11.09 -31.53
CA ARG F 290 24.55 -11.10 -31.17
C ARG F 290 23.78 -12.16 -31.96
N HIS F 291 24.05 -12.24 -33.26
CA HIS F 291 23.40 -13.23 -34.12
CA HIS F 291 23.38 -13.22 -34.10
C HIS F 291 23.80 -14.65 -33.71
N ALA F 292 25.09 -14.83 -33.46
CA ALA F 292 25.62 -16.14 -33.03
C ALA F 292 25.03 -16.54 -31.70
N ALA F 293 24.98 -15.60 -30.76
CA ALA F 293 24.42 -15.84 -29.44
C ALA F 293 22.93 -16.22 -29.54
N ARG F 294 22.18 -15.44 -30.30
CA ARG F 294 20.75 -15.70 -30.49
C ARG F 294 20.50 -17.09 -31.09
N ASP F 295 21.28 -17.47 -32.10
CA ASP F 295 21.13 -18.78 -32.73
C ASP F 295 21.48 -19.93 -31.79
N ALA F 296 22.46 -19.71 -30.92
CA ALA F 296 22.85 -20.71 -29.93
C ALA F 296 21.76 -20.92 -28.89
N PHE F 297 21.13 -19.82 -28.45
CA PHE F 297 20.03 -19.88 -27.49
C PHE F 297 18.82 -20.63 -28.06
N LEU F 298 18.39 -20.25 -29.27
CA LEU F 298 17.27 -20.91 -29.96
C LEU F 298 17.54 -22.40 -30.17
N SER F 299 18.73 -22.71 -30.67
CA SER F 299 19.11 -24.09 -30.89
C SER F 299 19.05 -24.92 -29.62
N ALA F 300 19.50 -24.34 -28.50
CA ALA F 300 19.50 -25.04 -27.21
C ALA F 300 18.16 -24.93 -26.48
N ASN F 301 17.26 -24.08 -26.99
CA ASN F 301 15.97 -23.79 -26.35
C ASN F 301 16.19 -23.25 -24.94
N LEU F 302 17.01 -22.21 -24.85
CA LEU F 302 17.34 -21.57 -23.57
C LEU F 302 17.37 -20.06 -23.74
N ASN F 303 17.44 -19.35 -22.62
CA ASN F 303 17.59 -17.90 -22.62
C ASN F 303 18.72 -17.49 -21.68
N VAL F 304 19.11 -16.21 -21.75
CA VAL F 304 20.26 -15.72 -20.98
C VAL F 304 20.09 -15.93 -19.47
N GLY F 305 18.86 -15.81 -18.98
CA GLY F 305 18.55 -16.00 -17.56
C GLY F 305 18.79 -17.41 -17.06
N ASP F 306 18.81 -18.39 -17.97
CA ASP F 306 19.14 -19.77 -17.64
C ASP F 306 20.64 -20.01 -17.50
N ILE F 307 21.45 -19.07 -17.98
CA ILE F 307 22.91 -19.21 -17.98
C ILE F 307 23.51 -18.50 -16.77
N HIS F 308 24.31 -19.22 -15.98
CA HIS F 308 24.92 -18.63 -14.79
C HIS F 308 26.45 -18.65 -14.75
N PHE F 309 27.08 -19.02 -15.87
CA PHE F 309 28.49 -18.72 -16.08
C PHE F 309 28.75 -18.33 -17.53
N PHE F 310 29.58 -17.31 -17.71
CA PHE F 310 29.90 -16.80 -19.03
C PHE F 310 31.41 -16.75 -19.24
N GLY F 311 31.89 -17.47 -20.24
CA GLY F 311 33.27 -17.37 -20.68
C GLY F 311 33.31 -16.55 -21.95
N LEU F 312 33.58 -15.25 -21.80
CA LEU F 312 33.45 -14.30 -22.91
C LEU F 312 34.79 -13.75 -23.37
N TYR F 313 35.06 -13.90 -24.66
CA TYR F 313 36.31 -13.43 -25.27
C TYR F 313 36.55 -11.96 -24.94
N ASP F 314 37.76 -11.66 -24.50
CA ASP F 314 38.10 -10.33 -24.01
C ASP F 314 39.51 -9.92 -24.44
N CYS F 315 39.81 -10.05 -25.73
CA CYS F 315 41.13 -9.68 -26.25
C CYS F 315 41.45 -8.20 -25.97
N PHE F 316 40.42 -7.36 -26.05
CA PHE F 316 40.49 -5.96 -25.64
C PHE F 316 39.19 -5.58 -24.93
N PRO F 317 39.20 -4.52 -24.11
CA PRO F 317 38.01 -4.14 -23.35
C PRO F 317 36.73 -4.03 -24.18
N ILE F 318 36.83 -3.43 -25.37
CA ILE F 318 35.69 -3.25 -26.24
C ILE F 318 35.05 -4.58 -26.68
N CYS F 319 35.87 -5.63 -26.75
CA CYS F 319 35.38 -6.96 -27.09
C CYS F 319 34.46 -7.52 -26.01
N LEU F 320 34.86 -7.37 -24.75
CA LEU F 320 34.06 -7.87 -23.63
C LEU F 320 32.82 -6.99 -23.43
N ILE F 321 32.99 -5.69 -23.60
CA ILE F 321 31.89 -4.75 -23.49
C ILE F 321 30.80 -5.06 -24.51
N GLN F 322 31.21 -5.35 -25.73
CA GLN F 322 30.27 -5.72 -26.79
C GLN F 322 29.69 -7.12 -26.54
N ALA F 323 30.48 -8.01 -25.94
CA ALA F 323 30.04 -9.37 -25.67
C ALA F 323 28.86 -9.42 -24.70
N VAL F 324 28.97 -8.71 -23.58
CA VAL F 324 27.92 -8.72 -22.55
C VAL F 324 26.59 -8.17 -23.10
N GLU F 325 26.70 -7.19 -23.99
CA GLU F 325 25.54 -6.66 -24.71
C GLU F 325 24.98 -7.71 -25.67
N ALA F 326 25.87 -8.31 -26.47
CA ALA F 326 25.48 -9.28 -27.50
C ALA F 326 24.74 -10.51 -26.96
N VAL F 327 25.20 -11.03 -25.82
CA VAL F 327 24.60 -12.23 -25.21
C VAL F 327 23.39 -11.89 -24.33
N GLY F 328 23.15 -10.60 -24.10
CA GLY F 328 21.95 -10.14 -23.40
C GLY F 328 22.06 -10.00 -21.89
N LEU F 329 23.29 -9.88 -21.38
CA LEU F 329 23.50 -9.59 -19.95
C LEU F 329 23.12 -8.14 -19.62
N CYS F 330 23.16 -7.27 -20.64
CA CYS F 330 22.70 -5.89 -20.49
C CYS F 330 22.24 -5.35 -21.85
N PRO F 331 21.52 -4.22 -21.85
CA PRO F 331 21.04 -3.65 -23.12
C PRO F 331 22.17 -3.14 -24.02
N GLU F 332 21.86 -2.99 -25.31
CA GLU F 332 22.78 -2.40 -26.27
C GLU F 332 23.24 -1.02 -25.79
N GLY F 333 24.53 -0.76 -25.92
CA GLY F 333 25.14 0.49 -25.46
C GLY F 333 25.38 0.63 -23.95
N LYS F 334 24.98 -0.37 -23.16
CA LYS F 334 25.11 -0.28 -21.70
C LYS F 334 26.23 -1.14 -21.13
N GLY F 335 27.08 -1.69 -22.00
CA GLY F 335 28.16 -2.58 -21.57
C GLY F 335 29.21 -1.89 -20.72
N GLY F 336 29.55 -0.65 -21.07
CA GLY F 336 30.46 0.17 -20.27
C GLY F 336 29.95 0.40 -18.86
N GLU F 337 28.65 0.68 -18.75
CA GLU F 337 28.00 0.90 -17.45
C GLU F 337 27.88 -0.41 -16.67
N PHE F 338 27.75 -1.52 -17.39
CA PHE F 338 27.76 -2.84 -16.79
C PHE F 338 29.10 -3.07 -16.07
N MET F 339 30.19 -2.65 -16.70
CA MET F 339 31.52 -2.76 -16.09
C MET F 339 31.65 -1.85 -14.88
N GLU F 340 31.16 -0.61 -15.01
CA GLU F 340 31.27 0.37 -13.93
C GLU F 340 30.48 -0.04 -12.68
N THR F 341 29.25 -0.56 -12.89
CA THR F 341 28.45 -1.10 -11.80
C THR F 341 29.21 -2.17 -11.00
N ALA F 342 29.86 -3.09 -11.71
CA ALA F 342 30.62 -4.16 -11.07
C ALA F 342 31.88 -3.62 -10.38
N TYR F 343 32.53 -2.66 -11.04
CA TYR F 343 33.72 -2.00 -10.50
C TYR F 343 33.41 -1.26 -9.19
N ASN F 344 32.30 -0.52 -9.17
CA ASN F 344 31.87 0.22 -7.98
C ASN F 344 31.46 -0.71 -6.83
N GLU F 345 30.73 -1.77 -7.15
CA GLU F 345 30.35 -2.78 -6.16
C GLU F 345 31.59 -3.48 -5.60
N MET F 346 32.61 -3.65 -6.44
CA MET F 346 33.89 -4.22 -6.01
C MET F 346 34.59 -3.29 -5.01
N LEU F 347 34.62 -1.99 -5.30
CA LEU F 347 35.21 -1.01 -4.40
C LEU F 347 34.47 -0.93 -3.06
N ASN F 348 33.14 -0.97 -3.11
CA ASN F 348 32.30 -0.93 -1.91
C ASN F 348 32.22 -2.27 -1.16
N ASN F 349 32.92 -3.28 -1.66
CA ASN F 349 32.99 -4.59 -1.00
C ASN F 349 34.42 -4.88 -0.53
N GLY F 350 35.14 -3.84 -0.14
CA GLY F 350 36.50 -3.97 0.37
C GLY F 350 37.50 -4.43 -0.69
N GLY F 351 37.27 -4.02 -1.94
CA GLY F 351 38.14 -4.40 -3.06
C GLY F 351 37.95 -5.83 -3.55
N VAL F 352 36.93 -6.52 -3.05
CA VAL F 352 36.68 -7.92 -3.42
C VAL F 352 35.60 -7.97 -4.50
N LEU F 353 35.94 -8.63 -5.61
CA LEU F 353 34.99 -8.86 -6.70
C LEU F 353 34.30 -10.21 -6.48
N ASP F 354 33.04 -10.17 -6.04
CA ASP F 354 32.24 -11.37 -5.81
C ASP F 354 31.84 -11.96 -7.17
N PRO F 355 32.23 -13.23 -7.44
CA PRO F 355 31.87 -13.86 -8.72
C PRO F 355 30.37 -13.97 -8.98
N SER F 356 29.57 -14.11 -7.93
CA SER F 356 28.11 -14.19 -8.08
C SER F 356 27.49 -12.93 -8.68
N LYS F 357 28.11 -11.77 -8.42
CA LYS F 357 27.65 -10.51 -8.99
C LYS F 357 28.25 -10.20 -10.36
N PHE F 358 29.25 -10.99 -10.76
CA PHE F 358 29.93 -10.83 -12.05
C PHE F 358 30.45 -12.19 -12.51
N PRO F 359 29.53 -13.10 -12.91
CA PRO F 359 29.88 -14.49 -13.18
C PRO F 359 30.50 -14.67 -14.57
N ILE F 360 31.60 -13.97 -14.80
CA ILE F 360 32.19 -13.84 -16.13
C ILE F 360 33.71 -13.98 -16.04
N ASN F 361 34.27 -14.86 -16.86
CA ASN F 361 35.73 -15.03 -16.95
C ASN F 361 36.39 -15.09 -15.57
N THR F 362 35.92 -16.01 -14.74
CA THR F 362 36.43 -16.15 -13.38
C THR F 362 37.90 -16.57 -13.36
N HIS F 363 38.42 -17.02 -14.50
CA HIS F 363 39.84 -17.35 -14.67
C HIS F 363 40.74 -16.13 -14.92
N GLY F 364 40.17 -15.05 -15.46
CA GLY F 364 40.92 -13.83 -15.76
C GLY F 364 40.96 -13.47 -17.23
N GLY F 365 40.51 -14.40 -18.09
CA GLY F 365 40.37 -14.14 -19.52
C GLY F 365 41.68 -13.89 -20.23
N LEU F 366 41.58 -13.44 -21.48
CA LEU F 366 42.75 -13.07 -22.27
C LEU F 366 43.55 -11.93 -21.63
N GLN F 367 42.85 -11.06 -20.92
CA GLN F 367 43.46 -9.91 -20.28
C GLN F 367 44.47 -10.29 -19.19
N CYS F 368 44.10 -11.25 -18.36
CA CYS F 368 44.85 -11.55 -17.13
C CYS F 368 45.14 -13.02 -16.85
N PHE F 369 44.46 -13.95 -17.53
CA PHE F 369 44.87 -15.36 -17.45
C PHE F 369 45.97 -15.63 -18.47
N GLY F 370 45.70 -15.29 -19.74
CA GLY F 370 46.68 -15.44 -20.80
C GLY F 370 46.03 -15.64 -22.16
N ALA F 371 46.77 -15.35 -23.23
CA ALA F 371 46.24 -15.39 -24.58
C ALA F 371 47.25 -15.95 -25.59
N PRO F 372 47.31 -17.29 -25.71
CA PRO F 372 48.14 -17.89 -26.75
C PRO F 372 47.48 -17.87 -28.15
N TRP F 373 47.37 -16.67 -28.73
CA TRP F 373 46.86 -16.48 -30.08
C TRP F 373 45.44 -17.05 -30.27
N GLU F 374 45.28 -18.17 -30.98
CA GLU F 374 43.95 -18.75 -31.22
C GLU F 374 43.51 -19.75 -30.16
N VAL F 375 44.30 -19.90 -29.09
CA VAL F 375 44.02 -20.86 -28.02
C VAL F 375 42.96 -20.42 -26.99
N PRO F 376 43.01 -19.16 -26.54
CA PRO F 376 42.39 -18.85 -25.25
C PRO F 376 40.86 -19.01 -25.11
N ALA F 377 40.13 -19.11 -26.21
CA ALA F 377 38.70 -19.47 -26.14
C ALA F 377 38.54 -20.83 -25.46
N MET F 378 39.56 -21.68 -25.56
CA MET F 378 39.61 -22.94 -24.83
C MET F 378 39.50 -22.75 -23.32
N TYR F 379 40.06 -21.64 -22.80
CA TYR F 379 40.04 -21.39 -21.36
C TYR F 379 38.66 -20.96 -20.88
N ASN F 380 37.86 -20.37 -21.76
CA ASN F 380 36.44 -20.13 -21.47
C ASN F 380 35.71 -21.46 -21.28
N ILE F 381 36.07 -22.45 -22.10
CA ILE F 381 35.49 -23.79 -21.98
C ILE F 381 35.96 -24.50 -20.71
N THR F 382 37.27 -24.45 -20.43
CA THR F 382 37.82 -25.17 -19.27
C THR F 382 37.36 -24.56 -17.96
N GLU F 383 37.27 -23.22 -17.92
CA GLU F 383 36.78 -22.53 -16.73
C GLU F 383 35.29 -22.78 -16.53
N ALA F 384 34.54 -22.85 -17.63
CA ALA F 384 33.12 -23.21 -17.56
C ALA F 384 32.93 -24.60 -16.96
N ILE F 385 33.73 -25.56 -17.43
CA ILE F 385 33.67 -26.93 -16.92
C ILE F 385 34.05 -27.01 -15.44
N ALA F 386 35.06 -26.25 -15.05
CA ALA F 386 35.46 -26.17 -13.65
C ALA F 386 34.30 -25.69 -12.78
N GLN F 387 33.62 -24.62 -13.23
CA GLN F 387 32.47 -24.09 -12.52
C GLN F 387 31.30 -25.08 -12.47
N LEU F 388 31.01 -25.71 -13.61
CA LEU F 388 29.89 -26.66 -13.71
C LEU F 388 30.12 -27.92 -12.86
N SER F 389 31.37 -28.30 -12.68
CA SER F 389 31.72 -29.50 -11.91
C SER F 389 32.02 -29.19 -10.44
N GLU F 390 31.92 -27.92 -10.06
CA GLU F 390 32.24 -27.46 -8.70
C GLU F 390 33.70 -27.76 -8.35
N GLU F 391 34.60 -27.41 -9.27
CA GLU F 391 36.03 -27.64 -9.09
C GLU F 391 36.82 -26.38 -9.43
N ALA F 392 36.23 -25.21 -9.18
CA ALA F 392 36.87 -23.93 -9.49
C ALA F 392 37.51 -23.27 -8.26
N GLY F 393 37.57 -23.99 -7.14
CA GLY F 393 38.29 -23.55 -5.94
C GLY F 393 37.75 -22.28 -5.30
N ASP F 394 38.64 -21.28 -5.16
CA ASP F 394 38.27 -19.99 -4.58
C ASP F 394 37.46 -19.12 -5.54
N ARG F 395 37.41 -19.52 -6.81
CA ARG F 395 36.66 -18.80 -7.85
C ARG F 395 35.23 -19.34 -7.96
N GLN F 396 34.92 -20.39 -7.20
CA GLN F 396 33.69 -21.16 -7.38
C GLN F 396 32.41 -20.33 -7.19
N LEU F 397 31.49 -20.45 -8.14
CA LEU F 397 30.18 -19.83 -8.06
C LEU F 397 29.25 -20.67 -7.19
N THR F 398 28.47 -19.99 -6.35
CA THR F 398 27.46 -20.64 -5.51
C THR F 398 26.13 -19.90 -5.70
N PRO F 399 25.04 -20.64 -5.99
CA PRO F 399 24.99 -22.09 -6.19
C PRO F 399 25.72 -22.53 -7.46
N VAL F 400 26.01 -23.82 -7.57
CA VAL F 400 26.75 -24.37 -8.71
C VAL F 400 25.94 -24.13 -9.99
N PRO F 401 26.56 -23.48 -10.99
CA PRO F 401 25.83 -23.28 -12.25
C PRO F 401 25.54 -24.60 -12.95
N LYS F 402 24.35 -24.72 -13.52
CA LYS F 402 23.96 -25.91 -14.29
C LYS F 402 24.25 -25.72 -15.77
N ARG F 403 24.36 -24.46 -16.19
CA ARG F 403 24.51 -24.13 -17.60
C ARG F 403 25.49 -22.97 -17.80
N ALA F 404 26.29 -23.07 -18.86
CA ALA F 404 27.31 -22.06 -19.16
C ALA F 404 27.26 -21.68 -20.64
N LEU F 405 27.64 -20.44 -20.93
CA LEU F 405 27.79 -19.98 -22.30
C LEU F 405 29.23 -19.56 -22.53
N VAL F 406 29.82 -20.04 -23.63
CA VAL F 406 31.19 -19.67 -23.98
C VAL F 406 31.22 -18.98 -25.32
N TYR F 407 32.15 -18.04 -25.48
CA TYR F 407 32.21 -17.18 -26.66
C TYR F 407 33.65 -16.98 -27.10
N GLY F 408 33.90 -17.25 -28.37
CA GLY F 408 35.20 -17.04 -28.99
C GLY F 408 35.08 -16.02 -30.11
N ASN F 409 36.09 -15.18 -30.24
CA ASN F 409 36.10 -14.11 -31.24
C ASN F 409 37.41 -14.12 -32.02
N GLY F 410 37.32 -13.96 -33.33
CA GLY F 410 38.48 -13.99 -34.20
C GLY F 410 38.65 -12.73 -35.04
N GLY F 411 39.89 -12.42 -35.37
CA GLY F 411 40.20 -11.25 -36.19
C GLY F 411 39.90 -9.98 -35.42
N ILE F 412 39.21 -9.05 -36.08
CA ILE F 412 38.74 -7.83 -35.43
C ILE F 412 37.21 -7.80 -35.54
N PHE F 413 36.55 -8.46 -34.59
CA PHE F 413 35.11 -8.73 -34.68
C PHE F 413 34.75 -9.37 -36.03
N SER F 414 35.62 -10.27 -36.49
CA SER F 414 35.49 -10.87 -37.81
C SER F 414 34.82 -12.25 -37.74
N ALA F 415 34.98 -12.92 -36.60
CA ALA F 415 34.41 -14.25 -36.41
C ALA F 415 33.85 -14.37 -35.00
N SER F 416 32.62 -14.83 -34.91
CA SER F 416 31.97 -15.09 -33.62
C SER F 416 31.60 -16.56 -33.56
N SER F 417 31.93 -17.20 -32.44
CA SER F 417 31.55 -18.58 -32.21
C SER F 417 31.03 -18.69 -30.78
N VAL F 418 29.80 -19.16 -30.63
CA VAL F 418 29.16 -19.24 -29.33
C VAL F 418 28.67 -20.66 -29.10
N ALA F 419 28.91 -21.18 -27.91
CA ALA F 419 28.43 -22.50 -27.53
C ALA F 419 27.80 -22.43 -26.14
N ILE F 420 26.83 -23.29 -25.91
CA ILE F 420 26.18 -23.41 -24.61
C ILE F 420 26.45 -24.81 -24.07
N LEU F 421 26.97 -24.88 -22.84
CA LEU F 421 27.28 -26.14 -22.20
C LEU F 421 26.36 -26.34 -21.00
N ILE F 422 25.80 -27.54 -20.88
CA ILE F 422 24.89 -27.87 -19.78
C ILE F 422 25.27 -29.20 -19.16
N SER F 423 25.10 -29.30 -17.84
CA SER F 423 25.49 -30.50 -17.10
C SER F 423 24.59 -31.69 -17.42
N ASP F 424 23.28 -31.44 -17.49
CA ASP F 424 22.29 -32.47 -17.81
C ASP F 424 21.09 -31.91 -18.56
N LEU F 425 20.31 -32.80 -19.16
CA LEU F 425 19.06 -32.44 -19.82
C LEU F 425 18.01 -32.10 -18.77
#